data_4YOB
# 
_entry.id   4YOB 
# 
_audit_conform.dict_name       mmcif_pdbx.dic 
_audit_conform.dict_version    5.387 
_audit_conform.dict_location   http://mmcif.pdb.org/dictionaries/ascii/mmcif_pdbx.dic 
# 
loop_
_database_2.database_id 
_database_2.database_code 
_database_2.pdbx_database_accession 
_database_2.pdbx_DOI 
PDB   4YOB         pdb_00004yob 10.2210/pdb4yob/pdb 
WWPDB D_1000207817 ?            ?                   
# 
loop_
_pdbx_audit_revision_history.ordinal 
_pdbx_audit_revision_history.data_content_type 
_pdbx_audit_revision_history.major_revision 
_pdbx_audit_revision_history.minor_revision 
_pdbx_audit_revision_history.revision_date 
1 'Structure model' 1 0 2015-07-08 
2 'Structure model' 1 1 2018-04-18 
3 'Structure model' 1 2 2022-03-30 
4 'Structure model' 1 3 2024-02-28 
# 
_pdbx_audit_revision_details.ordinal             1 
_pdbx_audit_revision_details.revision_ordinal    1 
_pdbx_audit_revision_details.data_content_type   'Structure model' 
_pdbx_audit_revision_details.provider            repository 
_pdbx_audit_revision_details.type                'Initial release' 
_pdbx_audit_revision_details.description         ? 
_pdbx_audit_revision_details.details             ? 
# 
loop_
_pdbx_audit_revision_group.ordinal 
_pdbx_audit_revision_group.revision_ordinal 
_pdbx_audit_revision_group.data_content_type 
_pdbx_audit_revision_group.group 
1 2 'Structure model' 'Data collection'            
2 2 'Structure model' 'Database references'        
3 2 'Structure model' 'Derived calculations'       
4 2 'Structure model' 'Source and taxonomy'        
5 3 'Structure model' 'Author supporting evidence' 
6 3 'Structure model' 'Database references'        
7 4 'Structure model' 'Data collection'            
# 
loop_
_pdbx_audit_revision_category.ordinal 
_pdbx_audit_revision_category.revision_ordinal 
_pdbx_audit_revision_category.data_content_type 
_pdbx_audit_revision_category.category 
1 2 'Structure model' citation              
2 2 'Structure model' entity_src_gen        
3 2 'Structure model' pdbx_struct_oper_list 
4 3 'Structure model' database_2            
5 3 'Structure model' pdbx_audit_support    
6 4 'Structure model' chem_comp_atom        
7 4 'Structure model' chem_comp_bond        
# 
loop_
_pdbx_audit_revision_item.ordinal 
_pdbx_audit_revision_item.revision_ordinal 
_pdbx_audit_revision_item.data_content_type 
_pdbx_audit_revision_item.item 
1  2 'Structure model' '_citation.journal_volume'                  
2  2 'Structure model' '_citation.page_first'                      
3  2 'Structure model' '_citation.page_last'                       
4  2 'Structure model' '_citation.pdbx_database_id_PubMed'         
5  2 'Structure model' '_citation.title'                           
6  2 'Structure model' '_entity_src_gen.pdbx_alt_source_flag'      
7  2 'Structure model' '_pdbx_struct_oper_list.symmetry_operation' 
8  3 'Structure model' '_database_2.pdbx_DOI'                      
9  3 'Structure model' '_database_2.pdbx_database_accession'       
10 3 'Structure model' '_pdbx_audit_support.funding_organization'  
# 
_pdbx_database_status.status_code                     REL 
_pdbx_database_status.status_code_sf                  REL 
_pdbx_database_status.status_code_mr                  ? 
_pdbx_database_status.entry_id                        4YOB 
_pdbx_database_status.recvd_initial_deposition_date   2015-03-11 
_pdbx_database_status.SG_entry                        N 
_pdbx_database_status.deposit_site                    RCSB 
_pdbx_database_status.process_site                    RCSB 
_pdbx_database_status.status_code_cs                  ? 
_pdbx_database_status.methods_development_category    ? 
_pdbx_database_status.pdb_format_compatible           Y 
_pdbx_database_status.status_code_nmr_data            ? 
# 
_pdbx_database_related.content_type   unspecified 
_pdbx_database_related.db_id          4YOA 
_pdbx_database_related.db_name        PDB 
_pdbx_database_related.details        . 
# 
loop_
_audit_author.name 
_audit_author.pdbx_ordinal 
_audit_author.identifier_ORCID 
'Kuiper, B.D.'    1  ? 
'Keusch, B.'      2  ? 
'Dewdney, T.G.'   3  ? 
'Chordia, P.'     4  ? 
'Ross, K.'        5  ? 
'Brunzelle, J.S.' 6  ? 
'Kovari, I.A.'    7  ? 
'MacArthur, R.'   8  ? 
'Salimnia, H.'    9  ? 
'Kovari, L.C.'    10 ? 
# 
_citation.abstract                  ? 
_citation.abstract_id_CAS           ? 
_citation.book_id_ISBN              ? 
_citation.book_publisher            ? 
_citation.book_publisher_city       ? 
_citation.book_title                ? 
_citation.coordinate_linkage        ? 
_citation.country                   NE 
_citation.database_id_Medline       ? 
_citation.details                   ? 
_citation.id                        primary 
_citation.journal_abbrev            'Biochem Biophys Rep' 
_citation.journal_id_ASTM           ? 
_citation.journal_id_CSD            ? 
_citation.journal_id_ISSN           2405-5808 
_citation.journal_full              ? 
_citation.journal_issue             ? 
_citation.journal_volume            2 
_citation.language                  ? 
_citation.page_first                160 
_citation.page_last                 165 
_citation.title                     
'The L33F darunavir resistance mutation acts as a molecular anchor reducing the flexibility of the HIV-1 protease 30s and 80s loops.' 
_citation.year                      2015 
_citation.database_id_CSD           ? 
_citation.pdbx_database_id_DOI      10.1016/j.bbrep.2015.06.003 
_citation.pdbx_database_id_PubMed   29124158 
_citation.unpublished_flag          ? 
# 
loop_
_citation_author.citation_id 
_citation_author.name 
_citation_author.ordinal 
_citation_author.identifier_ORCID 
primary 'Kuiper, B.D.'    1  ? 
primary 'Keusch, B.J.'    2  ? 
primary 'Dewdney, T.G.'   3  ? 
primary 'Chordia, P.'     4  ? 
primary 'Ross, K.'        5  ? 
primary 'Brunzelle, J.S.' 6  ? 
primary 'Kovari, I.A.'    7  ? 
primary 'MacArthur, R.'   8  ? 
primary 'Salimnia, H.'    9  ? 
primary 'Kovari, L.C.'    10 ? 
# 
loop_
_entity.id 
_entity.type 
_entity.src_method 
_entity.pdbx_description 
_entity.formula_weight 
_entity.pdbx_number_of_molecules 
_entity.pdbx_ec 
_entity.pdbx_mutation 
_entity.pdbx_fragment 
_entity.details 
1 polymer man 'HIV-1 Protease' 10804.702 1   ? 'Q7K, L10I, D25N, L33F, M36V, M46L, I54V, I62V, L63P, A71V, V82T, I84V, L90M' ? ? 
2 water   nat water            18.015    134 ? ?                                                                             ? ? 
# 
_entity_poly.entity_id                      1 
_entity_poly.type                           'polypeptide(L)' 
_entity_poly.nstd_linkage                   no 
_entity_poly.nstd_monomer                   no 
_entity_poly.pdbx_seq_one_letter_code       
;PQITLWKRPIVTIKIGGQLKEALLNTGADDTVFEEVNLPGRWKPKLIGGIGGFVKVRQYDQVPIEICGHKVIGTVLVGPT
PTNVIGRNLMTQIGCTLNF
;
_entity_poly.pdbx_seq_one_letter_code_can   
;PQITLWKRPIVTIKIGGQLKEALLNTGADDTVFEEVNLPGRWKPKLIGGIGGFVKVRQYDQVPIEICGHKVIGTVLVGPT
PTNVIGRNLMTQIGCTLNF
;
_entity_poly.pdbx_strand_id                 A 
_entity_poly.pdbx_target_identifier         ? 
# 
_pdbx_entity_nonpoly.entity_id   2 
_pdbx_entity_nonpoly.name        water 
_pdbx_entity_nonpoly.comp_id     HOH 
# 
loop_
_entity_poly_seq.entity_id 
_entity_poly_seq.num 
_entity_poly_seq.mon_id 
_entity_poly_seq.hetero 
1 1  PRO n 
1 2  GLN n 
1 3  ILE n 
1 4  THR n 
1 5  LEU n 
1 6  TRP n 
1 7  LYS n 
1 8  ARG n 
1 9  PRO n 
1 10 ILE n 
1 11 VAL n 
1 12 THR n 
1 13 ILE n 
1 14 LYS n 
1 15 ILE n 
1 16 GLY n 
1 17 GLY n 
1 18 GLN n 
1 19 LEU n 
1 20 LYS n 
1 21 GLU n 
1 22 ALA n 
1 23 LEU n 
1 24 LEU n 
1 25 ASN n 
1 26 THR n 
1 27 GLY n 
1 28 ALA n 
1 29 ASP n 
1 30 ASP n 
1 31 THR n 
1 32 VAL n 
1 33 PHE n 
1 34 GLU n 
1 35 GLU n 
1 36 VAL n 
1 37 ASN n 
1 38 LEU n 
1 39 PRO n 
1 40 GLY n 
1 41 ARG n 
1 42 TRP n 
1 43 LYS n 
1 44 PRO n 
1 45 LYS n 
1 46 LEU n 
1 47 ILE n 
1 48 GLY n 
1 49 GLY n 
1 50 ILE n 
1 51 GLY n 
1 52 GLY n 
1 53 PHE n 
1 54 VAL n 
1 55 LYS n 
1 56 VAL n 
1 57 ARG n 
1 58 GLN n 
1 59 TYR n 
1 60 ASP n 
1 61 GLN n 
1 62 VAL n 
1 63 PRO n 
1 64 ILE n 
1 65 GLU n 
1 66 ILE n 
1 67 CYS n 
1 68 GLY n 
1 69 HIS n 
1 70 LYS n 
1 71 VAL n 
1 72 ILE n 
1 73 GLY n 
1 74 THR n 
1 75 VAL n 
1 76 LEU n 
1 77 VAL n 
1 78 GLY n 
1 79 PRO n 
1 80 THR n 
1 81 PRO n 
1 82 THR n 
1 83 ASN n 
1 84 VAL n 
1 85 ILE n 
1 86 GLY n 
1 87 ARG n 
1 88 ASN n 
1 89 LEU n 
1 90 MET n 
1 91 THR n 
1 92 GLN n 
1 93 ILE n 
1 94 GLY n 
1 95 CYS n 
1 96 THR n 
1 97 LEU n 
1 98 ASN n 
1 99 PHE n 
# 
_entity_src_gen.entity_id                          1 
_entity_src_gen.pdbx_src_id                        1 
_entity_src_gen.pdbx_alt_source_flag               sample 
_entity_src_gen.pdbx_seq_type                      'Biological sequence' 
_entity_src_gen.pdbx_beg_seq_num                   1 
_entity_src_gen.pdbx_end_seq_num                   99 
_entity_src_gen.gene_src_common_name               ? 
_entity_src_gen.gene_src_genus                     ? 
_entity_src_gen.pdbx_gene_src_gene                 pol 
_entity_src_gen.gene_src_species                   ? 
_entity_src_gen.gene_src_strain                    ? 
_entity_src_gen.gene_src_tissue                    ? 
_entity_src_gen.gene_src_tissue_fraction           ? 
_entity_src_gen.gene_src_details                   ? 
_entity_src_gen.pdbx_gene_src_fragment             ? 
_entity_src_gen.pdbx_gene_src_scientific_name      'Human immunodeficiency virus 1' 
_entity_src_gen.pdbx_gene_src_ncbi_taxonomy_id     11676 
_entity_src_gen.pdbx_gene_src_variant              ? 
_entity_src_gen.pdbx_gene_src_cell_line            ? 
_entity_src_gen.pdbx_gene_src_atcc                 ? 
_entity_src_gen.pdbx_gene_src_organ                ? 
_entity_src_gen.pdbx_gene_src_organelle            ? 
_entity_src_gen.pdbx_gene_src_cell                 ? 
_entity_src_gen.pdbx_gene_src_cellular_location    ? 
_entity_src_gen.host_org_common_name               ? 
_entity_src_gen.pdbx_host_org_scientific_name      'Escherichia coli' 
_entity_src_gen.pdbx_host_org_ncbi_taxonomy_id     562 
_entity_src_gen.host_org_genus                     ? 
_entity_src_gen.pdbx_host_org_gene                 ? 
_entity_src_gen.pdbx_host_org_organ                ? 
_entity_src_gen.host_org_species                   ? 
_entity_src_gen.pdbx_host_org_tissue               ? 
_entity_src_gen.pdbx_host_org_tissue_fraction      ? 
_entity_src_gen.pdbx_host_org_strain               ? 
_entity_src_gen.pdbx_host_org_variant              ? 
_entity_src_gen.pdbx_host_org_cell_line            ? 
_entity_src_gen.pdbx_host_org_atcc                 ? 
_entity_src_gen.pdbx_host_org_culture_collection   ? 
_entity_src_gen.pdbx_host_org_cell                 ? 
_entity_src_gen.pdbx_host_org_organelle            ? 
_entity_src_gen.pdbx_host_org_cellular_location    ? 
_entity_src_gen.pdbx_host_org_vector_type          ? 
_entity_src_gen.pdbx_host_org_vector               ? 
_entity_src_gen.host_org_details                   ? 
_entity_src_gen.expression_system_id               ? 
_entity_src_gen.plasmid_name                       ? 
_entity_src_gen.plasmid_details                    ? 
_entity_src_gen.pdbx_description                   ? 
# 
loop_
_chem_comp.id 
_chem_comp.type 
_chem_comp.mon_nstd_flag 
_chem_comp.name 
_chem_comp.pdbx_synonyms 
_chem_comp.formula 
_chem_comp.formula_weight 
ALA 'L-peptide linking' y ALANINE         ? 'C3 H7 N O2'     89.093  
ARG 'L-peptide linking' y ARGININE        ? 'C6 H15 N4 O2 1' 175.209 
ASN 'L-peptide linking' y ASPARAGINE      ? 'C4 H8 N2 O3'    132.118 
ASP 'L-peptide linking' y 'ASPARTIC ACID' ? 'C4 H7 N O4'     133.103 
CYS 'L-peptide linking' y CYSTEINE        ? 'C3 H7 N O2 S'   121.158 
GLN 'L-peptide linking' y GLUTAMINE       ? 'C5 H10 N2 O3'   146.144 
GLU 'L-peptide linking' y 'GLUTAMIC ACID' ? 'C5 H9 N O4'     147.129 
GLY 'peptide linking'   y GLYCINE         ? 'C2 H5 N O2'     75.067  
HIS 'L-peptide linking' y HISTIDINE       ? 'C6 H10 N3 O2 1' 156.162 
HOH non-polymer         . WATER           ? 'H2 O'           18.015  
ILE 'L-peptide linking' y ISOLEUCINE      ? 'C6 H13 N O2'    131.173 
LEU 'L-peptide linking' y LEUCINE         ? 'C6 H13 N O2'    131.173 
LYS 'L-peptide linking' y LYSINE          ? 'C6 H15 N2 O2 1' 147.195 
MET 'L-peptide linking' y METHIONINE      ? 'C5 H11 N O2 S'  149.211 
PHE 'L-peptide linking' y PHENYLALANINE   ? 'C9 H11 N O2'    165.189 
PRO 'L-peptide linking' y PROLINE         ? 'C5 H9 N O2'     115.130 
THR 'L-peptide linking' y THREONINE       ? 'C4 H9 N O3'     119.119 
TRP 'L-peptide linking' y TRYPTOPHAN      ? 'C11 H12 N2 O2'  204.225 
TYR 'L-peptide linking' y TYROSINE        ? 'C9 H11 N O3'    181.189 
VAL 'L-peptide linking' y VALINE          ? 'C5 H11 N O2'    117.146 
# 
loop_
_pdbx_poly_seq_scheme.asym_id 
_pdbx_poly_seq_scheme.entity_id 
_pdbx_poly_seq_scheme.seq_id 
_pdbx_poly_seq_scheme.mon_id 
_pdbx_poly_seq_scheme.ndb_seq_num 
_pdbx_poly_seq_scheme.pdb_seq_num 
_pdbx_poly_seq_scheme.auth_seq_num 
_pdbx_poly_seq_scheme.pdb_mon_id 
_pdbx_poly_seq_scheme.auth_mon_id 
_pdbx_poly_seq_scheme.pdb_strand_id 
_pdbx_poly_seq_scheme.pdb_ins_code 
_pdbx_poly_seq_scheme.hetero 
A 1 1  PRO 1  1  1  PRO PRO A . n 
A 1 2  GLN 2  2  2  GLN GLN A . n 
A 1 3  ILE 3  3  3  ILE ILE A . n 
A 1 4  THR 4  4  4  THR THR A . n 
A 1 5  LEU 5  5  5  LEU LEU A . n 
A 1 6  TRP 6  6  6  TRP TRP A . n 
A 1 7  LYS 7  7  7  LYS LYS A . n 
A 1 8  ARG 8  8  8  ARG ARG A . n 
A 1 9  PRO 9  9  9  PRO PRO A . n 
A 1 10 ILE 10 10 10 ILE ILE A . n 
A 1 11 VAL 11 11 11 VAL VAL A . n 
A 1 12 THR 12 12 12 THR THR A . n 
A 1 13 ILE 13 13 13 ILE ILE A . n 
A 1 14 LYS 14 14 14 LYS LYS A . n 
A 1 15 ILE 15 15 15 ILE ILE A . n 
A 1 16 GLY 16 16 16 GLY GLY A . n 
A 1 17 GLY 17 17 17 GLY GLY A . n 
A 1 18 GLN 18 18 18 GLN GLN A . n 
A 1 19 LEU 19 19 19 LEU LEU A . n 
A 1 20 LYS 20 20 20 LYS LYS A . n 
A 1 21 GLU 21 21 21 GLU GLU A . n 
A 1 22 ALA 22 22 22 ALA ALA A . n 
A 1 23 LEU 23 23 23 LEU LEU A . n 
A 1 24 LEU 24 24 24 LEU LEU A . n 
A 1 25 ASN 25 25 25 ASN ASN A . n 
A 1 26 THR 26 26 26 THR THR A . n 
A 1 27 GLY 27 27 27 GLY GLY A . n 
A 1 28 ALA 28 28 28 ALA ALA A . n 
A 1 29 ASP 29 29 29 ASP ASP A . n 
A 1 30 ASP 30 30 30 ASP ASP A . n 
A 1 31 THR 31 31 31 THR THR A . n 
A 1 32 VAL 32 32 32 VAL VAL A . n 
A 1 33 PHE 33 33 33 PHE PHE A . n 
A 1 34 GLU 34 34 34 GLU GLU A . n 
A 1 35 GLU 35 35 35 GLU GLU A . n 
A 1 36 VAL 36 36 36 VAL VAL A . n 
A 1 37 ASN 37 37 37 ASN ASN A . n 
A 1 38 LEU 38 38 38 LEU LEU A . n 
A 1 39 PRO 39 39 39 PRO PRO A . n 
A 1 40 GLY 40 40 40 GLY GLY A . n 
A 1 41 ARG 41 41 41 ARG ARG A . n 
A 1 42 TRP 42 42 42 TRP TRP A . n 
A 1 43 LYS 43 43 43 LYS LYS A . n 
A 1 44 PRO 44 44 44 PRO PRO A . n 
A 1 45 LYS 45 45 45 LYS LYS A . n 
A 1 46 LEU 46 46 46 LEU LEU A . n 
A 1 47 ILE 47 47 47 ILE ILE A . n 
A 1 48 GLY 48 48 48 GLY GLY A . n 
A 1 49 GLY 49 49 49 GLY GLY A . n 
A 1 50 ILE 50 50 50 ILE ILE A . n 
A 1 51 GLY 51 51 51 GLY GLY A . n 
A 1 52 GLY 52 52 52 GLY GLY A . n 
A 1 53 PHE 53 53 53 PHE PHE A . n 
A 1 54 VAL 54 54 54 VAL VAL A . n 
A 1 55 LYS 55 55 55 LYS LYS A . n 
A 1 56 VAL 56 56 56 VAL VAL A . n 
A 1 57 ARG 57 57 57 ARG ARG A . n 
A 1 58 GLN 58 58 58 GLN GLN A . n 
A 1 59 TYR 59 59 59 TYR TYR A . n 
A 1 60 ASP 60 60 60 ASP ASP A . n 
A 1 61 GLN 61 61 61 GLN GLN A . n 
A 1 62 VAL 62 62 62 VAL VAL A . n 
A 1 63 PRO 63 63 63 PRO PRO A . n 
A 1 64 ILE 64 64 64 ILE ILE A . n 
A 1 65 GLU 65 65 65 GLU GLU A . n 
A 1 66 ILE 66 66 66 ILE ILE A . n 
A 1 67 CYS 67 67 67 CYS CYS A . n 
A 1 68 GLY 68 68 68 GLY GLY A . n 
A 1 69 HIS 69 69 69 HIS HIS A . n 
A 1 70 LYS 70 70 70 LYS LYS A . n 
A 1 71 VAL 71 71 71 VAL VAL A . n 
A 1 72 ILE 72 72 72 ILE ILE A . n 
A 1 73 GLY 73 73 73 GLY GLY A . n 
A 1 74 THR 74 74 74 THR THR A . n 
A 1 75 VAL 75 75 75 VAL VAL A . n 
A 1 76 LEU 76 76 76 LEU LEU A . n 
A 1 77 VAL 77 77 77 VAL VAL A . n 
A 1 78 GLY 78 78 78 GLY GLY A . n 
A 1 79 PRO 79 79 79 PRO PRO A . n 
A 1 80 THR 80 80 80 THR THR A . n 
A 1 81 PRO 81 81 81 PRO PRO A . n 
A 1 82 THR 82 82 82 THR THR A . n 
A 1 83 ASN 83 83 83 ASN ASN A . n 
A 1 84 VAL 84 84 84 VAL VAL A . n 
A 1 85 ILE 85 85 85 ILE ILE A . n 
A 1 86 GLY 86 86 86 GLY GLY A . n 
A 1 87 ARG 87 87 87 ARG ARG A . n 
A 1 88 ASN 88 88 88 ASN ASN A . n 
A 1 89 LEU 89 89 89 LEU LEU A . n 
A 1 90 MET 90 90 90 MET MET A . n 
A 1 91 THR 91 91 91 THR THR A . n 
A 1 92 GLN 92 92 92 GLN GLN A . n 
A 1 93 ILE 93 93 93 ILE ILE A . n 
A 1 94 GLY 94 94 94 GLY GLY A . n 
A 1 95 CYS 95 95 95 CYS CYS A . n 
A 1 96 THR 96 96 96 THR THR A . n 
A 1 97 LEU 97 97 97 LEU LEU A . n 
A 1 98 ASN 98 98 98 ASN ASN A . n 
A 1 99 PHE 99 99 99 PHE PHE A . n 
# 
loop_
_pdbx_nonpoly_scheme.asym_id 
_pdbx_nonpoly_scheme.entity_id 
_pdbx_nonpoly_scheme.mon_id 
_pdbx_nonpoly_scheme.ndb_seq_num 
_pdbx_nonpoly_scheme.pdb_seq_num 
_pdbx_nonpoly_scheme.auth_seq_num 
_pdbx_nonpoly_scheme.pdb_mon_id 
_pdbx_nonpoly_scheme.auth_mon_id 
_pdbx_nonpoly_scheme.pdb_strand_id 
_pdbx_nonpoly_scheme.pdb_ins_code 
B 2 HOH 1   101 104 HOH HOH A . 
B 2 HOH 2   102 108 HOH HOH A . 
B 2 HOH 3   103 41  HOH HOH A . 
B 2 HOH 4   104 117 HOH HOH A . 
B 2 HOH 5   105 105 HOH HOH A . 
B 2 HOH 6   106 99  HOH HOH A . 
B 2 HOH 7   107 5   HOH HOH A . 
B 2 HOH 8   108 68  HOH HOH A . 
B 2 HOH 9   109 1   HOH HOH A . 
B 2 HOH 10  110 94  HOH HOH A . 
B 2 HOH 11  111 32  HOH HOH A . 
B 2 HOH 12  112 52  HOH HOH A . 
B 2 HOH 13  113 67  HOH HOH A . 
B 2 HOH 14  114 120 HOH HOH A . 
B 2 HOH 15  115 26  HOH HOH A . 
B 2 HOH 16  116 34  HOH HOH A . 
B 2 HOH 17  117 18  HOH HOH A . 
B 2 HOH 18  118 103 HOH HOH A . 
B 2 HOH 19  119 126 HOH HOH A . 
B 2 HOH 20  120 13  HOH HOH A . 
B 2 HOH 21  121 129 HOH HOH A . 
B 2 HOH 22  122 95  HOH HOH A . 
B 2 HOH 23  123 58  HOH HOH A . 
B 2 HOH 24  124 9   HOH HOH A . 
B 2 HOH 25  125 7   HOH HOH A . 
B 2 HOH 26  126 74  HOH HOH A . 
B 2 HOH 27  127 91  HOH HOH A . 
B 2 HOH 28  128 10  HOH HOH A . 
B 2 HOH 29  129 4   HOH HOH A . 
B 2 HOH 30  130 75  HOH HOH A . 
B 2 HOH 31  131 11  HOH HOH A . 
B 2 HOH 32  132 40  HOH HOH A . 
B 2 HOH 33  133 116 HOH HOH A . 
B 2 HOH 34  134 35  HOH HOH A . 
B 2 HOH 35  135 6   HOH HOH A . 
B 2 HOH 36  136 25  HOH HOH A . 
B 2 HOH 37  137 97  HOH HOH A . 
B 2 HOH 38  138 107 HOH HOH A . 
B 2 HOH 39  139 90  HOH HOH A . 
B 2 HOH 40  140 60  HOH HOH A . 
B 2 HOH 41  141 128 HOH HOH A . 
B 2 HOH 42  142 8   HOH HOH A . 
B 2 HOH 43  143 36  HOH HOH A . 
B 2 HOH 44  144 24  HOH HOH A . 
B 2 HOH 45  145 78  HOH HOH A . 
B 2 HOH 46  146 73  HOH HOH A . 
B 2 HOH 47  147 64  HOH HOH A . 
B 2 HOH 48  148 54  HOH HOH A . 
B 2 HOH 49  149 86  HOH HOH A . 
B 2 HOH 50  150 56  HOH HOH A . 
B 2 HOH 51  151 27  HOH HOH A . 
B 2 HOH 52  152 77  HOH HOH A . 
B 2 HOH 53  153 44  HOH HOH A . 
B 2 HOH 54  154 118 HOH HOH A . 
B 2 HOH 55  155 23  HOH HOH A . 
B 2 HOH 56  156 127 HOH HOH A . 
B 2 HOH 57  157 110 HOH HOH A . 
B 2 HOH 58  158 81  HOH HOH A . 
B 2 HOH 59  159 134 HOH HOH A . 
B 2 HOH 60  160 98  HOH HOH A . 
B 2 HOH 61  161 42  HOH HOH A . 
B 2 HOH 62  162 125 HOH HOH A . 
B 2 HOH 63  163 101 HOH HOH A . 
B 2 HOH 64  164 124 HOH HOH A . 
B 2 HOH 65  165 80  HOH HOH A . 
B 2 HOH 66  166 79  HOH HOH A . 
B 2 HOH 67  167 29  HOH HOH A . 
B 2 HOH 68  168 22  HOH HOH A . 
B 2 HOH 69  169 48  HOH HOH A . 
B 2 HOH 70  170 82  HOH HOH A . 
B 2 HOH 71  171 115 HOH HOH A . 
B 2 HOH 72  172 62  HOH HOH A . 
B 2 HOH 73  173 12  HOH HOH A . 
B 2 HOH 74  174 71  HOH HOH A . 
B 2 HOH 75  175 65  HOH HOH A . 
B 2 HOH 76  176 37  HOH HOH A . 
B 2 HOH 77  177 76  HOH HOH A . 
B 2 HOH 78  178 72  HOH HOH A . 
B 2 HOH 79  179 2   HOH HOH A . 
B 2 HOH 80  180 3   HOH HOH A . 
B 2 HOH 81  181 14  HOH HOH A . 
B 2 HOH 82  182 15  HOH HOH A . 
B 2 HOH 83  183 16  HOH HOH A . 
B 2 HOH 84  184 17  HOH HOH A . 
B 2 HOH 85  185 19  HOH HOH A . 
B 2 HOH 86  186 20  HOH HOH A . 
B 2 HOH 87  187 21  HOH HOH A . 
B 2 HOH 88  188 28  HOH HOH A . 
B 2 HOH 89  189 30  HOH HOH A . 
B 2 HOH 90  190 31  HOH HOH A . 
B 2 HOH 91  191 33  HOH HOH A . 
B 2 HOH 92  192 38  HOH HOH A . 
B 2 HOH 93  193 39  HOH HOH A . 
B 2 HOH 94  194 43  HOH HOH A . 
B 2 HOH 95  195 45  HOH HOH A . 
B 2 HOH 96  196 46  HOH HOH A . 
B 2 HOH 97  197 47  HOH HOH A . 
B 2 HOH 98  198 49  HOH HOH A . 
B 2 HOH 99  199 50  HOH HOH A . 
B 2 HOH 100 200 51  HOH HOH A . 
B 2 HOH 101 201 53  HOH HOH A . 
B 2 HOH 102 202 55  HOH HOH A . 
B 2 HOH 103 203 57  HOH HOH A . 
B 2 HOH 104 204 59  HOH HOH A . 
B 2 HOH 105 205 61  HOH HOH A . 
B 2 HOH 106 206 63  HOH HOH A . 
B 2 HOH 107 207 66  HOH HOH A . 
B 2 HOH 108 208 69  HOH HOH A . 
B 2 HOH 109 209 70  HOH HOH A . 
B 2 HOH 110 210 83  HOH HOH A . 
B 2 HOH 111 211 84  HOH HOH A . 
B 2 HOH 112 212 85  HOH HOH A . 
B 2 HOH 113 213 87  HOH HOH A . 
B 2 HOH 114 214 88  HOH HOH A . 
B 2 HOH 115 215 89  HOH HOH A . 
B 2 HOH 116 216 92  HOH HOH A . 
B 2 HOH 117 217 93  HOH HOH A . 
B 2 HOH 118 218 96  HOH HOH A . 
B 2 HOH 119 219 100 HOH HOH A . 
B 2 HOH 120 220 102 HOH HOH A . 
B 2 HOH 121 221 106 HOH HOH A . 
B 2 HOH 122 222 109 HOH HOH A . 
B 2 HOH 123 223 111 HOH HOH A . 
B 2 HOH 124 224 112 HOH HOH A . 
B 2 HOH 125 225 113 HOH HOH A . 
B 2 HOH 126 226 114 HOH HOH A . 
B 2 HOH 127 227 119 HOH HOH A . 
B 2 HOH 128 228 121 HOH HOH A . 
B 2 HOH 129 229 122 HOH HOH A . 
B 2 HOH 130 230 123 HOH HOH A . 
B 2 HOH 131 231 130 HOH HOH A . 
B 2 HOH 132 232 131 HOH HOH A . 
B 2 HOH 133 233 132 HOH HOH A . 
B 2 HOH 134 234 133 HOH HOH A . 
# 
_software.citation_id            ? 
_software.classification         refinement 
_software.compiler_name          ? 
_software.compiler_version       ? 
_software.contact_author         ? 
_software.contact_author_email   ? 
_software.date                   ? 
_software.description            ? 
_software.dependencies           ? 
_software.hardware               ? 
_software.language               ? 
_software.location               ? 
_software.mods                   ? 
_software.name                   PHENIX 
_software.os                     ? 
_software.os_version             ? 
_software.type                   ? 
_software.version                '(phenix.refine: 1.8.4_1496)' 
_software.pdbx_ordinal           1 
# 
_cell.angle_alpha                  90.00 
_cell.angle_alpha_esd              ? 
_cell.angle_beta                   90.00 
_cell.angle_beta_esd               ? 
_cell.angle_gamma                  90.00 
_cell.angle_gamma_esd              ? 
_cell.entry_id                     4YOB 
_cell.details                      ? 
_cell.formula_units_Z              ? 
_cell.length_a                     45.754 
_cell.length_a_esd                 ? 
_cell.length_b                     45.754 
_cell.length_b_esd                 ? 
_cell.length_c                     102.220 
_cell.length_c_esd                 ? 
_cell.volume                       ? 
_cell.volume_esd                   ? 
_cell.Z_PDB                        8 
_cell.reciprocal_angle_alpha       ? 
_cell.reciprocal_angle_beta        ? 
_cell.reciprocal_angle_gamma       ? 
_cell.reciprocal_angle_alpha_esd   ? 
_cell.reciprocal_angle_beta_esd    ? 
_cell.reciprocal_angle_gamma_esd   ? 
_cell.reciprocal_length_a          ? 
_cell.reciprocal_length_b          ? 
_cell.reciprocal_length_c          ? 
_cell.reciprocal_length_a_esd      ? 
_cell.reciprocal_length_b_esd      ? 
_cell.reciprocal_length_c_esd      ? 
_cell.pdbx_unique_axis             ? 
# 
_symmetry.entry_id                         4YOB 
_symmetry.cell_setting                     ? 
_symmetry.Int_Tables_number                92 
_symmetry.space_group_name_Hall            ? 
_symmetry.space_group_name_H-M             'P 41 21 2' 
_symmetry.pdbx_full_space_group_name_H-M   ? 
# 
_exptl.absorpt_coefficient_mu     ? 
_exptl.absorpt_correction_T_max   ? 
_exptl.absorpt_correction_T_min   ? 
_exptl.absorpt_correction_type    ? 
_exptl.absorpt_process_details    ? 
_exptl.entry_id                   4YOB 
_exptl.crystals_number            1 
_exptl.details                    ? 
_exptl.method                     'X-RAY DIFFRACTION' 
_exptl.method_details             ? 
# 
_exptl_crystal.colour                      ? 
_exptl_crystal.density_diffrn              ? 
_exptl_crystal.density_Matthews            2.48 
_exptl_crystal.density_method              ? 
_exptl_crystal.density_percent_sol         50.32 
_exptl_crystal.description                 ? 
_exptl_crystal.F_000                       ? 
_exptl_crystal.id                          1 
_exptl_crystal.preparation                 ? 
_exptl_crystal.size_max                    ? 
_exptl_crystal.size_mid                    ? 
_exptl_crystal.size_min                    ? 
_exptl_crystal.size_rad                    ? 
_exptl_crystal.colour_lustre               ? 
_exptl_crystal.colour_modifier             ? 
_exptl_crystal.colour_primary              ? 
_exptl_crystal.density_meas                ? 
_exptl_crystal.density_meas_esd            ? 
_exptl_crystal.density_meas_gt             ? 
_exptl_crystal.density_meas_lt             ? 
_exptl_crystal.density_meas_temp           ? 
_exptl_crystal.density_meas_temp_esd       ? 
_exptl_crystal.density_meas_temp_gt        ? 
_exptl_crystal.density_meas_temp_lt        ? 
_exptl_crystal.pdbx_crystal_image_url      ? 
_exptl_crystal.pdbx_crystal_image_format   ? 
_exptl_crystal.pdbx_mosaicity              ? 
_exptl_crystal.pdbx_mosaicity_esd          ? 
# 
_exptl_crystal_grow.apparatus       ? 
_exptl_crystal_grow.atmosphere      ? 
_exptl_crystal_grow.crystal_id      1 
_exptl_crystal_grow.details         ? 
_exptl_crystal_grow.method          'VAPOR DIFFUSION, HANGING DROP' 
_exptl_crystal_grow.method_ref      ? 
_exptl_crystal_grow.pH              ? 
_exptl_crystal_grow.pressure        ? 
_exptl_crystal_grow.pressure_esd    ? 
_exptl_crystal_grow.seeding         ? 
_exptl_crystal_grow.seeding_ref     ? 
_exptl_crystal_grow.temp            297 
_exptl_crystal_grow.temp_details    ? 
_exptl_crystal_grow.temp_esd        ? 
_exptl_crystal_grow.time            ? 
_exptl_crystal_grow.pdbx_details    
;2.4M ammonium sulfate, 0.1 M MES, pH 6.2;

2.4 M ammonium sulfate, 0.1 M HEPES, pH 6.8
;
_exptl_crystal_grow.pdbx_pH_range   ? 
# 
_diffrn.ambient_environment    ? 
_diffrn.ambient_temp           80 
_diffrn.ambient_temp_details   ? 
_diffrn.ambient_temp_esd       ? 
_diffrn.crystal_id             1 
_diffrn.crystal_support        ? 
_diffrn.crystal_treatment      ? 
_diffrn.details                ? 
_diffrn.id                     1 
_diffrn.ambient_pressure       ? 
_diffrn.ambient_pressure_esd   ? 
_diffrn.ambient_pressure_gt    ? 
_diffrn.ambient_pressure_lt    ? 
_diffrn.ambient_temp_gt        ? 
_diffrn.ambient_temp_lt        ? 
# 
_diffrn_detector.details                      ? 
_diffrn_detector.detector                     CCD 
_diffrn_detector.diffrn_id                    1 
_diffrn_detector.type                         'RAYONIX MX-300' 
_diffrn_detector.area_resol_mean              ? 
_diffrn_detector.dtime                        ? 
_diffrn_detector.pdbx_frames_total            ? 
_diffrn_detector.pdbx_collection_time_total   ? 
_diffrn_detector.pdbx_collection_date         2014-05-08 
# 
_diffrn_radiation.collimation                      ? 
_diffrn_radiation.diffrn_id                        1 
_diffrn_radiation.filter_edge                      ? 
_diffrn_radiation.inhomogeneity                    ? 
_diffrn_radiation.monochromator                    Kohzu 
_diffrn_radiation.polarisn_norm                    ? 
_diffrn_radiation.polarisn_ratio                   ? 
_diffrn_radiation.probe                            ? 
_diffrn_radiation.type                             ? 
_diffrn_radiation.xray_symbol                      ? 
_diffrn_radiation.wavelength_id                    1 
_diffrn_radiation.pdbx_monochromatic_or_laue_m_l   M 
_diffrn_radiation.pdbx_wavelength_list             ? 
_diffrn_radiation.pdbx_wavelength                  ? 
_diffrn_radiation.pdbx_diffrn_protocol             'SINGLE WAVELENGTH' 
_diffrn_radiation.pdbx_analyzer                    ? 
_diffrn_radiation.pdbx_scattering_type             x-ray 
# 
_diffrn_radiation_wavelength.id           1 
_diffrn_radiation_wavelength.wavelength   0.978 
_diffrn_radiation_wavelength.wt           1.0 
# 
_diffrn_source.current                     ? 
_diffrn_source.details                     ? 
_diffrn_source.diffrn_id                   1 
_diffrn_source.power                       ? 
_diffrn_source.size                        ? 
_diffrn_source.source                      SYNCHROTRON 
_diffrn_source.target                      ? 
_diffrn_source.type                        'APS BEAMLINE 21-ID-D' 
_diffrn_source.voltage                     ? 
_diffrn_source.take-off_angle              ? 
_diffrn_source.pdbx_wavelength_list        0.978 
_diffrn_source.pdbx_wavelength             ? 
_diffrn_source.pdbx_synchrotron_beamline   21-ID-D 
_diffrn_source.pdbx_synchrotron_site       APS 
# 
_reflns.B_iso_Wilson_estimate            ? 
_reflns.entry_id                         4YOB 
_reflns.data_reduction_details           ? 
_reflns.data_reduction_method            ? 
_reflns.d_resolution_high                1.50 
_reflns.d_resolution_low                 102.22 
_reflns.details                          ? 
_reflns.limit_h_max                      ? 
_reflns.limit_h_min                      ? 
_reflns.limit_k_max                      ? 
_reflns.limit_k_min                      ? 
_reflns.limit_l_max                      ? 
_reflns.limit_l_min                      ? 
_reflns.number_all                       ? 
_reflns.number_obs                       17812 
_reflns.observed_criterion               ? 
_reflns.observed_criterion_F_max         ? 
_reflns.observed_criterion_F_min         ? 
_reflns.observed_criterion_I_max         ? 
_reflns.observed_criterion_I_min         ? 
_reflns.observed_criterion_sigma_F       ? 
_reflns.observed_criterion_sigma_I       ? 
_reflns.percent_possible_obs             99.1 
_reflns.R_free_details                   ? 
_reflns.Rmerge_F_all                     ? 
_reflns.Rmerge_F_obs                     ? 
_reflns.Friedel_coverage                 ? 
_reflns.number_gt                        ? 
_reflns.threshold_expression             ? 
_reflns.pdbx_redundancy                  14.1 
_reflns.pdbx_Rmerge_I_obs                ? 
_reflns.pdbx_Rmerge_I_all                ? 
_reflns.pdbx_Rsym_value                  ? 
_reflns.pdbx_netI_over_av_sigmaI         ? 
_reflns.pdbx_netI_over_sigmaI            34.4 
_reflns.pdbx_res_netI_over_av_sigmaI_2   ? 
_reflns.pdbx_res_netI_over_sigmaI_2      ? 
_reflns.pdbx_chi_squared                 ? 
_reflns.pdbx_scaling_rejects             ? 
_reflns.pdbx_d_res_high_opt              ? 
_reflns.pdbx_d_res_low_opt               ? 
_reflns.pdbx_d_res_opt_method            ? 
_reflns.phase_calculation_details        ? 
_reflns.pdbx_Rrim_I_all                  ? 
_reflns.pdbx_Rpim_I_all                  ? 
_reflns.pdbx_d_opt                       ? 
_reflns.pdbx_number_measured_all         ? 
_reflns.pdbx_diffrn_id                   1 
_reflns.pdbx_ordinal                     1 
_reflns.pdbx_CC_half                     ? 
_reflns.pdbx_R_split                     ? 
# 
_refine.aniso_B[1][1]                            ? 
_refine.aniso_B[1][2]                            ? 
_refine.aniso_B[1][3]                            ? 
_refine.aniso_B[2][2]                            ? 
_refine.aniso_B[2][3]                            ? 
_refine.aniso_B[3][3]                            ? 
_refine.B_iso_max                                ? 
_refine.B_iso_mean                               ? 
_refine.B_iso_min                                ? 
_refine.correlation_coeff_Fo_to_Fc               ? 
_refine.correlation_coeff_Fo_to_Fc_free          ? 
_refine.details                                  ? 
_refine.diff_density_max                         ? 
_refine.diff_density_max_esd                     ? 
_refine.diff_density_min                         ? 
_refine.diff_density_min_esd                     ? 
_refine.diff_density_rms                         ? 
_refine.diff_density_rms_esd                     ? 
_refine.entry_id                                 4YOB 
_refine.pdbx_refine_id                           'X-RAY DIFFRACTION' 
_refine.ls_abs_structure_details                 ? 
_refine.ls_abs_structure_Flack                   ? 
_refine.ls_abs_structure_Flack_esd               ? 
_refine.ls_abs_structure_Rogers                  ? 
_refine.ls_abs_structure_Rogers_esd              ? 
_refine.ls_d_res_high                            1.504 
_refine.ls_d_res_low                             27.328 
_refine.ls_extinction_coef                       ? 
_refine.ls_extinction_coef_esd                   ? 
_refine.ls_extinction_expression                 ? 
_refine.ls_extinction_method                     ? 
_refine.ls_goodness_of_fit_all                   ? 
_refine.ls_goodness_of_fit_all_esd               ? 
_refine.ls_goodness_of_fit_obs                   ? 
_refine.ls_goodness_of_fit_obs_esd               ? 
_refine.ls_hydrogen_treatment                    ? 
_refine.ls_matrix_type                           ? 
_refine.ls_number_constraints                    ? 
_refine.ls_number_parameters                     ? 
_refine.ls_number_reflns_all                     ? 
_refine.ls_number_reflns_obs                     17773 
_refine.ls_number_reflns_R_free                  907 
_refine.ls_number_reflns_R_work                  ? 
_refine.ls_number_restraints                     ? 
_refine.ls_percent_reflns_obs                    98.68 
_refine.ls_percent_reflns_R_free                 5.10 
_refine.ls_R_factor_all                          ? 
_refine.ls_R_factor_obs                          0.1769 
_refine.ls_R_factor_R_free                       0.1943 
_refine.ls_R_factor_R_free_error                 ? 
_refine.ls_R_factor_R_free_error_details         ? 
_refine.ls_R_factor_R_work                       0.1760 
_refine.ls_R_Fsqd_factor_obs                     ? 
_refine.ls_R_I_factor_obs                        ? 
_refine.ls_redundancy_reflns_all                 ? 
_refine.ls_redundancy_reflns_obs                 ? 
_refine.ls_restrained_S_all                      ? 
_refine.ls_restrained_S_obs                      ? 
_refine.ls_shift_over_esd_max                    ? 
_refine.ls_shift_over_esd_mean                   ? 
_refine.ls_structure_factor_coef                 ? 
_refine.ls_weighting_details                     ? 
_refine.ls_weighting_scheme                      ? 
_refine.ls_wR_factor_all                         ? 
_refine.ls_wR_factor_obs                         ? 
_refine.ls_wR_factor_R_free                      ? 
_refine.ls_wR_factor_R_work                      ? 
_refine.occupancy_max                            ? 
_refine.occupancy_min                            ? 
_refine.solvent_model_details                    'FLAT BULK SOLVENT MODEL' 
_refine.solvent_model_param_bsol                 ? 
_refine.solvent_model_param_ksol                 ? 
_refine.ls_R_factor_gt                           ? 
_refine.ls_goodness_of_fit_gt                    ? 
_refine.ls_goodness_of_fit_ref                   ? 
_refine.ls_shift_over_su_max                     ? 
_refine.ls_shift_over_su_max_lt                  ? 
_refine.ls_shift_over_su_mean                    ? 
_refine.ls_shift_over_su_mean_lt                 ? 
_refine.pdbx_ls_sigma_I                          ? 
_refine.pdbx_ls_sigma_F                          1.35 
_refine.pdbx_ls_sigma_Fsqd                       ? 
_refine.pdbx_data_cutoff_high_absF               ? 
_refine.pdbx_data_cutoff_high_rms_absF           ? 
_refine.pdbx_data_cutoff_low_absF                ? 
_refine.pdbx_isotropic_thermal_model             ? 
_refine.pdbx_ls_cross_valid_method               'FREE R-VALUE' 
_refine.pdbx_method_to_determine_struct          'MOLECULAR REPLACEMENT' 
_refine.pdbx_starting_model                      ? 
_refine.pdbx_stereochemistry_target_values       ML 
_refine.pdbx_R_Free_selection_details            ? 
_refine.pdbx_stereochem_target_val_spec_case     ? 
_refine.pdbx_overall_ESU_R                       ? 
_refine.pdbx_overall_ESU_R_Free                  ? 
_refine.pdbx_solvent_vdw_probe_radii             1.11 
_refine.pdbx_solvent_ion_probe_radii             ? 
_refine.pdbx_solvent_shrinkage_radii             0.90 
_refine.pdbx_real_space_R                        ? 
_refine.pdbx_density_correlation                 ? 
_refine.pdbx_pd_number_of_powder_patterns        ? 
_refine.pdbx_pd_number_of_points                 ? 
_refine.pdbx_pd_meas_number_of_points            ? 
_refine.pdbx_pd_proc_ls_prof_R_factor            ? 
_refine.pdbx_pd_proc_ls_prof_wR_factor           ? 
_refine.pdbx_pd_Marquardt_correlation_coeff      ? 
_refine.pdbx_pd_Fsqrd_R_factor                   ? 
_refine.pdbx_pd_ls_matrix_band_width             ? 
_refine.pdbx_overall_phase_error                 19.92 
_refine.pdbx_overall_SU_R_free_Cruickshank_DPI   ? 
_refine.pdbx_overall_SU_R_free_Blow_DPI          ? 
_refine.pdbx_overall_SU_R_Blow_DPI               ? 
_refine.pdbx_TLS_residual_ADP_flag               ? 
_refine.pdbx_diffrn_id                           1 
_refine.overall_SU_B                             ? 
_refine.overall_SU_ML                            0.15 
_refine.overall_SU_R_Cruickshank_DPI             ? 
_refine.overall_SU_R_free                        ? 
_refine.overall_FOM_free_R_set                   ? 
_refine.overall_FOM_work_R_set                   ? 
_refine.pdbx_average_fsc_overall                 ? 
_refine.pdbx_average_fsc_work                    ? 
_refine.pdbx_average_fsc_free                    ? 
# 
_refine_hist.pdbx_refine_id                   'X-RAY DIFFRACTION' 
_refine_hist.cycle_id                         LAST 
_refine_hist.pdbx_number_atoms_protein        760 
_refine_hist.pdbx_number_atoms_nucleic_acid   0 
_refine_hist.pdbx_number_atoms_ligand         0 
_refine_hist.number_atoms_solvent             134 
_refine_hist.number_atoms_total               894 
_refine_hist.d_res_high                       1.504 
_refine_hist.d_res_low                        27.328 
# 
loop_
_refine_ls_restr.pdbx_refine_id 
_refine_ls_restr.criterion 
_refine_ls_restr.dev_ideal 
_refine_ls_restr.dev_ideal_target 
_refine_ls_restr.number 
_refine_ls_restr.rejects 
_refine_ls_restr.type 
_refine_ls_restr.weight 
_refine_ls_restr.pdbx_restraint_function 
'X-RAY DIFFRACTION' ? 0.007  ? 800  ? f_bond_d           ? ? 
'X-RAY DIFFRACTION' ? 0.984  ? 1093 ? f_angle_d          ? ? 
'X-RAY DIFFRACTION' ? 13.574 ? 300  ? f_dihedral_angle_d ? ? 
'X-RAY DIFFRACTION' ? 0.043  ? 130  ? f_chiral_restr     ? ? 
'X-RAY DIFFRACTION' ? 0.005  ? 140  ? f_plane_restr      ? ? 
# 
loop_
_refine_ls_shell.pdbx_refine_id 
_refine_ls_shell.d_res_high 
_refine_ls_shell.d_res_low 
_refine_ls_shell.number_reflns_all 
_refine_ls_shell.number_reflns_obs 
_refine_ls_shell.number_reflns_R_free 
_refine_ls_shell.number_reflns_R_work 
_refine_ls_shell.percent_reflns_obs 
_refine_ls_shell.percent_reflns_R_free 
_refine_ls_shell.R_factor_all 
_refine_ls_shell.R_factor_obs 
_refine_ls_shell.R_factor_R_free 
_refine_ls_shell.R_factor_R_free_error 
_refine_ls_shell.R_factor_R_work 
_refine_ls_shell.redundancy_reflns_all 
_refine_ls_shell.redundancy_reflns_obs 
_refine_ls_shell.wR_factor_all 
_refine_ls_shell.wR_factor_obs 
_refine_ls_shell.wR_factor_R_free 
_refine_ls_shell.wR_factor_R_work 
_refine_ls_shell.pdbx_total_number_of_bins_used 
_refine_ls_shell.pdbx_phase_error 
_refine_ls_shell.pdbx_fsc_work 
_refine_ls_shell.pdbx_fsc_free 
'X-RAY DIFFRACTION' 1.504  1.5981  . . 149 2708 98.00  . . . 0.2957 . 0.2372 . . . . . . . . . . 
'X-RAY DIFFRACTION' 1.5981 1.7215  . . 150 2719 98.00  . . . 0.2155 . 0.2023 . . . . . . . . . . 
'X-RAY DIFFRACTION' 1.7215 1.8947  . . 161 2751 98.00  . . . 0.2461 . 0.1858 . . . . . . . . . . 
'X-RAY DIFFRACTION' 1.8947 2.1688  . . 145 2805 99.00  . . . 0.2256 . 0.1756 . . . . . . . . . . 
'X-RAY DIFFRACTION' 2.1688 2.7321  . . 148 2844 99.00  . . . 0.1921 . 0.1823 . . . . . . . . . . 
'X-RAY DIFFRACTION' 2.7321 27.3324 . . 154 3039 100.00 . . . 0.1632 . 0.1632 . . . . . . . . . . 
# 
_struct.entry_id                     4YOB 
_struct.title                        'Crystal Structure of Apo HIV-1 Protease MDR769 L33F' 
_struct.pdbx_model_details           ? 
_struct.pdbx_formula_weight          ? 
_struct.pdbx_formula_weight_method   ? 
_struct.pdbx_model_type_details      ? 
_struct.pdbx_CASP_flag               ? 
# 
_struct_keywords.entry_id        4YOB 
_struct_keywords.text            'HIV-1 Protease, MDR769 33F, Molecular Anchor, HYDROLASE' 
_struct_keywords.pdbx_keywords   HYDROLASE 
# 
loop_
_struct_asym.id 
_struct_asym.pdbx_blank_PDB_chainid_flag 
_struct_asym.pdbx_modified 
_struct_asym.entity_id 
_struct_asym.details 
A N N 1 ? 
B N N 2 ? 
# 
_struct_ref.id                         1 
_struct_ref.db_name                    UNP 
_struct_ref.db_code                    Q5RTL1_9HIV1 
_struct_ref.pdbx_db_accession          Q5RTL1 
_struct_ref.pdbx_db_isoform            ? 
_struct_ref.entity_id                  1 
_struct_ref.pdbx_seq_one_letter_code   
;PQITLWQRPIVTIKIGGQLKEALLDTGADDTVLEEMNLPGRWKPKLIGGIGGFVKVRQYDQVPIEICGHKVIGTVLVGPT
PANIIGRNLMTQIGCTLNF
;
_struct_ref.pdbx_align_begin           1 
# 
_struct_ref_seq.align_id                      1 
_struct_ref_seq.ref_id                        1 
_struct_ref_seq.pdbx_PDB_id_code              4YOB 
_struct_ref_seq.pdbx_strand_id                A 
_struct_ref_seq.seq_align_beg                 1 
_struct_ref_seq.pdbx_seq_align_beg_ins_code   ? 
_struct_ref_seq.seq_align_end                 99 
_struct_ref_seq.pdbx_seq_align_end_ins_code   ? 
_struct_ref_seq.pdbx_db_accession             Q5RTL1 
_struct_ref_seq.db_align_beg                  1 
_struct_ref_seq.pdbx_db_align_beg_ins_code    ? 
_struct_ref_seq.db_align_end                  99 
_struct_ref_seq.pdbx_db_align_end_ins_code    ? 
_struct_ref_seq.pdbx_auth_seq_align_beg       1 
_struct_ref_seq.pdbx_auth_seq_align_end       99 
# 
loop_
_struct_ref_seq_dif.align_id 
_struct_ref_seq_dif.pdbx_pdb_id_code 
_struct_ref_seq_dif.mon_id 
_struct_ref_seq_dif.pdbx_pdb_strand_id 
_struct_ref_seq_dif.seq_num 
_struct_ref_seq_dif.pdbx_pdb_ins_code 
_struct_ref_seq_dif.pdbx_seq_db_name 
_struct_ref_seq_dif.pdbx_seq_db_accession_code 
_struct_ref_seq_dif.db_mon_id 
_struct_ref_seq_dif.pdbx_seq_db_seq_num 
_struct_ref_seq_dif.details 
_struct_ref_seq_dif.pdbx_auth_seq_num 
_struct_ref_seq_dif.pdbx_ordinal 
1 4YOB LYS A 7  ? UNP Q5RTL1 GLN 7  'engineered mutation' 7  1 
1 4YOB ASN A 25 ? UNP Q5RTL1 ASP 25 'engineered mutation' 25 2 
1 4YOB PHE A 33 ? UNP Q5RTL1 LEU 33 'engineered mutation' 33 3 
1 4YOB VAL A 36 ? UNP Q5RTL1 MET 36 'engineered mutation' 36 4 
1 4YOB THR A 82 ? UNP Q5RTL1 ALA 82 'engineered mutation' 82 5 
1 4YOB VAL A 84 ? UNP Q5RTL1 ILE 84 'engineered mutation' 84 6 
# 
_pdbx_struct_assembly.id                   1 
_pdbx_struct_assembly.details              author_and_software_defined_assembly 
_pdbx_struct_assembly.method_details       PISA 
_pdbx_struct_assembly.oligomeric_details   dimeric 
_pdbx_struct_assembly.oligomeric_count     2 
# 
loop_
_pdbx_struct_assembly_prop.biol_id 
_pdbx_struct_assembly_prop.type 
_pdbx_struct_assembly_prop.value 
_pdbx_struct_assembly_prop.details 
1 'ABSA (A^2)' 2890  ? 
1 MORE         -17   ? 
1 'SSA (A^2)'  11030 ? 
# 
_pdbx_struct_assembly_gen.assembly_id       1 
_pdbx_struct_assembly_gen.oper_expression   1,2 
_pdbx_struct_assembly_gen.asym_id_list      A,B 
# 
loop_
_pdbx_struct_oper_list.id 
_pdbx_struct_oper_list.type 
_pdbx_struct_oper_list.name 
_pdbx_struct_oper_list.symmetry_operation 
_pdbx_struct_oper_list.matrix[1][1] 
_pdbx_struct_oper_list.matrix[1][2] 
_pdbx_struct_oper_list.matrix[1][3] 
_pdbx_struct_oper_list.vector[1] 
_pdbx_struct_oper_list.matrix[2][1] 
_pdbx_struct_oper_list.matrix[2][2] 
_pdbx_struct_oper_list.matrix[2][3] 
_pdbx_struct_oper_list.vector[2] 
_pdbx_struct_oper_list.matrix[3][1] 
_pdbx_struct_oper_list.matrix[3][2] 
_pdbx_struct_oper_list.matrix[3][3] 
_pdbx_struct_oper_list.vector[3] 
1 'identity operation'         1_555 x,y,z        1.0000000000  0.0000000000  0.0000000000 0.0000000000  0.0000000000  1.0000000000 0.0000000000  0.0000000000  0.0000000000 0.0000000000  1.0000000000  0.0000000000  
2 'crystal symmetry operation' 8_554 -y,-x,-z-1/2 -0.8850443624 -0.4244245137 0.1912075020 10.1712004361 -0.4244245137 0.5670059472 -0.7059519020 10.7575837437 0.1912075020 -0.7059519020 -0.6819615849 17.7636619000 
# 
_struct_conf.conf_type_id            HELX_P 
_struct_conf.id                      HELX_P1 
_struct_conf.pdbx_PDB_helix_id       AA1 
_struct_conf.beg_label_comp_id       GLY 
_struct_conf.beg_label_asym_id       A 
_struct_conf.beg_label_seq_id        86 
_struct_conf.pdbx_beg_PDB_ins_code   ? 
_struct_conf.end_label_comp_id       THR 
_struct_conf.end_label_asym_id       A 
_struct_conf.end_label_seq_id        91 
_struct_conf.pdbx_end_PDB_ins_code   ? 
_struct_conf.beg_auth_comp_id        GLY 
_struct_conf.beg_auth_asym_id        A 
_struct_conf.beg_auth_seq_id         86 
_struct_conf.end_auth_comp_id        THR 
_struct_conf.end_auth_asym_id        A 
_struct_conf.end_auth_seq_id         91 
_struct_conf.pdbx_PDB_helix_class    1 
_struct_conf.details                 ? 
_struct_conf.pdbx_PDB_helix_length   6 
# 
_struct_conf_type.id          HELX_P 
_struct_conf_type.criteria    ? 
_struct_conf_type.reference   ? 
# 
_struct_sheet.id               AA1 
_struct_sheet.type             ? 
_struct_sheet.number_strands   8 
_struct_sheet.details          ? 
# 
loop_
_struct_sheet_order.sheet_id 
_struct_sheet_order.range_id_1 
_struct_sheet_order.range_id_2 
_struct_sheet_order.offset 
_struct_sheet_order.sense 
AA1 1 2 ? anti-parallel 
AA1 2 3 ? anti-parallel 
AA1 3 4 ? parallel      
AA1 4 5 ? anti-parallel 
AA1 5 6 ? parallel      
AA1 6 7 ? anti-parallel 
AA1 7 8 ? anti-parallel 
# 
loop_
_struct_sheet_range.sheet_id 
_struct_sheet_range.id 
_struct_sheet_range.beg_label_comp_id 
_struct_sheet_range.beg_label_asym_id 
_struct_sheet_range.beg_label_seq_id 
_struct_sheet_range.pdbx_beg_PDB_ins_code 
_struct_sheet_range.end_label_comp_id 
_struct_sheet_range.end_label_asym_id 
_struct_sheet_range.end_label_seq_id 
_struct_sheet_range.pdbx_end_PDB_ins_code 
_struct_sheet_range.beg_auth_comp_id 
_struct_sheet_range.beg_auth_asym_id 
_struct_sheet_range.beg_auth_seq_id 
_struct_sheet_range.end_auth_comp_id 
_struct_sheet_range.end_auth_asym_id 
_struct_sheet_range.end_auth_seq_id 
AA1 1 LYS A 43 ? GLY A 48 ? LYS A 43 GLY A 48 
AA1 2 PHE A 53 ? ILE A 66 ? PHE A 53 ILE A 66 
AA1 3 HIS A 69 ? VAL A 77 ? HIS A 69 VAL A 77 
AA1 4 VAL A 32 ? PHE A 33 ? VAL A 32 PHE A 33 
AA1 5 VAL A 84 ? ILE A 85 ? VAL A 84 ILE A 85 
AA1 6 GLN A 18 ? LEU A 24 ? GLN A 18 LEU A 24 
AA1 7 ILE A 10 ? ILE A 15 ? ILE A 10 ILE A 15 
AA1 8 PHE A 53 ? ILE A 66 ? PHE A 53 ILE A 66 
# 
loop_
_pdbx_struct_sheet_hbond.sheet_id 
_pdbx_struct_sheet_hbond.range_id_1 
_pdbx_struct_sheet_hbond.range_id_2 
_pdbx_struct_sheet_hbond.range_1_label_atom_id 
_pdbx_struct_sheet_hbond.range_1_label_comp_id 
_pdbx_struct_sheet_hbond.range_1_label_asym_id 
_pdbx_struct_sheet_hbond.range_1_label_seq_id 
_pdbx_struct_sheet_hbond.range_1_PDB_ins_code 
_pdbx_struct_sheet_hbond.range_1_auth_atom_id 
_pdbx_struct_sheet_hbond.range_1_auth_comp_id 
_pdbx_struct_sheet_hbond.range_1_auth_asym_id 
_pdbx_struct_sheet_hbond.range_1_auth_seq_id 
_pdbx_struct_sheet_hbond.range_2_label_atom_id 
_pdbx_struct_sheet_hbond.range_2_label_comp_id 
_pdbx_struct_sheet_hbond.range_2_label_asym_id 
_pdbx_struct_sheet_hbond.range_2_label_seq_id 
_pdbx_struct_sheet_hbond.range_2_PDB_ins_code 
_pdbx_struct_sheet_hbond.range_2_auth_atom_id 
_pdbx_struct_sheet_hbond.range_2_auth_comp_id 
_pdbx_struct_sheet_hbond.range_2_auth_asym_id 
_pdbx_struct_sheet_hbond.range_2_auth_seq_id 
AA1 1 2 N LYS A 43 ? N LYS A 43 O GLN A 58 ? O GLN A 58 
AA1 2 3 N ILE A 64 ? N ILE A 64 O VAL A 71 ? O VAL A 71 
AA1 3 4 O LEU A 76 ? O LEU A 76 N PHE A 33 ? N PHE A 33 
AA1 4 5 N VAL A 32 ? N VAL A 32 O VAL A 84 ? O VAL A 84 
AA1 5 6 O ILE A 85 ? O ILE A 85 N LEU A 23 ? N LEU A 23 
AA1 6 7 O LYS A 20 ? O LYS A 20 N ILE A 13 ? N ILE A 13 
AA1 7 8 N LYS A 14 ? N LYS A 14 O GLU A 65 ? O GLU A 65 
# 
loop_
_pdbx_validate_close_contact.id 
_pdbx_validate_close_contact.PDB_model_num 
_pdbx_validate_close_contact.auth_atom_id_1 
_pdbx_validate_close_contact.auth_asym_id_1 
_pdbx_validate_close_contact.auth_comp_id_1 
_pdbx_validate_close_contact.auth_seq_id_1 
_pdbx_validate_close_contact.PDB_ins_code_1 
_pdbx_validate_close_contact.label_alt_id_1 
_pdbx_validate_close_contact.auth_atom_id_2 
_pdbx_validate_close_contact.auth_asym_id_2 
_pdbx_validate_close_contact.auth_comp_id_2 
_pdbx_validate_close_contact.auth_seq_id_2 
_pdbx_validate_close_contact.PDB_ins_code_2 
_pdbx_validate_close_contact.label_alt_id_2 
_pdbx_validate_close_contact.dist 
1 1 O A HOH 211 ? ? O A HOH 219 ? ? 1.90 
2 1 O A HOH 146 ? ? O A HOH 166 ? ? 2.12 
# 
_pdbx_validate_symm_contact.id                1 
_pdbx_validate_symm_contact.PDB_model_num     1 
_pdbx_validate_symm_contact.auth_atom_id_1    O 
_pdbx_validate_symm_contact.auth_asym_id_1    A 
_pdbx_validate_symm_contact.auth_comp_id_1    HOH 
_pdbx_validate_symm_contact.auth_seq_id_1     152 
_pdbx_validate_symm_contact.PDB_ins_code_1    ? 
_pdbx_validate_symm_contact.label_alt_id_1    ? 
_pdbx_validate_symm_contact.site_symmetry_1   1_555 
_pdbx_validate_symm_contact.auth_atom_id_2    O 
_pdbx_validate_symm_contact.auth_asym_id_2    A 
_pdbx_validate_symm_contact.auth_comp_id_2    HOH 
_pdbx_validate_symm_contact.auth_seq_id_2     152 
_pdbx_validate_symm_contact.PDB_ins_code_2    ? 
_pdbx_validate_symm_contact.label_alt_id_2    ? 
_pdbx_validate_symm_contact.site_symmetry_2   7_555 
_pdbx_validate_symm_contact.dist              2.15 
# 
loop_
_pdbx_struct_special_symmetry.id 
_pdbx_struct_special_symmetry.PDB_model_num 
_pdbx_struct_special_symmetry.auth_asym_id 
_pdbx_struct_special_symmetry.auth_comp_id 
_pdbx_struct_special_symmetry.auth_seq_id 
_pdbx_struct_special_symmetry.PDB_ins_code 
_pdbx_struct_special_symmetry.label_asym_id 
_pdbx_struct_special_symmetry.label_comp_id 
_pdbx_struct_special_symmetry.label_seq_id 
1 1 A HOH 162 ? B HOH . 
2 1 A HOH 178 ? B HOH . 
# 
_pdbx_refine_tls.id               1 
_pdbx_refine_tls.pdbx_refine_id   'X-RAY DIFFRACTION' 
_pdbx_refine_tls.details          ? 
_pdbx_refine_tls.method           refined 
_pdbx_refine_tls.origin_x         0.1223 
_pdbx_refine_tls.origin_y         -0.1109 
_pdbx_refine_tls.origin_z         0.0496 
_pdbx_refine_tls.T[1][1]          0.1062 
_pdbx_refine_tls.T[1][1]_esd      ? 
_pdbx_refine_tls.T[1][2]          -0.0057 
_pdbx_refine_tls.T[1][2]_esd      ? 
_pdbx_refine_tls.T[1][3]          0.0172 
_pdbx_refine_tls.T[1][3]_esd      ? 
_pdbx_refine_tls.T[2][2]          0.1399 
_pdbx_refine_tls.T[2][2]_esd      ? 
_pdbx_refine_tls.T[2][3]          -0.0004 
_pdbx_refine_tls.T[2][3]_esd      ? 
_pdbx_refine_tls.T[3][3]          0.1072 
_pdbx_refine_tls.T[3][3]_esd      ? 
_pdbx_refine_tls.L[1][1]          1.0006 
_pdbx_refine_tls.L[1][1]_esd      ? 
_pdbx_refine_tls.L[1][2]          0.1385 
_pdbx_refine_tls.L[1][2]_esd      ? 
_pdbx_refine_tls.L[1][3]          0.7002 
_pdbx_refine_tls.L[1][3]_esd      ? 
_pdbx_refine_tls.L[2][2]          0.8304 
_pdbx_refine_tls.L[2][2]_esd      ? 
_pdbx_refine_tls.L[2][3]          -0.1615 
_pdbx_refine_tls.L[2][3]_esd      ? 
_pdbx_refine_tls.L[3][3]          1.5231 
_pdbx_refine_tls.L[3][3]_esd      ? 
_pdbx_refine_tls.S[1][1]          -0.0061 
_pdbx_refine_tls.S[1][1]_esd      ? 
_pdbx_refine_tls.S[1][2]          0.1254 
_pdbx_refine_tls.S[1][2]_esd      ? 
_pdbx_refine_tls.S[1][3]          -0.0060 
_pdbx_refine_tls.S[1][3]_esd      ? 
_pdbx_refine_tls.S[2][1]          -0.0184 
_pdbx_refine_tls.S[2][1]_esd      ? 
_pdbx_refine_tls.S[2][2]          0.0338 
_pdbx_refine_tls.S[2][2]_esd      ? 
_pdbx_refine_tls.S[2][3]          -0.0031 
_pdbx_refine_tls.S[2][3]_esd      ? 
_pdbx_refine_tls.S[3][1]          -0.0049 
_pdbx_refine_tls.S[3][1]_esd      ? 
_pdbx_refine_tls.S[3][2]          0.0577 
_pdbx_refine_tls.S[3][2]_esd      ? 
_pdbx_refine_tls.S[3][3]          -0.0641 
_pdbx_refine_tls.S[3][3]_esd      ? 
# 
_pdbx_refine_tls_group.id                  1 
_pdbx_refine_tls_group.pdbx_refine_id      'X-RAY DIFFRACTION' 
_pdbx_refine_tls_group.refine_tls_id       1 
_pdbx_refine_tls_group.beg_label_asym_id   ? 
_pdbx_refine_tls_group.beg_label_seq_id    ? 
_pdbx_refine_tls_group.beg_auth_asym_id    ? 
_pdbx_refine_tls_group.beg_auth_seq_id     ? 
_pdbx_refine_tls_group.end_label_asym_id   ? 
_pdbx_refine_tls_group.end_label_seq_id    ? 
_pdbx_refine_tls_group.end_auth_asym_id    ? 
_pdbx_refine_tls_group.end_auth_seq_id     ? 
_pdbx_refine_tls_group.selection           ? 
_pdbx_refine_tls_group.selection_details   '(chain A and resseq 1:99)' 
# 
_pdbx_distant_solvent_atoms.id                                1 
_pdbx_distant_solvent_atoms.PDB_model_num                     1 
_pdbx_distant_solvent_atoms.auth_atom_id                      O 
_pdbx_distant_solvent_atoms.label_alt_id                      ? 
_pdbx_distant_solvent_atoms.auth_asym_id                      A 
_pdbx_distant_solvent_atoms.auth_comp_id                      HOH 
_pdbx_distant_solvent_atoms.auth_seq_id                       223 
_pdbx_distant_solvent_atoms.PDB_ins_code                      ? 
_pdbx_distant_solvent_atoms.neighbor_macromolecule_distance   5.95 
_pdbx_distant_solvent_atoms.neighbor_ligand_distance          . 
# 
loop_
_chem_comp_atom.comp_id 
_chem_comp_atom.atom_id 
_chem_comp_atom.type_symbol 
_chem_comp_atom.pdbx_aromatic_flag 
_chem_comp_atom.pdbx_stereo_config 
_chem_comp_atom.pdbx_ordinal 
ALA N    N N N 1   
ALA CA   C N S 2   
ALA C    C N N 3   
ALA O    O N N 4   
ALA CB   C N N 5   
ALA OXT  O N N 6   
ALA H    H N N 7   
ALA H2   H N N 8   
ALA HA   H N N 9   
ALA HB1  H N N 10  
ALA HB2  H N N 11  
ALA HB3  H N N 12  
ALA HXT  H N N 13  
ARG N    N N N 14  
ARG CA   C N S 15  
ARG C    C N N 16  
ARG O    O N N 17  
ARG CB   C N N 18  
ARG CG   C N N 19  
ARG CD   C N N 20  
ARG NE   N N N 21  
ARG CZ   C N N 22  
ARG NH1  N N N 23  
ARG NH2  N N N 24  
ARG OXT  O N N 25  
ARG H    H N N 26  
ARG H2   H N N 27  
ARG HA   H N N 28  
ARG HB2  H N N 29  
ARG HB3  H N N 30  
ARG HG2  H N N 31  
ARG HG3  H N N 32  
ARG HD2  H N N 33  
ARG HD3  H N N 34  
ARG HE   H N N 35  
ARG HH11 H N N 36  
ARG HH12 H N N 37  
ARG HH21 H N N 38  
ARG HH22 H N N 39  
ARG HXT  H N N 40  
ASN N    N N N 41  
ASN CA   C N S 42  
ASN C    C N N 43  
ASN O    O N N 44  
ASN CB   C N N 45  
ASN CG   C N N 46  
ASN OD1  O N N 47  
ASN ND2  N N N 48  
ASN OXT  O N N 49  
ASN H    H N N 50  
ASN H2   H N N 51  
ASN HA   H N N 52  
ASN HB2  H N N 53  
ASN HB3  H N N 54  
ASN HD21 H N N 55  
ASN HD22 H N N 56  
ASN HXT  H N N 57  
ASP N    N N N 58  
ASP CA   C N S 59  
ASP C    C N N 60  
ASP O    O N N 61  
ASP CB   C N N 62  
ASP CG   C N N 63  
ASP OD1  O N N 64  
ASP OD2  O N N 65  
ASP OXT  O N N 66  
ASP H    H N N 67  
ASP H2   H N N 68  
ASP HA   H N N 69  
ASP HB2  H N N 70  
ASP HB3  H N N 71  
ASP HD2  H N N 72  
ASP HXT  H N N 73  
CYS N    N N N 74  
CYS CA   C N R 75  
CYS C    C N N 76  
CYS O    O N N 77  
CYS CB   C N N 78  
CYS SG   S N N 79  
CYS OXT  O N N 80  
CYS H    H N N 81  
CYS H2   H N N 82  
CYS HA   H N N 83  
CYS HB2  H N N 84  
CYS HB3  H N N 85  
CYS HG   H N N 86  
CYS HXT  H N N 87  
GLN N    N N N 88  
GLN CA   C N S 89  
GLN C    C N N 90  
GLN O    O N N 91  
GLN CB   C N N 92  
GLN CG   C N N 93  
GLN CD   C N N 94  
GLN OE1  O N N 95  
GLN NE2  N N N 96  
GLN OXT  O N N 97  
GLN H    H N N 98  
GLN H2   H N N 99  
GLN HA   H N N 100 
GLN HB2  H N N 101 
GLN HB3  H N N 102 
GLN HG2  H N N 103 
GLN HG3  H N N 104 
GLN HE21 H N N 105 
GLN HE22 H N N 106 
GLN HXT  H N N 107 
GLU N    N N N 108 
GLU CA   C N S 109 
GLU C    C N N 110 
GLU O    O N N 111 
GLU CB   C N N 112 
GLU CG   C N N 113 
GLU CD   C N N 114 
GLU OE1  O N N 115 
GLU OE2  O N N 116 
GLU OXT  O N N 117 
GLU H    H N N 118 
GLU H2   H N N 119 
GLU HA   H N N 120 
GLU HB2  H N N 121 
GLU HB3  H N N 122 
GLU HG2  H N N 123 
GLU HG3  H N N 124 
GLU HE2  H N N 125 
GLU HXT  H N N 126 
GLY N    N N N 127 
GLY CA   C N N 128 
GLY C    C N N 129 
GLY O    O N N 130 
GLY OXT  O N N 131 
GLY H    H N N 132 
GLY H2   H N N 133 
GLY HA2  H N N 134 
GLY HA3  H N N 135 
GLY HXT  H N N 136 
HIS N    N N N 137 
HIS CA   C N S 138 
HIS C    C N N 139 
HIS O    O N N 140 
HIS CB   C N N 141 
HIS CG   C Y N 142 
HIS ND1  N Y N 143 
HIS CD2  C Y N 144 
HIS CE1  C Y N 145 
HIS NE2  N Y N 146 
HIS OXT  O N N 147 
HIS H    H N N 148 
HIS H2   H N N 149 
HIS HA   H N N 150 
HIS HB2  H N N 151 
HIS HB3  H N N 152 
HIS HD1  H N N 153 
HIS HD2  H N N 154 
HIS HE1  H N N 155 
HIS HE2  H N N 156 
HIS HXT  H N N 157 
HOH O    O N N 158 
HOH H1   H N N 159 
HOH H2   H N N 160 
ILE N    N N N 161 
ILE CA   C N S 162 
ILE C    C N N 163 
ILE O    O N N 164 
ILE CB   C N S 165 
ILE CG1  C N N 166 
ILE CG2  C N N 167 
ILE CD1  C N N 168 
ILE OXT  O N N 169 
ILE H    H N N 170 
ILE H2   H N N 171 
ILE HA   H N N 172 
ILE HB   H N N 173 
ILE HG12 H N N 174 
ILE HG13 H N N 175 
ILE HG21 H N N 176 
ILE HG22 H N N 177 
ILE HG23 H N N 178 
ILE HD11 H N N 179 
ILE HD12 H N N 180 
ILE HD13 H N N 181 
ILE HXT  H N N 182 
LEU N    N N N 183 
LEU CA   C N S 184 
LEU C    C N N 185 
LEU O    O N N 186 
LEU CB   C N N 187 
LEU CG   C N N 188 
LEU CD1  C N N 189 
LEU CD2  C N N 190 
LEU OXT  O N N 191 
LEU H    H N N 192 
LEU H2   H N N 193 
LEU HA   H N N 194 
LEU HB2  H N N 195 
LEU HB3  H N N 196 
LEU HG   H N N 197 
LEU HD11 H N N 198 
LEU HD12 H N N 199 
LEU HD13 H N N 200 
LEU HD21 H N N 201 
LEU HD22 H N N 202 
LEU HD23 H N N 203 
LEU HXT  H N N 204 
LYS N    N N N 205 
LYS CA   C N S 206 
LYS C    C N N 207 
LYS O    O N N 208 
LYS CB   C N N 209 
LYS CG   C N N 210 
LYS CD   C N N 211 
LYS CE   C N N 212 
LYS NZ   N N N 213 
LYS OXT  O N N 214 
LYS H    H N N 215 
LYS H2   H N N 216 
LYS HA   H N N 217 
LYS HB2  H N N 218 
LYS HB3  H N N 219 
LYS HG2  H N N 220 
LYS HG3  H N N 221 
LYS HD2  H N N 222 
LYS HD3  H N N 223 
LYS HE2  H N N 224 
LYS HE3  H N N 225 
LYS HZ1  H N N 226 
LYS HZ2  H N N 227 
LYS HZ3  H N N 228 
LYS HXT  H N N 229 
MET N    N N N 230 
MET CA   C N S 231 
MET C    C N N 232 
MET O    O N N 233 
MET CB   C N N 234 
MET CG   C N N 235 
MET SD   S N N 236 
MET CE   C N N 237 
MET OXT  O N N 238 
MET H    H N N 239 
MET H2   H N N 240 
MET HA   H N N 241 
MET HB2  H N N 242 
MET HB3  H N N 243 
MET HG2  H N N 244 
MET HG3  H N N 245 
MET HE1  H N N 246 
MET HE2  H N N 247 
MET HE3  H N N 248 
MET HXT  H N N 249 
PHE N    N N N 250 
PHE CA   C N S 251 
PHE C    C N N 252 
PHE O    O N N 253 
PHE CB   C N N 254 
PHE CG   C Y N 255 
PHE CD1  C Y N 256 
PHE CD2  C Y N 257 
PHE CE1  C Y N 258 
PHE CE2  C Y N 259 
PHE CZ   C Y N 260 
PHE OXT  O N N 261 
PHE H    H N N 262 
PHE H2   H N N 263 
PHE HA   H N N 264 
PHE HB2  H N N 265 
PHE HB3  H N N 266 
PHE HD1  H N N 267 
PHE HD2  H N N 268 
PHE HE1  H N N 269 
PHE HE2  H N N 270 
PHE HZ   H N N 271 
PHE HXT  H N N 272 
PRO N    N N N 273 
PRO CA   C N S 274 
PRO C    C N N 275 
PRO O    O N N 276 
PRO CB   C N N 277 
PRO CG   C N N 278 
PRO CD   C N N 279 
PRO OXT  O N N 280 
PRO H    H N N 281 
PRO HA   H N N 282 
PRO HB2  H N N 283 
PRO HB3  H N N 284 
PRO HG2  H N N 285 
PRO HG3  H N N 286 
PRO HD2  H N N 287 
PRO HD3  H N N 288 
PRO HXT  H N N 289 
THR N    N N N 290 
THR CA   C N S 291 
THR C    C N N 292 
THR O    O N N 293 
THR CB   C N R 294 
THR OG1  O N N 295 
THR CG2  C N N 296 
THR OXT  O N N 297 
THR H    H N N 298 
THR H2   H N N 299 
THR HA   H N N 300 
THR HB   H N N 301 
THR HG1  H N N 302 
THR HG21 H N N 303 
THR HG22 H N N 304 
THR HG23 H N N 305 
THR HXT  H N N 306 
TRP N    N N N 307 
TRP CA   C N S 308 
TRP C    C N N 309 
TRP O    O N N 310 
TRP CB   C N N 311 
TRP CG   C Y N 312 
TRP CD1  C Y N 313 
TRP CD2  C Y N 314 
TRP NE1  N Y N 315 
TRP CE2  C Y N 316 
TRP CE3  C Y N 317 
TRP CZ2  C Y N 318 
TRP CZ3  C Y N 319 
TRP CH2  C Y N 320 
TRP OXT  O N N 321 
TRP H    H N N 322 
TRP H2   H N N 323 
TRP HA   H N N 324 
TRP HB2  H N N 325 
TRP HB3  H N N 326 
TRP HD1  H N N 327 
TRP HE1  H N N 328 
TRP HE3  H N N 329 
TRP HZ2  H N N 330 
TRP HZ3  H N N 331 
TRP HH2  H N N 332 
TRP HXT  H N N 333 
TYR N    N N N 334 
TYR CA   C N S 335 
TYR C    C N N 336 
TYR O    O N N 337 
TYR CB   C N N 338 
TYR CG   C Y N 339 
TYR CD1  C Y N 340 
TYR CD2  C Y N 341 
TYR CE1  C Y N 342 
TYR CE2  C Y N 343 
TYR CZ   C Y N 344 
TYR OH   O N N 345 
TYR OXT  O N N 346 
TYR H    H N N 347 
TYR H2   H N N 348 
TYR HA   H N N 349 
TYR HB2  H N N 350 
TYR HB3  H N N 351 
TYR HD1  H N N 352 
TYR HD2  H N N 353 
TYR HE1  H N N 354 
TYR HE2  H N N 355 
TYR HH   H N N 356 
TYR HXT  H N N 357 
VAL N    N N N 358 
VAL CA   C N S 359 
VAL C    C N N 360 
VAL O    O N N 361 
VAL CB   C N N 362 
VAL CG1  C N N 363 
VAL CG2  C N N 364 
VAL OXT  O N N 365 
VAL H    H N N 366 
VAL H2   H N N 367 
VAL HA   H N N 368 
VAL HB   H N N 369 
VAL HG11 H N N 370 
VAL HG12 H N N 371 
VAL HG13 H N N 372 
VAL HG21 H N N 373 
VAL HG22 H N N 374 
VAL HG23 H N N 375 
VAL HXT  H N N 376 
# 
loop_
_chem_comp_bond.comp_id 
_chem_comp_bond.atom_id_1 
_chem_comp_bond.atom_id_2 
_chem_comp_bond.value_order 
_chem_comp_bond.pdbx_aromatic_flag 
_chem_comp_bond.pdbx_stereo_config 
_chem_comp_bond.pdbx_ordinal 
ALA N   CA   sing N N 1   
ALA N   H    sing N N 2   
ALA N   H2   sing N N 3   
ALA CA  C    sing N N 4   
ALA CA  CB   sing N N 5   
ALA CA  HA   sing N N 6   
ALA C   O    doub N N 7   
ALA C   OXT  sing N N 8   
ALA CB  HB1  sing N N 9   
ALA CB  HB2  sing N N 10  
ALA CB  HB3  sing N N 11  
ALA OXT HXT  sing N N 12  
ARG N   CA   sing N N 13  
ARG N   H    sing N N 14  
ARG N   H2   sing N N 15  
ARG CA  C    sing N N 16  
ARG CA  CB   sing N N 17  
ARG CA  HA   sing N N 18  
ARG C   O    doub N N 19  
ARG C   OXT  sing N N 20  
ARG CB  CG   sing N N 21  
ARG CB  HB2  sing N N 22  
ARG CB  HB3  sing N N 23  
ARG CG  CD   sing N N 24  
ARG CG  HG2  sing N N 25  
ARG CG  HG3  sing N N 26  
ARG CD  NE   sing N N 27  
ARG CD  HD2  sing N N 28  
ARG CD  HD3  sing N N 29  
ARG NE  CZ   sing N N 30  
ARG NE  HE   sing N N 31  
ARG CZ  NH1  sing N N 32  
ARG CZ  NH2  doub N N 33  
ARG NH1 HH11 sing N N 34  
ARG NH1 HH12 sing N N 35  
ARG NH2 HH21 sing N N 36  
ARG NH2 HH22 sing N N 37  
ARG OXT HXT  sing N N 38  
ASN N   CA   sing N N 39  
ASN N   H    sing N N 40  
ASN N   H2   sing N N 41  
ASN CA  C    sing N N 42  
ASN CA  CB   sing N N 43  
ASN CA  HA   sing N N 44  
ASN C   O    doub N N 45  
ASN C   OXT  sing N N 46  
ASN CB  CG   sing N N 47  
ASN CB  HB2  sing N N 48  
ASN CB  HB3  sing N N 49  
ASN CG  OD1  doub N N 50  
ASN CG  ND2  sing N N 51  
ASN ND2 HD21 sing N N 52  
ASN ND2 HD22 sing N N 53  
ASN OXT HXT  sing N N 54  
ASP N   CA   sing N N 55  
ASP N   H    sing N N 56  
ASP N   H2   sing N N 57  
ASP CA  C    sing N N 58  
ASP CA  CB   sing N N 59  
ASP CA  HA   sing N N 60  
ASP C   O    doub N N 61  
ASP C   OXT  sing N N 62  
ASP CB  CG   sing N N 63  
ASP CB  HB2  sing N N 64  
ASP CB  HB3  sing N N 65  
ASP CG  OD1  doub N N 66  
ASP CG  OD2  sing N N 67  
ASP OD2 HD2  sing N N 68  
ASP OXT HXT  sing N N 69  
CYS N   CA   sing N N 70  
CYS N   H    sing N N 71  
CYS N   H2   sing N N 72  
CYS CA  C    sing N N 73  
CYS CA  CB   sing N N 74  
CYS CA  HA   sing N N 75  
CYS C   O    doub N N 76  
CYS C   OXT  sing N N 77  
CYS CB  SG   sing N N 78  
CYS CB  HB2  sing N N 79  
CYS CB  HB3  sing N N 80  
CYS SG  HG   sing N N 81  
CYS OXT HXT  sing N N 82  
GLN N   CA   sing N N 83  
GLN N   H    sing N N 84  
GLN N   H2   sing N N 85  
GLN CA  C    sing N N 86  
GLN CA  CB   sing N N 87  
GLN CA  HA   sing N N 88  
GLN C   O    doub N N 89  
GLN C   OXT  sing N N 90  
GLN CB  CG   sing N N 91  
GLN CB  HB2  sing N N 92  
GLN CB  HB3  sing N N 93  
GLN CG  CD   sing N N 94  
GLN CG  HG2  sing N N 95  
GLN CG  HG3  sing N N 96  
GLN CD  OE1  doub N N 97  
GLN CD  NE2  sing N N 98  
GLN NE2 HE21 sing N N 99  
GLN NE2 HE22 sing N N 100 
GLN OXT HXT  sing N N 101 
GLU N   CA   sing N N 102 
GLU N   H    sing N N 103 
GLU N   H2   sing N N 104 
GLU CA  C    sing N N 105 
GLU CA  CB   sing N N 106 
GLU CA  HA   sing N N 107 
GLU C   O    doub N N 108 
GLU C   OXT  sing N N 109 
GLU CB  CG   sing N N 110 
GLU CB  HB2  sing N N 111 
GLU CB  HB3  sing N N 112 
GLU CG  CD   sing N N 113 
GLU CG  HG2  sing N N 114 
GLU CG  HG3  sing N N 115 
GLU CD  OE1  doub N N 116 
GLU CD  OE2  sing N N 117 
GLU OE2 HE2  sing N N 118 
GLU OXT HXT  sing N N 119 
GLY N   CA   sing N N 120 
GLY N   H    sing N N 121 
GLY N   H2   sing N N 122 
GLY CA  C    sing N N 123 
GLY CA  HA2  sing N N 124 
GLY CA  HA3  sing N N 125 
GLY C   O    doub N N 126 
GLY C   OXT  sing N N 127 
GLY OXT HXT  sing N N 128 
HIS N   CA   sing N N 129 
HIS N   H    sing N N 130 
HIS N   H2   sing N N 131 
HIS CA  C    sing N N 132 
HIS CA  CB   sing N N 133 
HIS CA  HA   sing N N 134 
HIS C   O    doub N N 135 
HIS C   OXT  sing N N 136 
HIS CB  CG   sing N N 137 
HIS CB  HB2  sing N N 138 
HIS CB  HB3  sing N N 139 
HIS CG  ND1  sing Y N 140 
HIS CG  CD2  doub Y N 141 
HIS ND1 CE1  doub Y N 142 
HIS ND1 HD1  sing N N 143 
HIS CD2 NE2  sing Y N 144 
HIS CD2 HD2  sing N N 145 
HIS CE1 NE2  sing Y N 146 
HIS CE1 HE1  sing N N 147 
HIS NE2 HE2  sing N N 148 
HIS OXT HXT  sing N N 149 
HOH O   H1   sing N N 150 
HOH O   H2   sing N N 151 
ILE N   CA   sing N N 152 
ILE N   H    sing N N 153 
ILE N   H2   sing N N 154 
ILE CA  C    sing N N 155 
ILE CA  CB   sing N N 156 
ILE CA  HA   sing N N 157 
ILE C   O    doub N N 158 
ILE C   OXT  sing N N 159 
ILE CB  CG1  sing N N 160 
ILE CB  CG2  sing N N 161 
ILE CB  HB   sing N N 162 
ILE CG1 CD1  sing N N 163 
ILE CG1 HG12 sing N N 164 
ILE CG1 HG13 sing N N 165 
ILE CG2 HG21 sing N N 166 
ILE CG2 HG22 sing N N 167 
ILE CG2 HG23 sing N N 168 
ILE CD1 HD11 sing N N 169 
ILE CD1 HD12 sing N N 170 
ILE CD1 HD13 sing N N 171 
ILE OXT HXT  sing N N 172 
LEU N   CA   sing N N 173 
LEU N   H    sing N N 174 
LEU N   H2   sing N N 175 
LEU CA  C    sing N N 176 
LEU CA  CB   sing N N 177 
LEU CA  HA   sing N N 178 
LEU C   O    doub N N 179 
LEU C   OXT  sing N N 180 
LEU CB  CG   sing N N 181 
LEU CB  HB2  sing N N 182 
LEU CB  HB3  sing N N 183 
LEU CG  CD1  sing N N 184 
LEU CG  CD2  sing N N 185 
LEU CG  HG   sing N N 186 
LEU CD1 HD11 sing N N 187 
LEU CD1 HD12 sing N N 188 
LEU CD1 HD13 sing N N 189 
LEU CD2 HD21 sing N N 190 
LEU CD2 HD22 sing N N 191 
LEU CD2 HD23 sing N N 192 
LEU OXT HXT  sing N N 193 
LYS N   CA   sing N N 194 
LYS N   H    sing N N 195 
LYS N   H2   sing N N 196 
LYS CA  C    sing N N 197 
LYS CA  CB   sing N N 198 
LYS CA  HA   sing N N 199 
LYS C   O    doub N N 200 
LYS C   OXT  sing N N 201 
LYS CB  CG   sing N N 202 
LYS CB  HB2  sing N N 203 
LYS CB  HB3  sing N N 204 
LYS CG  CD   sing N N 205 
LYS CG  HG2  sing N N 206 
LYS CG  HG3  sing N N 207 
LYS CD  CE   sing N N 208 
LYS CD  HD2  sing N N 209 
LYS CD  HD3  sing N N 210 
LYS CE  NZ   sing N N 211 
LYS CE  HE2  sing N N 212 
LYS CE  HE3  sing N N 213 
LYS NZ  HZ1  sing N N 214 
LYS NZ  HZ2  sing N N 215 
LYS NZ  HZ3  sing N N 216 
LYS OXT HXT  sing N N 217 
MET N   CA   sing N N 218 
MET N   H    sing N N 219 
MET N   H2   sing N N 220 
MET CA  C    sing N N 221 
MET CA  CB   sing N N 222 
MET CA  HA   sing N N 223 
MET C   O    doub N N 224 
MET C   OXT  sing N N 225 
MET CB  CG   sing N N 226 
MET CB  HB2  sing N N 227 
MET CB  HB3  sing N N 228 
MET CG  SD   sing N N 229 
MET CG  HG2  sing N N 230 
MET CG  HG3  sing N N 231 
MET SD  CE   sing N N 232 
MET CE  HE1  sing N N 233 
MET CE  HE2  sing N N 234 
MET CE  HE3  sing N N 235 
MET OXT HXT  sing N N 236 
PHE N   CA   sing N N 237 
PHE N   H    sing N N 238 
PHE N   H2   sing N N 239 
PHE CA  C    sing N N 240 
PHE CA  CB   sing N N 241 
PHE CA  HA   sing N N 242 
PHE C   O    doub N N 243 
PHE C   OXT  sing N N 244 
PHE CB  CG   sing N N 245 
PHE CB  HB2  sing N N 246 
PHE CB  HB3  sing N N 247 
PHE CG  CD1  doub Y N 248 
PHE CG  CD2  sing Y N 249 
PHE CD1 CE1  sing Y N 250 
PHE CD1 HD1  sing N N 251 
PHE CD2 CE2  doub Y N 252 
PHE CD2 HD2  sing N N 253 
PHE CE1 CZ   doub Y N 254 
PHE CE1 HE1  sing N N 255 
PHE CE2 CZ   sing Y N 256 
PHE CE2 HE2  sing N N 257 
PHE CZ  HZ   sing N N 258 
PHE OXT HXT  sing N N 259 
PRO N   CA   sing N N 260 
PRO N   CD   sing N N 261 
PRO N   H    sing N N 262 
PRO CA  C    sing N N 263 
PRO CA  CB   sing N N 264 
PRO CA  HA   sing N N 265 
PRO C   O    doub N N 266 
PRO C   OXT  sing N N 267 
PRO CB  CG   sing N N 268 
PRO CB  HB2  sing N N 269 
PRO CB  HB3  sing N N 270 
PRO CG  CD   sing N N 271 
PRO CG  HG2  sing N N 272 
PRO CG  HG3  sing N N 273 
PRO CD  HD2  sing N N 274 
PRO CD  HD3  sing N N 275 
PRO OXT HXT  sing N N 276 
THR N   CA   sing N N 277 
THR N   H    sing N N 278 
THR N   H2   sing N N 279 
THR CA  C    sing N N 280 
THR CA  CB   sing N N 281 
THR CA  HA   sing N N 282 
THR C   O    doub N N 283 
THR C   OXT  sing N N 284 
THR CB  OG1  sing N N 285 
THR CB  CG2  sing N N 286 
THR CB  HB   sing N N 287 
THR OG1 HG1  sing N N 288 
THR CG2 HG21 sing N N 289 
THR CG2 HG22 sing N N 290 
THR CG2 HG23 sing N N 291 
THR OXT HXT  sing N N 292 
TRP N   CA   sing N N 293 
TRP N   H    sing N N 294 
TRP N   H2   sing N N 295 
TRP CA  C    sing N N 296 
TRP CA  CB   sing N N 297 
TRP CA  HA   sing N N 298 
TRP C   O    doub N N 299 
TRP C   OXT  sing N N 300 
TRP CB  CG   sing N N 301 
TRP CB  HB2  sing N N 302 
TRP CB  HB3  sing N N 303 
TRP CG  CD1  doub Y N 304 
TRP CG  CD2  sing Y N 305 
TRP CD1 NE1  sing Y N 306 
TRP CD1 HD1  sing N N 307 
TRP CD2 CE2  doub Y N 308 
TRP CD2 CE3  sing Y N 309 
TRP NE1 CE2  sing Y N 310 
TRP NE1 HE1  sing N N 311 
TRP CE2 CZ2  sing Y N 312 
TRP CE3 CZ3  doub Y N 313 
TRP CE3 HE3  sing N N 314 
TRP CZ2 CH2  doub Y N 315 
TRP CZ2 HZ2  sing N N 316 
TRP CZ3 CH2  sing Y N 317 
TRP CZ3 HZ3  sing N N 318 
TRP CH2 HH2  sing N N 319 
TRP OXT HXT  sing N N 320 
TYR N   CA   sing N N 321 
TYR N   H    sing N N 322 
TYR N   H2   sing N N 323 
TYR CA  C    sing N N 324 
TYR CA  CB   sing N N 325 
TYR CA  HA   sing N N 326 
TYR C   O    doub N N 327 
TYR C   OXT  sing N N 328 
TYR CB  CG   sing N N 329 
TYR CB  HB2  sing N N 330 
TYR CB  HB3  sing N N 331 
TYR CG  CD1  doub Y N 332 
TYR CG  CD2  sing Y N 333 
TYR CD1 CE1  sing Y N 334 
TYR CD1 HD1  sing N N 335 
TYR CD2 CE2  doub Y N 336 
TYR CD2 HD2  sing N N 337 
TYR CE1 CZ   doub Y N 338 
TYR CE1 HE1  sing N N 339 
TYR CE2 CZ   sing Y N 340 
TYR CE2 HE2  sing N N 341 
TYR CZ  OH   sing N N 342 
TYR OH  HH   sing N N 343 
TYR OXT HXT  sing N N 344 
VAL N   CA   sing N N 345 
VAL N   H    sing N N 346 
VAL N   H2   sing N N 347 
VAL CA  C    sing N N 348 
VAL CA  CB   sing N N 349 
VAL CA  HA   sing N N 350 
VAL C   O    doub N N 351 
VAL C   OXT  sing N N 352 
VAL CB  CG1  sing N N 353 
VAL CB  CG2  sing N N 354 
VAL CB  HB   sing N N 355 
VAL CG1 HG11 sing N N 356 
VAL CG1 HG12 sing N N 357 
VAL CG1 HG13 sing N N 358 
VAL CG2 HG21 sing N N 359 
VAL CG2 HG22 sing N N 360 
VAL CG2 HG23 sing N N 361 
VAL OXT HXT  sing N N 362 
# 
_pdbx_audit_support.funding_organization   
'National Institutes of Health/National Institute Of Allergy and Infectious Diseases (NIH/NIAID)' 
_pdbx_audit_support.country                'United States' 
_pdbx_audit_support.grant_number           ? 
_pdbx_audit_support.ordinal                1 
# 
_atom_sites.entry_id                    4YOB 
_atom_sites.fract_transf_matrix[1][1]   -0.01026932 
_atom_sites.fract_transf_matrix[1][2]   -0.01451535 
_atom_sites.fract_transf_matrix[1][3]   0.01270946 
_atom_sites.fract_transf_matrix[2][1]   -0.01767962 
_atom_sites.fract_transf_matrix[2][2]   0.01284401 
_atom_sites.fract_transf_matrix[2][3]   0.00038379 
_atom_sites.fract_transf_matrix[3][1]   -0.00345726 
_atom_sites.fract_transf_matrix[3][2]   -0.00452111 
_atom_sites.fract_transf_matrix[3][3]   -0.00795701 
_atom_sites.fract_transf_vector[1]      -0.057458 
_atom_sites.fract_transf_vector[2]      0.092293 
_atom_sites.fract_transf_vector[3]      -0.137431 
# 
loop_
_atom_type.symbol 
C 
N 
O 
S 
# 
loop_
_atom_site.group_PDB 
_atom_site.id 
_atom_site.type_symbol 
_atom_site.label_atom_id 
_atom_site.label_alt_id 
_atom_site.label_comp_id 
_atom_site.label_asym_id 
_atom_site.label_entity_id 
_atom_site.label_seq_id 
_atom_site.pdbx_PDB_ins_code 
_atom_site.Cartn_x 
_atom_site.Cartn_y 
_atom_site.Cartn_z 
_atom_site.occupancy 
_atom_site.B_iso_or_equiv 
_atom_site.pdbx_formal_charge 
_atom_site.auth_seq_id 
_atom_site.auth_comp_id 
_atom_site.auth_asym_id 
_atom_site.auth_atom_id 
_atom_site.pdbx_PDB_model_num 
ATOM   1   N N   . PRO A 1 1  ? 10.034  -12.696 7.232   1.00 27.77 ? 1   PRO A N   1 
ATOM   2   C CA  . PRO A 1 1  ? 11.366  -12.170 7.528   1.00 29.16 ? 1   PRO A CA  1 
ATOM   3   C C   . PRO A 1 1  ? 11.367  -11.233 8.726   1.00 25.45 ? 1   PRO A C   1 
ATOM   4   O O   . PRO A 1 1  ? 10.311  -10.863 9.249   1.00 27.11 ? 1   PRO A O   1 
ATOM   5   C CB  . PRO A 1 1  ? 11.722  -11.404 6.257   1.00 34.22 ? 1   PRO A CB  1 
ATOM   6   C CG  . PRO A 1 1  ? 10.399  -10.908 5.767   1.00 38.30 ? 1   PRO A CG  1 
ATOM   7   C CD  . PRO A 1 1  ? 9.408   -11.998 6.096   1.00 31.41 ? 1   PRO A CD  1 
ATOM   8   N N   . GLN A 1 2  ? 12.561  -10.874 9.171   1.00 22.31 ? 2   GLN A N   1 
ATOM   9   C CA  . GLN A 1 2  ? 12.716  -9.820  10.156  1.00 22.83 ? 2   GLN A CA  1 
ATOM   10  C C   . GLN A 1 2  ? 13.403  -8.666  9.454   1.00 27.46 ? 2   GLN A C   1 
ATOM   11  O O   . GLN A 1 2  ? 14.474  -8.842  8.865   1.00 29.96 ? 2   GLN A O   1 
ATOM   12  C CB  . GLN A 1 2  ? 13.529  -10.285 11.365  1.00 22.17 ? 2   GLN A CB  1 
ATOM   13  C CG  . GLN A 1 2  ? 14.013  -9.133  12.233  1.00 26.67 ? 2   GLN A CG  1 
ATOM   14  C CD  . GLN A 1 2  ? 14.583  -9.597  13.553  1.00 31.02 ? 2   GLN A CD  1 
ATOM   15  O OE1 . GLN A 1 2  ? 15.797  -9.582  13.757  1.00 41.29 ? 2   GLN A OE1 1 
ATOM   16  N NE2 . GLN A 1 2  ? 13.709  -10.005 14.465  1.00 31.94 ? 2   GLN A NE2 1 
ATOM   17  N N   . ILE A 1 3  ? 12.780  -7.493  9.488   1.00 21.18 ? 3   ILE A N   1 
ATOM   18  C CA  . ILE A 1 3  ? 13.323  -6.331  8.795   1.00 19.36 ? 3   ILE A CA  1 
ATOM   19  C C   . ILE A 1 3  ? 13.748  -5.278  9.807   1.00 19.96 ? 3   ILE A C   1 
ATOM   20  O O   . ILE A 1 3  ? 12.927  -4.785  10.581  1.00 20.42 ? 3   ILE A O   1 
ATOM   21  C CB  . ILE A 1 3  ? 12.297  -5.749  7.811   1.00 18.60 ? 3   ILE A CB  1 
ATOM   22  C CG1 . ILE A 1 3  ? 11.945  -6.802  6.756   1.00 21.13 ? 3   ILE A CG1 1 
ATOM   23  C CG2 . ILE A 1 3  ? 12.837  -4.492  7.124   1.00 20.93 ? 3   ILE A CG2 1 
ATOM   24  C CD1 . ILE A 1 3  ? 10.786  -6.403  5.861   1.00 20.78 ? 3   ILE A CD1 1 
ATOM   25  N N   A THR A 1 4  ? 15.042  -4.963  9.823   0.92 18.46 ? 4   THR A N   1 
ATOM   26  N N   B THR A 1 4  ? 15.035  -4.952  9.822   0.08 18.23 ? 4   THR A N   1 
ATOM   27  C CA  A THR A 1 4  ? 15.556  -3.930  10.716  0.92 16.07 ? 4   THR A CA  1 
ATOM   28  C CA  B THR A 1 4  ? 15.543  -3.928  10.726  0.08 17.92 ? 4   THR A CA  1 
ATOM   29  C C   A THR A 1 4  ? 15.243  -2.563  10.107  0.92 17.89 ? 4   THR A C   1 
ATOM   30  C C   B THR A 1 4  ? 15.418  -2.553  10.070  0.08 18.76 ? 4   THR A C   1 
ATOM   31  O O   A THR A 1 4  ? 14.826  -2.467  8.947   0.92 21.44 ? 4   THR A O   1 
ATOM   32  O O   B THR A 1 4  ? 15.316  -2.447  8.848   0.08 20.70 ? 4   THR A O   1 
ATOM   33  C CB  A THR A 1 4  ? 17.064  -4.079  10.967  0.92 19.09 ? 4   THR A CB  1 
ATOM   34  C CB  B THR A 1 4  ? 17.002  -4.204  11.136  0.08 19.40 ? 4   THR A CB  1 
ATOM   35  O OG1 A THR A 1 4  ? 17.781  -3.964  9.734   0.92 22.47 ? 4   THR A OG1 1 
ATOM   36  O OG1 B THR A 1 4  ? 17.409  -3.259  12.133  0.08 17.07 ? 4   THR A OG1 1 
ATOM   37  C CG2 A THR A 1 4  ? 17.373  -5.443  11.594  0.92 22.92 ? 4   THR A CG2 1 
ATOM   38  C CG2 B THR A 1 4  ? 17.930  -4.126  9.937   0.08 20.59 ? 4   THR A CG2 1 
ATOM   39  N N   . LEU A 1 5  ? 15.426  -1.502  10.883  1.00 18.92 ? 5   LEU A N   1 
ATOM   40  C CA  . LEU A 1 5  ? 14.997  -0.188  10.415  1.00 16.11 ? 5   LEU A CA  1 
ATOM   41  C C   . LEU A 1 5  ? 16.124  0.817   10.196  1.00 18.86 ? 5   LEU A C   1 
ATOM   42  O O   . LEU A 1 5  ? 15.890  2.029   10.168  1.00 17.57 ? 5   LEU A O   1 
ATOM   43  C CB  . LEU A 1 5  ? 13.953  0.361   11.390  1.00 16.03 ? 5   LEU A CB  1 
ATOM   44  C CG  . LEU A 1 5  ? 12.682  -0.494  11.395  1.00 14.12 ? 5   LEU A CG  1 
ATOM   45  C CD1 . LEU A 1 5  ? 11.781  -0.154  12.585  1.00 18.16 ? 5   LEU A CD1 1 
ATOM   46  C CD2 . LEU A 1 5  ? 11.914  -0.331  10.088  1.00 16.22 ? 5   LEU A CD2 1 
ATOM   47  N N   . TRP A 1 6  ? 17.351  0.325   10.016  1.00 16.37 ? 6   TRP A N   1 
ATOM   48  C CA  . TRP A 1 6  ? 18.477  1.188   9.688   1.00 16.80 ? 6   TRP A CA  1 
ATOM   49  C C   . TRP A 1 6  ? 18.320  1.846   8.311   1.00 17.39 ? 6   TRP A C   1 
ATOM   50  O O   . TRP A 1 6  ? 18.841  2.936   8.084   1.00 21.35 ? 6   TRP A O   1 
ATOM   51  C CB  . TRP A 1 6  ? 19.793  0.396   9.752   1.00 15.68 ? 6   TRP A CB  1 
ATOM   52  C CG  . TRP A 1 6  ? 20.025  -0.302  11.079  1.00 18.14 ? 6   TRP A CG  1 
ATOM   53  C CD1 . TRP A 1 6  ? 19.757  -1.608  11.376  1.00 23.73 ? 6   TRP A CD1 1 
ATOM   54  C CD2 . TRP A 1 6  ? 20.571  0.278   12.274  1.00 18.48 ? 6   TRP A CD2 1 
ATOM   55  N NE1 . TRP A 1 6  ? 20.112  -1.878  12.683  1.00 21.68 ? 6   TRP A NE1 1 
ATOM   56  C CE2 . TRP A 1 6  ? 20.614  -0.738  13.251  1.00 20.50 ? 6   TRP A CE2 1 
ATOM   57  C CE3 . TRP A 1 6  ? 21.036  1.554   12.606  1.00 18.95 ? 6   TRP A CE3 1 
ATOM   58  C CZ2 . TRP A 1 6  ? 21.092  -0.512  14.547  1.00 21.00 ? 6   TRP A CZ2 1 
ATOM   59  C CZ3 . TRP A 1 6  ? 21.525  1.775   13.898  1.00 19.95 ? 6   TRP A CZ3 1 
ATOM   60  C CH2 . TRP A 1 6  ? 21.543  0.745   14.849  1.00 22.16 ? 6   TRP A CH2 1 
ATOM   61  N N   . LYS A 1 7  ? 17.627  1.162   7.401   1.00 17.51 ? 7   LYS A N   1 
ATOM   62  C CA  . LYS A 1 7  ? 17.266  1.686   6.086   1.00 17.28 ? 7   LYS A CA  1 
ATOM   63  C C   . LYS A 1 7  ? 15.744  1.771   5.965   1.00 16.46 ? 7   LYS A C   1 
ATOM   64  O O   . LYS A 1 7  ? 15.025  1.175   6.761   1.00 17.50 ? 7   LYS A O   1 
ATOM   65  C CB  . LYS A 1 7  ? 17.804  0.783   4.971   1.00 21.96 ? 7   LYS A CB  1 
ATOM   66  C CG  . LYS A 1 7  ? 19.316  0.593   4.984   1.00 27.23 ? 7   LYS A CG  1 
ATOM   67  C CD  . LYS A 1 7  ? 19.729  -0.456  3.945   1.00 36.55 ? 7   LYS A CD  1 
ATOM   68  C CE  . LYS A 1 7  ? 21.240  -0.631  3.893   1.00 46.99 ? 7   LYS A CE  1 
ATOM   69  N NZ  . LYS A 1 7  ? 21.645  -1.825  3.094   1.00 52.35 ? 7   LYS A NZ  1 
ATOM   70  N N   . ARG A 1 8  ? 15.241  2.482   4.959   1.00 17.20 ? 8   ARG A N   1 
ATOM   71  C CA  . ARG A 1 8  ? 13.802  2.472   4.726   1.00 18.41 ? 8   ARG A CA  1 
ATOM   72  C C   . ARG A 1 8  ? 13.336  1.059   4.370   1.00 18.45 ? 8   ARG A C   1 
ATOM   73  O O   . ARG A 1 8  ? 13.970  0.378   3.553   1.00 17.32 ? 8   ARG A O   1 
ATOM   74  C CB  . ARG A 1 8  ? 13.419  3.448   3.610   1.00 20.12 ? 8   ARG A CB  1 
ATOM   75  C CG  . ARG A 1 8  ? 13.735  4.883   3.937   1.00 20.86 ? 8   ARG A CG  1 
ATOM   76  C CD  . ARG A 1 8  ? 13.281  5.845   2.838   1.00 29.10 ? 8   ARG A CD  1 
ATOM   77  N NE  . ARG A 1 8  ? 13.653  7.221   3.173   1.00 37.59 ? 8   ARG A NE  1 
ATOM   78  C CZ  . ARG A 1 8  ? 13.511  8.266   2.357   1.00 53.19 ? 8   ARG A CZ  1 
ATOM   79  N NH1 . ARG A 1 8  ? 13.010  8.101   1.140   1.00 54.46 ? 8   ARG A NH1 1 
ATOM   80  N NH2 . ARG A 1 8  ? 13.881  9.477   2.758   1.00 47.13 ? 8   ARG A NH2 1 
ATOM   81  N N   . PRO A 1 9  ? 12.237  0.603   4.995   1.00 16.03 ? 9   PRO A N   1 
ATOM   82  C CA  . PRO A 1 9  ? 11.777  -0.772  4.772   1.00 16.04 ? 9   PRO A CA  1 
ATOM   83  C C   . PRO A 1 9  ? 10.982  -0.920  3.470   1.00 16.26 ? 9   PRO A C   1 
ATOM   84  O O   . PRO A 1 9  ? 9.757   -1.013  3.463   1.00 16.98 ? 9   PRO A O   1 
ATOM   85  C CB  . PRO A 1 9  ? 10.911  -1.054  6.010   1.00 16.17 ? 9   PRO A CB  1 
ATOM   86  C CG  . PRO A 1 9  ? 10.396  0.298   6.420   1.00 15.75 ? 9   PRO A CG  1 
ATOM   87  C CD  . PRO A 1 9  ? 11.548  1.239   6.138   1.00 15.94 ? 9   PRO A CD  1 
ATOM   88  N N   . ILE A 1 10 ? 11.716  -0.950  2.365   1.00 16.93 ? 10  ILE A N   1 
ATOM   89  C CA  . ILE A 1 10 ? 11.143  -1.125  1.032   1.00 18.78 ? 10  ILE A CA  1 
ATOM   90  C C   . ILE A 1 10 ? 11.099  -2.604  0.667   1.00 19.21 ? 10  ILE A C   1 
ATOM   91  O O   . ILE A 1 10 ? 12.098  -3.316  0.836   1.00 22.93 ? 10  ILE A O   1 
ATOM   92  C CB  . ILE A 1 10 ? 11.962  -0.382  -0.032  1.00 22.33 ? 10  ILE A CB  1 
ATOM   93  C CG1 . ILE A 1 10 ? 12.129  1.094   0.327   1.00 25.40 ? 10  ILE A CG1 1 
ATOM   94  C CG2 . ILE A 1 10 ? 11.331  -0.553  -1.415  1.00 23.13 ? 10  ILE A CG2 1 
ATOM   95  C CD1 . ILE A 1 10 ? 10.867  1.875   0.253   1.00 30.97 ? 10  ILE A CD1 1 
ATOM   96  N N   . VAL A 1 11 ? 9.952   -3.063  0.172   1.00 17.86 ? 11  VAL A N   1 
ATOM   97  C CA  . VAL A 1 11 ? 9.798   -4.460  -0.211  1.00 19.45 ? 11  VAL A CA  1 
ATOM   98  C C   . VAL A 1 11 ? 9.193   -4.583  -1.602  1.00 23.06 ? 11  VAL A C   1 
ATOM   99  O O   . VAL A 1 11 ? 8.627   -3.622  -2.144  1.00 19.11 ? 11  VAL A O   1 
ATOM   100 C CB  . VAL A 1 11 ? 8.910   -5.248  0.780   1.00 18.69 ? 11  VAL A CB  1 
ATOM   101 C CG1 . VAL A 1 11 ? 9.570   -5.322  2.169   1.00 20.06 ? 11  VAL A CG1 1 
ATOM   102 C CG2 . VAL A 1 11 ? 7.515   -4.642  0.864   1.00 20.96 ? 11  VAL A CG2 1 
ATOM   103 N N   . THR A 1 12 ? 9.319   -5.778  -2.169  1.00 20.64 ? 12  THR A N   1 
ATOM   104 C CA  . THR A 1 12 ? 8.828   -6.061  -3.515  1.00 18.43 ? 12  THR A CA  1 
ATOM   105 C C   . THR A 1 12 ? 7.357   -6.433  -3.499  1.00 21.73 ? 12  THR A C   1 
ATOM   106 O O   . THR A 1 12 ? 6.896   -7.166  -2.622  1.00 21.56 ? 12  THR A O   1 
ATOM   107 C CB  . THR A 1 12 ? 9.646   -7.178  -4.151  1.00 22.91 ? 12  THR A CB  1 
ATOM   108 O OG1 . THR A 1 12 ? 11.005  -6.740  -4.261  1.00 29.23 ? 12  THR A OG1 1 
ATOM   109 C CG2 . THR A 1 12 ? 9.120   -7.530  -5.538  1.00 26.48 ? 12  THR A CG2 1 
ATOM   110 N N   . ILE A 1 13 ? 6.625   -5.905  -4.472  1.00 19.51 ? 13  ILE A N   1 
ATOM   111 C CA  . ILE A 1 13 ? 5.183   -6.056  -4.564  1.00 19.65 ? 13  ILE A CA  1 
ATOM   112 C C   . ILE A 1 13 ? 4.797   -6.614  -5.921  1.00 20.30 ? 13  ILE A C   1 
ATOM   113 O O   . ILE A 1 13 ? 5.344   -6.184  -6.936  1.00 22.08 ? 13  ILE A O   1 
ATOM   114 C CB  . ILE A 1 13 ? 4.462   -4.698  -4.391  1.00 18.75 ? 13  ILE A CB  1 
ATOM   115 C CG1 . ILE A 1 13 ? 4.932   -3.977  -3.126  1.00 20.45 ? 13  ILE A CG1 1 
ATOM   116 C CG2 . ILE A 1 13 ? 2.935   -4.873  -4.456  1.00 20.95 ? 13  ILE A CG2 1 
ATOM   117 C CD1 . ILE A 1 13 ? 4.528   -4.656  -1.821  1.00 22.15 ? 13  ILE A CD1 1 
ATOM   118 N N   . LYS A 1 14 ? 3.862   -7.562  -5.942  1.00 17.54 ? 14  LYS A N   1 
ATOM   119 C CA  . LYS A 1 14 ? 3.130   -7.863  -7.166  1.00 17.44 ? 14  LYS A CA  1 
ATOM   120 C C   . LYS A 1 14 ? 1.710   -7.316  -7.054  1.00 22.34 ? 14  LYS A C   1 
ATOM   121 O O   . LYS A 1 14 ? 0.952   -7.700  -6.156  1.00 21.64 ? 14  LYS A O   1 
ATOM   122 C CB  . LYS A 1 14 ? 3.109   -9.364  -7.446  1.00 17.94 ? 14  LYS A CB  1 
ATOM   123 C CG  . LYS A 1 14 ? 4.488   -9.925  -7.751  1.00 20.64 ? 14  LYS A CG  1 
ATOM   124 C CD  . LYS A 1 14 ? 4.434   -11.384 -8.191  1.00 21.68 ? 14  LYS A CD  1 
ATOM   125 C CE  . LYS A 1 14 ? 5.836   -11.942 -8.348  1.00 26.61 ? 14  LYS A CE  1 
ATOM   126 N NZ  . LYS A 1 14 ? 5.850   -13.333 -8.874  1.00 25.40 ? 14  LYS A NZ  1 
ATOM   127 N N   . ILE A 1 15 ? 1.364   -6.406  -7.957  1.00 19.62 ? 15  ILE A N   1 
ATOM   128 C CA  . ILE A 1 15 ? 0.043   -5.782  -7.957  1.00 19.49 ? 15  ILE A CA  1 
ATOM   129 C C   . ILE A 1 15 ? -0.361  -5.405  -9.378  1.00 20.12 ? 15  ILE A C   1 
ATOM   130 O O   . ILE A 1 15 ? 0.458   -4.915  -10.155 1.00 23.82 ? 15  ILE A O   1 
ATOM   131 C CB  . ILE A 1 15 ? 0.010   -4.530  -7.042  1.00 20.55 ? 15  ILE A CB  1 
ATOM   132 C CG1 . ILE A 1 15 ? -1.399  -3.925  -6.993  1.00 21.14 ? 15  ILE A CG1 1 
ATOM   133 C CG2 . ILE A 1 15 ? 1.058   -3.492  -7.475  1.00 22.53 ? 15  ILE A CG2 1 
ATOM   134 C CD1 . ILE A 1 15 ? -1.510  -2.742  -6.049  1.00 22.67 ? 15  ILE A CD1 1 
ATOM   135 N N   . GLY A 1 16 ? -1.622  -5.662  -9.710  1.00 23.64 ? 16  GLY A N   1 
ATOM   136 C CA  . GLY A 1 16 ? -2.169  -5.286  -10.999 1.00 26.37 ? 16  GLY A CA  1 
ATOM   137 C C   . GLY A 1 16 ? -1.428  -5.857  -12.193 1.00 30.75 ? 16  GLY A C   1 
ATOM   138 O O   . GLY A 1 16 ? -1.443  -5.265  -13.263 1.00 30.45 ? 16  GLY A O   1 
ATOM   139 N N   . GLY A 1 17 ? -0.779  -7.001  -12.000 1.00 24.24 ? 17  GLY A N   1 
ATOM   140 C CA  . GLY A 1 17 ? -0.005  -7.633  -13.056 1.00 24.39 ? 17  GLY A CA  1 
ATOM   141 C C   . GLY A 1 17 ? 1.371   -7.019  -13.250 1.00 24.81 ? 17  GLY A C   1 
ATOM   142 O O   . GLY A 1 17 ? 2.065   -7.330  -14.228 1.00 26.94 ? 17  GLY A O   1 
ATOM   143 N N   . GLN A 1 18 ? 1.774   -6.155  -12.320 1.00 24.32 ? 18  GLN A N   1 
ATOM   144 C CA  . GLN A 1 18 ? 3.068   -5.477  -12.401 1.00 23.69 ? 18  GLN A CA  1 
ATOM   145 C C   . GLN A 1 18 ? 3.956   -5.828  -11.225 1.00 22.23 ? 18  GLN A C   1 
ATOM   146 O O   . GLN A 1 18 ? 3.474   -6.311  -10.203 1.00 22.46 ? 18  GLN A O   1 
ATOM   147 C CB  . GLN A 1 18 ? 2.890   -3.962  -12.441 1.00 26.80 ? 18  GLN A CB  1 
ATOM   148 C CG  . GLN A 1 18 ? 2.289   -3.417  -13.721 1.00 34.57 ? 18  GLN A CG  1 
ATOM   149 C CD  . GLN A 1 18 ? 2.356   -1.904  -13.772 1.00 46.04 ? 18  GLN A CD  1 
ATOM   150 O OE1 . GLN A 1 18 ? 3.435   -1.320  -13.894 1.00 58.76 ? 18  GLN A OE1 1 
ATOM   151 N NE2 . GLN A 1 18 ? 1.202   -1.258  -13.655 1.00 43.55 ? 18  GLN A NE2 1 
ATOM   152 N N   . LEU A 1 19 ? 5.249   -5.558  -11.373 1.00 24.95 ? 19  LEU A N   1 
ATOM   153 C CA  . LEU A 1 19 ? 6.209   -5.650  -10.277 1.00 24.74 ? 19  LEU A CA  1 
ATOM   154 C C   . LEU A 1 19 ? 6.494   -4.250  -9.760  1.00 22.65 ? 19  LEU A C   1 
ATOM   155 O O   . LEU A 1 19 ? 6.858   -3.358  -10.528 1.00 27.89 ? 19  LEU A O   1 
ATOM   156 C CB  . LEU A 1 19 ? 7.502   -6.316  -10.740 1.00 31.44 ? 19  LEU A CB  1 
ATOM   157 C CG  . LEU A 1 19 ? 7.727   -7.783  -10.403 1.00 43.14 ? 19  LEU A CG  1 
ATOM   158 C CD1 . LEU A 1 19 ? 9.044   -8.226  -11.017 1.00 43.61 ? 19  LEU A CD1 1 
ATOM   159 C CD2 . LEU A 1 19 ? 7.746   -7.969  -8.901  1.00 35.04 ? 19  LEU A CD2 1 
ATOM   160 N N   . LYS A 1 20 ? 6.308   -4.048  -8.463  1.00 21.22 ? 20  LYS A N   1 
ATOM   161 C CA  . LYS A 1 20 ? 6.495   -2.731  -7.885  1.00 19.61 ? 20  LYS A CA  1 
ATOM   162 C C   . LYS A 1 20 ? 7.318   -2.840  -6.606  1.00 19.24 ? 20  LYS A C   1 
ATOM   163 O O   . LYS A 1 20 ? 7.603   -3.945  -6.135  1.00 23.75 ? 20  LYS A O   1 
ATOM   164 C CB  . LYS A 1 20 ? 5.148   -2.068  -7.579  1.00 19.68 ? 20  LYS A CB  1 
ATOM   165 C CG  . LYS A 1 20 ? 4.224   -1.839  -8.770  1.00 25.45 ? 20  LYS A CG  1 
ATOM   166 C CD  . LYS A 1 20 ? 4.684   -0.680  -9.616  1.00 30.26 ? 20  LYS A CD  1 
ATOM   167 C CE  . LYS A 1 20 ? 3.587   -0.216  -10.568 1.00 34.29 ? 20  LYS A CE  1 
ATOM   168 N NZ  . LYS A 1 20 ? 4.012   0.999   -11.312 1.00 38.50 ? 20  LYS A NZ  1 
ATOM   169 N N   . GLU A 1 21 ? 7.709   -1.685  -6.076  1.00 18.90 ? 21  GLU A N   1 
ATOM   170 C CA  . GLU A 1 21 ? 8.296   -1.579  -4.735  1.00 19.87 ? 21  GLU A CA  1 
ATOM   171 C C   . GLU A 1 21 ? 7.388   -0.724  -3.869  1.00 20.98 ? 21  GLU A C   1 
ATOM   172 O O   . GLU A 1 21 ? 6.704   0.153   -4.376  1.00 21.71 ? 21  GLU A O   1 
ATOM   173 C CB  . GLU A 1 21 ? 9.685   -0.952  -4.778  1.00 21.93 ? 21  GLU A CB  1 
ATOM   174 C CG  . GLU A 1 21 ? 10.757  -1.816  -5.405  1.00 38.35 ? 21  GLU A CG  1 
ATOM   175 C CD  . GLU A 1 21 ? 12.131  -1.221  -5.198  1.00 48.04 ? 21  GLU A CD  1 
ATOM   176 O OE1 . GLU A 1 21 ? 12.227  0.025   -5.122  1.00 50.73 ? 21  GLU A OE1 1 
ATOM   177 O OE2 . GLU A 1 21 ? 13.110  -1.989  -5.097  1.00 59.03 ? 21  GLU A OE2 1 
ATOM   178 N N   . ALA A 1 22 ? 7.398   -0.954  -2.559  1.00 17.75 ? 22  ALA A N   1 
ATOM   179 C CA  . ALA A 1 22 ? 6.614   -0.120  -1.651  1.00 16.14 ? 22  ALA A CA  1 
ATOM   180 C C   . ALA A 1 22 ? 7.228   -0.084  -0.263  1.00 16.44 ? 22  ALA A C   1 
ATOM   181 O O   . ALA A 1 22 ? 7.922   -1.013  0.147   1.00 18.15 ? 22  ALA A O   1 
ATOM   182 C CB  . ALA A 1 22 ? 5.158   -0.611  -1.569  1.00 16.53 ? 22  ALA A CB  1 
ATOM   183 N N   . LEU A 1 23 ? 6.942   0.994   0.455   1.00 15.44 ? 23  LEU A N   1 
ATOM   184 C CA  . LEU A 1 23 ? 7.448   1.228   1.802   1.00 15.40 ? 23  LEU A CA  1 
ATOM   185 C C   . LEU A 1 23 ? 6.496   0.652   2.853   1.00 15.32 ? 23  LEU A C   1 
ATOM   186 O O   . LEU A 1 23 ? 5.304   0.978   2.837   1.00 15.63 ? 23  LEU A O   1 
ATOM   187 C CB  . LEU A 1 23 ? 7.614   2.729   2.014   1.00 14.90 ? 23  LEU A CB  1 
ATOM   188 C CG  . LEU A 1 23 ? 8.051   3.221   3.393   1.00 16.67 ? 23  LEU A CG  1 
ATOM   189 C CD1 . LEU A 1 23 ? 9.476   2.802   3.641   1.00 21.62 ? 23  LEU A CD1 1 
ATOM   190 C CD2 . LEU A 1 23 ? 7.919   4.736   3.464   1.00 18.99 ? 23  LEU A CD2 1 
ATOM   191 N N   . LEU A 1 24 ? 6.993   -0.197  3.756   1.00 14.58 ? 24  LEU A N   1 
ATOM   192 C CA  . LEU A 1 24 ? 6.177   -0.670  4.882   1.00 13.83 ? 24  LEU A CA  1 
ATOM   193 C C   . LEU A 1 24 ? 6.075   0.466   5.905   1.00 15.42 ? 24  LEU A C   1 
ATOM   194 O O   . LEU A 1 24 ? 7.073   0.832   6.538   1.00 16.03 ? 24  LEU A O   1 
ATOM   195 C CB  . LEU A 1 24 ? 6.779   -1.929  5.515   1.00 14.24 ? 24  LEU A CB  1 
ATOM   196 C CG  . LEU A 1 24 ? 6.883   -3.171  4.611   1.00 16.36 ? 24  LEU A CG  1 
ATOM   197 C CD1 . LEU A 1 24 ? 7.605   -4.299  5.345   1.00 19.48 ? 24  LEU A CD1 1 
ATOM   198 C CD2 . LEU A 1 24 ? 5.523   -3.648  4.139   1.00 17.34 ? 24  LEU A CD2 1 
ATOM   199 N N   . ASN A 1 25 ? 4.888   1.049   6.029   1.00 13.32 ? 25  ASN A N   1 
ATOM   200 C CA  . ASN A 1 25 ? 4.714   2.306   6.748   1.00 13.43 ? 25  ASN A CA  1 
ATOM   201 C C   . ASN A 1 25 ? 3.700   2.181   7.886   1.00 12.49 ? 25  ASN A C   1 
ATOM   202 O O   . ASN A 1 25 ? 2.485   2.298   7.661   1.00 14.90 ? 25  ASN A O   1 
ATOM   203 C CB  . ASN A 1 25 ? 4.285   3.399   5.755   1.00 13.73 ? 25  ASN A CB  1 
ATOM   204 C CG  . ASN A 1 25 ? 4.302   4.790   6.365   1.00 15.53 ? 25  ASN A CG  1 
ATOM   205 O OD1 . ASN A 1 25 ? 4.322   4.942   7.579   1.00 16.86 ? 25  ASN A OD1 1 
ATOM   206 N ND2 . ASN A 1 25 ? 4.288   5.813   5.514   1.00 19.21 ? 25  ASN A ND2 1 
ATOM   207 N N   . THR A 1 26 ? 4.188   1.945   9.106   1.00 13.96 ? 26  THR A N   1 
ATOM   208 C CA  . THR A 1 26 ? 3.284   1.769   10.244  1.00 12.99 ? 26  THR A CA  1 
ATOM   209 C C   . THR A 1 26 ? 2.600   3.069   10.655  1.00 14.67 ? 26  THR A C   1 
ATOM   210 O O   . THR A 1 26 ? 1.650   3.047   11.439  1.00 14.80 ? 26  THR A O   1 
ATOM   211 C CB  . THR A 1 26 ? 4.019   1.185   11.460  1.00 13.09 ? 26  THR A CB  1 
ATOM   212 O OG1 . THR A 1 26 ? 5.075   2.071   11.853  1.00 14.35 ? 26  THR A OG1 1 
ATOM   213 C CG2 . THR A 1 26 ? 4.615   -0.185  11.101  1.00 14.52 ? 26  THR A CG2 1 
ATOM   214 N N   . GLY A 1 27 ? 3.073   4.197   10.126  1.00 14.60 ? 27  GLY A N   1 
ATOM   215 C CA  . GLY A 1 27 ? 2.435   5.477   10.371  1.00 15.20 ? 27  GLY A CA  1 
ATOM   216 C C   . GLY A 1 27 ? 1.283   5.792   9.420   1.00 18.28 ? 27  GLY A C   1 
ATOM   217 O O   . GLY A 1 27 ? 0.625   6.820   9.567   1.00 22.60 ? 27  GLY A O   1 
ATOM   218 N N   . ALA A 1 28 ? 1.046   4.913   8.450   1.00 15.30 ? 28  ALA A N   1 
ATOM   219 C CA  . ALA A 1 28 ? -0.016  5.105   7.458   1.00 15.78 ? 28  ALA A CA  1 
ATOM   220 C C   . ALA A 1 28 ? -1.180  4.159   7.719   1.00 15.51 ? 28  ALA A C   1 
ATOM   221 O O   . ALA A 1 28 ? -0.980  2.947   7.821   1.00 16.11 ? 28  ALA A O   1 
ATOM   222 C CB  . ALA A 1 28 ? 0.530   4.884   6.027   1.00 15.79 ? 28  ALA A CB  1 
ATOM   223 N N   . ASP A 1 29 ? -2.393  4.702   7.791   1.00 15.44 ? 29  ASP A N   1 
ATOM   224 C CA  . ASP A 1 29 ? -3.575  3.849   7.948   1.00 16.52 ? 29  ASP A CA  1 
ATOM   225 C C   . ASP A 1 29 ? -3.826  3.033   6.694   1.00 17.61 ? 29  ASP A C   1 
ATOM   226 O O   . ASP A 1 29 ? -4.242  1.875   6.776   1.00 18.99 ? 29  ASP A O   1 
ATOM   227 C CB  . ASP A 1 29 ? -4.839  4.667   8.239   1.00 18.78 ? 29  ASP A CB  1 
ATOM   228 C CG  . ASP A 1 29 ? -4.754  5.483   9.513   1.00 24.46 ? 29  ASP A CG  1 
ATOM   229 O OD1 . ASP A 1 29 ? -3.921  5.188   10.408  1.00 21.60 ? 29  ASP A OD1 1 
ATOM   230 O OD2 . ASP A 1 29 ? -5.571  6.426   9.618   1.00 29.14 ? 29  ASP A OD2 1 
ATOM   231 N N   . ASP A 1 30 ? -3.592  3.660   5.539   1.00 15.75 ? 30  ASP A N   1 
ATOM   232 C CA  . ASP A 1 30 ? -4.009  3.124   4.243   1.00 15.89 ? 30  ASP A CA  1 
ATOM   233 C C   . ASP A 1 30 ? -2.834  2.837   3.326   1.00 17.08 ? 30  ASP A C   1 
ATOM   234 O O   . ASP A 1 30 ? -1.713  3.292   3.558   1.00 17.62 ? 30  ASP A O   1 
ATOM   235 C CB  . ASP A 1 30 ? -4.965  4.099   3.539   1.00 19.10 ? 30  ASP A CB  1 
ATOM   236 C CG  . ASP A 1 30 ? -6.195  4.433   4.372   1.00 23.72 ? 30  ASP A CG  1 
ATOM   237 O OD1 . ASP A 1 30 ? -6.758  3.534   5.038   1.00 26.11 ? 30  ASP A OD1 1 
ATOM   238 O OD2 . ASP A 1 30 ? -6.601  5.613   4.363   1.00 31.98 ? 30  ASP A OD2 1 
ATOM   239 N N   . THR A 1 31 ? -3.128  2.108   2.260   1.00 16.03 ? 31  THR A N   1 
ATOM   240 C CA  . THR A 1 31 ? -2.170  1.696   1.254   1.00 12.25 ? 31  THR A CA  1 
ATOM   241 C C   . THR A 1 31 ? -2.410  2.508   -0.020  1.00 15.60 ? 31  THR A C   1 
ATOM   242 O O   . THR A 1 31 ? -3.547  2.617   -0.484  1.00 16.84 ? 31  THR A O   1 
ATOM   243 C CB  . THR A 1 31 ? -2.312  0.187   0.976   1.00 14.54 ? 31  THR A CB  1 
ATOM   244 O OG1 . THR A 1 31 ? -1.859  -0.535  2.132   1.00 14.38 ? 31  THR A OG1 1 
ATOM   245 C CG2 . THR A 1 31 ? -1.490  -0.242  -0.240  1.00 16.71 ? 31  THR A CG2 1 
ATOM   246 N N   A VAL A 1 32 ? -1.344  3.092   -0.570  0.63 15.71 ? 32  VAL A N   1 
ATOM   247 N N   B VAL A 1 32 ? -1.351  3.095   -0.572  0.37 16.07 ? 32  VAL A N   1 
ATOM   248 C CA  A VAL A 1 32 ? -1.457  3.942   -1.758  0.63 17.81 ? 32  VAL A CA  1 
ATOM   249 C CA  B VAL A 1 32 ? -1.495  3.919   -1.769  0.37 17.71 ? 32  VAL A CA  1 
ATOM   250 C C   A VAL A 1 32 ? -0.417  3.584   -2.813  0.63 16.32 ? 32  VAL A C   1 
ATOM   251 C C   B VAL A 1 32 ? -0.425  3.606   -2.813  0.37 16.53 ? 32  VAL A C   1 
ATOM   252 O O   A VAL A 1 32 ? 0.774   3.460   -2.509  0.63 16.88 ? 32  VAL A O   1 
ATOM   253 O O   B VAL A 1 32 ? 0.766   3.519   -2.503  0.37 16.31 ? 32  VAL A O   1 
ATOM   254 C CB  A VAL A 1 32 ? -1.289  5.437   -1.417  0.63 16.83 ? 32  VAL A CB  1 
ATOM   255 C CB  B VAL A 1 32 ? -1.452  5.430   -1.434  0.37 17.37 ? 32  VAL A CB  1 
ATOM   256 C CG1 A VAL A 1 32 ? -1.711  6.307   -2.609  0.63 13.77 ? 32  VAL A CG1 1 
ATOM   257 C CG1 B VAL A 1 32 ? -2.707  5.852   -0.697  0.37 24.24 ? 32  VAL A CG1 1 
ATOM   258 C CG2 A VAL A 1 32 ? -2.082  5.795   -0.182  0.63 25.48 ? 32  VAL A CG2 1 
ATOM   259 C CG2 B VAL A 1 32 ? -0.220  5.779   -0.623  0.37 11.76 ? 32  VAL A CG2 1 
ATOM   260 N N   . PHE A 1 33 ? -0.872  3.430   -4.053  1.00 16.64 ? 33  PHE A N   1 
ATOM   261 C CA  . PHE A 1 33 ? 0.017   3.195   -5.195  1.00 15.64 ? 33  PHE A CA  1 
ATOM   262 C C   . PHE A 1 33 ? -0.289  4.206   -6.281  1.00 17.06 ? 33  PHE A C   1 
ATOM   263 O O   . PHE A 1 33 ? -1.451  4.595   -6.454  1.00 19.00 ? 33  PHE A O   1 
ATOM   264 C CB  . PHE A 1 33 ? -0.166  1.782   -5.769  1.00 17.21 ? 33  PHE A CB  1 
ATOM   265 C CG  . PHE A 1 33 ? 0.550   0.713   -5.003  1.00 16.07 ? 33  PHE A CG  1 
ATOM   266 C CD1 . PHE A 1 33 ? 0.024   0.223   -3.821  1.00 17.32 ? 33  PHE A CD1 1 
ATOM   267 C CD2 . PHE A 1 33 ? 1.752   0.203   -5.469  1.00 17.34 ? 33  PHE A CD2 1 
ATOM   268 C CE1 . PHE A 1 33 ? 0.694   -0.765  -3.105  1.00 18.79 ? 33  PHE A CE1 1 
ATOM   269 C CE2 . PHE A 1 33 ? 2.436   -0.780  -4.767  1.00 18.59 ? 33  PHE A CE2 1 
ATOM   270 C CZ  . PHE A 1 33 ? 1.909   -1.269  -3.582  1.00 15.90 ? 33  PHE A CZ  1 
ATOM   271 N N   . GLU A 1 34 ? 0.735   4.619   -7.025  1.00 18.48 ? 34  GLU A N   1 
ATOM   272 C CA  . GLU A 1 34 ? 0.500   5.327   -8.281  1.00 21.06 ? 34  GLU A CA  1 
ATOM   273 C C   . GLU A 1 34 ? 0.932   4.449   -9.455  1.00 25.23 ? 34  GLU A C   1 
ATOM   274 O O   . GLU A 1 34 ? 1.641   3.460   -9.270  1.00 26.14 ? 34  GLU A O   1 
ATOM   275 C CB  . GLU A 1 34 ? 1.241   6.659   -8.304  1.00 23.53 ? 34  GLU A CB  1 
ATOM   276 C CG  . GLU A 1 34 ? 2.742   6.520   -8.382  1.00 29.48 ? 34  GLU A CG  1 
ATOM   277 C CD  . GLU A 1 34 ? 3.441   7.862   -8.531  0.56 30.17 ? 34  GLU A CD  1 
ATOM   278 O OE1 . GLU A 1 34 ? 2.805   8.906   -8.253  1.00 29.14 ? 34  GLU A OE1 1 
ATOM   279 O OE2 . GLU A 1 34 ? 4.626   7.870   -8.928  0.87 36.95 ? 34  GLU A OE2 1 
ATOM   280 N N   . GLU A 1 35 ? 0.486   4.809   -10.655 1.00 26.88 ? 35  GLU A N   1 
ATOM   281 C CA  . GLU A 1 35 ? 0.863   4.104   -11.879 1.00 31.05 ? 35  GLU A CA  1 
ATOM   282 C C   . GLU A 1 35 ? 0.554   2.616   -11.811 1.00 26.26 ? 35  GLU A C   1 
ATOM   283 O O   . GLU A 1 35 ? 1.381   1.768   -12.171 1.00 27.88 ? 35  GLU A O   1 
ATOM   284 C CB  . GLU A 1 35 ? 2.346   4.312   -12.196 1.00 31.18 ? 35  GLU A CB  1 
ATOM   285 C CG  . GLU A 1 35 ? 2.714   5.752   -12.488 1.00 37.44 ? 35  GLU A CG  1 
ATOM   286 C CD  . GLU A 1 35 ? 4.141   5.892   -12.977 0.70 45.37 ? 35  GLU A CD  1 
ATOM   287 O OE1 . GLU A 1 35 ? 4.454   5.338   -14.052 0.46 48.73 ? 35  GLU A OE1 1 
ATOM   288 O OE2 . GLU A 1 35 ? 4.949   6.547   -12.287 0.77 47.16 ? 35  GLU A OE2 1 
ATOM   289 N N   . VAL A 1 36 ? -0.644  2.309   -11.341 1.00 25.85 ? 36  VAL A N   1 
ATOM   290 C CA  . VAL A 1 36 ? -1.195  0.976   -11.471 1.00 23.96 ? 36  VAL A CA  1 
ATOM   291 C C   . VAL A 1 36 ? -2.542  1.122   -12.148 1.00 28.15 ? 36  VAL A C   1 
ATOM   292 O O   . VAL A 1 36 ? -3.221  2.147   -12.004 1.00 29.45 ? 36  VAL A O   1 
ATOM   293 C CB  . VAL A 1 36 ? -1.354  0.248   -10.114 1.00 24.20 ? 36  VAL A CB  1 
ATOM   294 C CG1 . VAL A 1 36 ? 0.012   -0.042  -9.499  1.00 27.30 ? 36  VAL A CG1 1 
ATOM   295 C CG2 . VAL A 1 36 ? -2.206  1.066   -9.165  1.00 26.05 ? 36  VAL A CG2 1 
ATOM   296 N N   A ASN A 1 37 ? -2.942  0.068   -12.854 0.47 23.60 ? 37  ASN A N   1 
ATOM   297 N N   B ASN A 1 37 ? -2.888  0.124   -12.944 0.53 23.11 ? 37  ASN A N   1 
ATOM   298 C CA  A ASN A 1 37 ? -4.176  0.039   -13.635 0.47 22.87 ? 37  ASN A CA  1 
ATOM   299 C CA  B ASN A 1 37 ? -4.191  0.069   -13.569 0.53 22.84 ? 37  ASN A CA  1 
ATOM   300 C C   A ASN A 1 37 ? -5.117  -1.074  -13.158 0.47 23.83 ? 37  ASN A C   1 
ATOM   301 C C   B ASN A 1 37 ? -4.922  -1.134  -13.018 0.53 22.94 ? 37  ASN A C   1 
ATOM   302 O O   A ASN A 1 37 ? -5.312  -2.075  -13.851 0.47 21.98 ? 37  ASN A O   1 
ATOM   303 O O   B ASN A 1 37 ? -4.753  -2.257  -13.494 0.53 29.18 ? 37  ASN A O   1 
ATOM   304 C CB  A ASN A 1 37 ? -3.832  -0.145  -15.121 0.47 22.42 ? 37  ASN A CB  1 
ATOM   305 C CB  B ASN A 1 37 ? -4.063  0.000   -15.088 0.53 24.16 ? 37  ASN A CB  1 
ATOM   306 C CG  A ASN A 1 37 ? -5.056  -0.154  -16.015 0.47 27.59 ? 37  ASN A CG  1 
ATOM   307 C CG  B ASN A 1 37 ? -3.448  1.254   -15.670 0.53 26.51 ? 37  ASN A CG  1 
ATOM   308 O OD1 A ASN A 1 37 ? -6.084  0.431   -15.684 0.47 34.23 ? 37  ASN A OD1 1 
ATOM   309 O OD1 B ASN A 1 37 ? -3.742  2.363   -15.226 0.53 31.43 ? 37  ASN A OD1 1 
ATOM   310 N ND2 A ASN A 1 37 ? -4.950  -0.824  -17.159 0.47 35.42 ? 37  ASN A ND2 1 
ATOM   311 N ND2 B ASN A 1 37 ? -2.586  1.087   -16.666 0.53 35.00 ? 37  ASN A ND2 1 
ATOM   312 N N   . LEU A 1 38 ? -5.708  -0.893  -11.979 1.00 19.38 ? 38  LEU A N   1 
ATOM   313 C CA  . LEU A 1 38 ? -6.452  -1.959  -11.324 1.00 18.22 ? 38  LEU A CA  1 
ATOM   314 C C   . LEU A 1 38 ? -7.805  -2.208  -11.985 1.00 19.65 ? 38  LEU A C   1 
ATOM   315 O O   . LEU A 1 38 ? -8.484  -1.267  -12.385 1.00 21.79 ? 38  LEU A O   1 
ATOM   316 C CB  . LEU A 1 38 ? -6.640  -1.630  -9.840  1.00 17.64 ? 38  LEU A CB  1 
ATOM   317 C CG  . LEU A 1 38 ? -5.355  -1.445  -9.024  1.00 16.45 ? 38  LEU A CG  1 
ATOM   318 C CD1 . LEU A 1 38 ? -5.679  -1.190  -7.571  1.00 15.61 ? 38  LEU A CD1 1 
ATOM   319 C CD2 . LEU A 1 38 ? -4.462  -2.670  -9.182  1.00 21.34 ? 38  LEU A CD2 1 
ATOM   320 N N   . PRO A 1 39 ? -8.184  -3.486  -12.114 1.00 19.51 ? 39  PRO A N   1 
ATOM   321 C CA  . PRO A 1 39 ? -9.475  -3.845  -12.711 1.00 19.01 ? 39  PRO A CA  1 
ATOM   322 C C   . PRO A 1 39 ? -10.622 -3.688  -11.710 1.00 25.90 ? 39  PRO A C   1 
ATOM   323 O O   . PRO A 1 39 ? -10.370 -3.520  -10.516 1.00 26.44 ? 39  PRO A O   1 
ATOM   324 C CB  . PRO A 1 39 ? -9.278  -5.317  -13.093 1.00 20.97 ? 39  PRO A CB  1 
ATOM   325 C CG  . PRO A 1 39 ? -8.342  -5.829  -12.060 1.00 21.60 ? 39  PRO A CG  1 
ATOM   326 C CD  . PRO A 1 39 ? -7.377  -4.675  -11.787 1.00 20.43 ? 39  PRO A CD  1 
ATOM   327 N N   . GLY A 1 40 ? -11.861 -3.735  -12.188 1.00 27.74 ? 40  GLY A N   1 
ATOM   328 C CA  . GLY A 1 40 ? -12.997 -3.743  -11.281 1.00 30.70 ? 40  GLY A CA  1 
ATOM   329 C C   . GLY A 1 40 ? -13.504 -2.382  -10.829 1.00 30.30 ? 40  GLY A C   1 
ATOM   330 O O   . GLY A 1 40 ? -13.167 -1.349  -11.405 1.00 30.39 ? 40  GLY A O   1 
ATOM   331 N N   . ARG A 1 41 ? -14.331 -2.395  -9.787  1.00 30.82 ? 41  ARG A N   1 
ATOM   332 C CA  . ARG A 1 41 ? -15.021 -1.190  -9.335  1.00 28.61 ? 41  ARG A CA  1 
ATOM   333 C C   . ARG A 1 41 ? -14.159 -0.359  -8.401  1.00 22.05 ? 41  ARG A C   1 
ATOM   334 O O   . ARG A 1 41 ? -13.351 -0.886  -7.648  1.00 23.43 ? 41  ARG A O   1 
ATOM   335 C CB  . ARG A 1 41 ? -16.331 -1.549  -8.626  1.00 31.94 ? 41  ARG A CB  1 
ATOM   336 C CG  . ARG A 1 41 ? -17.591 -1.091  -9.357  1.00 51.69 ? 41  ARG A CG  1 
ATOM   337 C CD  . ARG A 1 41 ? -18.859 -1.415  -8.566  1.00 59.36 ? 41  ARG A CD  1 
ATOM   338 N NE  . ARG A 1 41 ? -19.539 -2.603  -9.079  1.00 72.26 ? 41  ARG A NE  1 
ATOM   339 C CZ  . ARG A 1 41 ? -20.486 -2.582  -10.013 1.00 81.61 ? 41  ARG A CZ  1 
ATOM   340 N NH1 . ARG A 1 41 ? -20.872 -1.430  -10.545 1.00 84.75 ? 41  ARG A NH1 1 
ATOM   341 N NH2 . ARG A 1 41 ? -21.048 -3.716  -10.418 1.00 84.24 ? 41  ARG A NH2 1 
ATOM   342 N N   . TRP A 1 42 ? -14.365 0.949   -8.447  1.00 24.62 ? 42  TRP A N   1 
ATOM   343 C CA  . TRP A 1 42 ? -13.711 1.866   -7.523  1.00 22.51 ? 42  TRP A CA  1 
ATOM   344 C C   . TRP A 1 42 ? -14.686 2.965   -7.142  1.00 25.24 ? 42  TRP A C   1 
ATOM   345 O O   . TRP A 1 42 ? -15.707 3.162   -7.813  1.00 26.19 ? 42  TRP A O   1 
ATOM   346 C CB  . TRP A 1 42 ? -12.447 2.462   -8.146  1.00 22.03 ? 42  TRP A CB  1 
ATOM   347 C CG  . TRP A 1 42 ? -12.706 3.120   -9.465  1.00 24.74 ? 42  TRP A CG  1 
ATOM   348 C CD1 . TRP A 1 42 ? -12.641 2.538   -10.692 1.00 25.37 ? 42  TRP A CD1 1 
ATOM   349 C CD2 . TRP A 1 42 ? -13.100 4.481   -9.685  1.00 27.56 ? 42  TRP A CD2 1 
ATOM   350 N NE1 . TRP A 1 42 ? -12.966 3.451   -11.669 1.00 34.53 ? 42  TRP A NE1 1 
ATOM   351 C CE2 . TRP A 1 42 ? -13.246 4.655   -11.074 1.00 31.67 ? 42  TRP A CE2 1 
ATOM   352 C CE3 . TRP A 1 42 ? -13.330 5.573   -8.841  1.00 27.07 ? 42  TRP A CE3 1 
ATOM   353 C CZ2 . TRP A 1 42 ? -13.625 5.871   -11.643 1.00 32.81 ? 42  TRP A CZ2 1 
ATOM   354 C CZ3 . TRP A 1 42 ? -13.705 6.783   -9.406  1.00 29.65 ? 42  TRP A CZ3 1 
ATOM   355 C CH2 . TRP A 1 42 ? -13.847 6.921   -10.794 1.00 33.11 ? 42  TRP A CH2 1 
ATOM   356 N N   . LYS A 1 43 ? -14.381 3.658   -6.052  1.00 22.12 ? 43  LYS A N   1 
ATOM   357 C CA  . LYS A 1 43 ? -15.115 4.860   -5.661  1.00 28.82 ? 43  LYS A CA  1 
ATOM   358 C C   . LYS A 1 43 ? -14.129 5.947   -5.238  1.00 28.19 ? 43  LYS A C   1 
ATOM   359 O O   . LYS A 1 43 ? -13.042 5.645   -4.760  1.00 23.21 ? 43  LYS A O   1 
ATOM   360 C CB  . LYS A 1 43 ? -16.107 4.557   -4.531  1.00 30.69 ? 43  LYS A CB  1 
ATOM   361 C CG  . LYS A 1 43 ? -15.477 4.091   -3.236  1.00 32.31 ? 43  LYS A CG  1 
ATOM   362 C CD  . LYS A 1 43 ? -16.547 3.716   -2.216  0.84 40.47 ? 43  LYS A CD  1 
ATOM   363 C CE  . LYS A 1 43 ? -15.932 3.191   -0.928  0.74 46.81 ? 43  LYS A CE  1 
ATOM   364 N NZ  . LYS A 1 43 ? -16.965 2.928   0.117   0.82 53.17 ? 43  LYS A NZ  1 
ATOM   365 N N   . PRO A 1 44 ? -14.494 7.224   -5.432  1.00 29.82 ? 44  PRO A N   1 
ATOM   366 C CA  . PRO A 1 44 ? -13.591 8.295   -5.001  1.00 25.90 ? 44  PRO A CA  1 
ATOM   367 C C   . PRO A 1 44 ? -13.444 8.349   -3.488  1.00 24.87 ? 44  PRO A C   1 
ATOM   368 O O   . PRO A 1 44 ? -14.369 8.005   -2.748  1.00 33.34 ? 44  PRO A O   1 
ATOM   369 C CB  . PRO A 1 44 ? -14.273 9.568   -5.520  1.00 30.30 ? 44  PRO A CB  1 
ATOM   370 C CG  . PRO A 1 44 ? -15.706 9.195   -5.645  1.00 37.75 ? 44  PRO A CG  1 
ATOM   371 C CD  . PRO A 1 44 ? -15.720 7.751   -6.052  1.00 38.15 ? 44  PRO A CD  1 
ATOM   372 N N   . LYS A 1 45 ? -12.269 8.766   -3.038  1.00 21.79 ? 45  LYS A N   1 
ATOM   373 C CA  . LYS A 1 45 ? -11.998 8.965   -1.626  1.00 24.71 ? 45  LYS A CA  1 
ATOM   374 C C   . LYS A 1 45 ? -11.154 10.221  -1.449  1.00 27.69 ? 45  LYS A C   1 
ATOM   375 O O   . LYS A 1 45 ? -10.186 10.437  -2.178  1.00 23.48 ? 45  LYS A O   1 
ATOM   376 C CB  . LYS A 1 45 ? -11.285 7.742   -1.039  1.00 23.37 ? 45  LYS A CB  1 
ATOM   377 C CG  . LYS A 1 45 ? -10.987 7.849   0.452   1.00 28.26 ? 45  LYS A CG  1 
ATOM   378 C CD  . LYS A 1 45 ? -10.163 6.658   0.941   1.00 32.77 ? 45  LYS A CD  1 
ATOM   379 C CE  . LYS A 1 45 ? -9.860  6.745   2.434   1.00 39.85 ? 45  LYS A CE  1 
ATOM   380 N NZ  . LYS A 1 45 ? -11.090 6.576   3.251   1.00 40.65 ? 45  LYS A NZ  1 
ATOM   381 N N   . LEU A 1 46 ? -11.534 11.071  -0.502  1.00 24.36 ? 46  LEU A N   1 
ATOM   382 C CA  . LEU A 1 46 ? -10.716 12.229  -0.158  1.00 21.67 ? 46  LEU A CA  1 
ATOM   383 C C   . LEU A 1 46 ? -9.765  11.860  0.967   1.00 29.84 ? 46  LEU A C   1 
ATOM   384 O O   . LEU A 1 46 ? -10.192 11.381  2.021   1.00 33.78 ? 46  LEU A O   1 
ATOM   385 C CB  . LEU A 1 46 ? -11.593 13.423  0.244   1.00 26.97 ? 46  LEU A CB  1 
ATOM   386 C CG  . LEU A 1 46 ? -12.451 14.018  -0.873  1.00 29.68 ? 46  LEU A CG  1 
ATOM   387 C CD1 . LEU A 1 46 ? -13.426 15.057  -0.331  1.00 30.34 ? 46  LEU A CD1 1 
ATOM   388 C CD2 . LEU A 1 46 ? -11.556 14.635  -1.941  1.00 23.58 ? 46  LEU A CD2 1 
ATOM   389 N N   . ILE A 1 47 ? -8.474  12.056  0.741   1.00 24.20 ? 47  ILE A N   1 
ATOM   390 C CA  . ILE A 1 47 ? -7.499  11.808  1.803   1.00 25.26 ? 47  ILE A CA  1 
ATOM   391 C C   . ILE A 1 47 ? -6.638  13.044  2.014   1.00 28.28 ? 47  ILE A C   1 
ATOM   392 O O   . ILE A 1 47 ? -6.904  14.107  1.454   1.00 28.93 ? 47  ILE A O   1 
ATOM   393 C CB  . ILE A 1 47 ? -6.607  10.576  1.508   1.00 26.17 ? 47  ILE A CB  1 
ATOM   394 C CG1 . ILE A 1 47 ? -5.806  10.766  0.225   1.00 26.85 ? 47  ILE A CG1 1 
ATOM   395 C CG2 . ILE A 1 47 ? -7.449  9.311   1.425   1.00 30.60 ? 47  ILE A CG2 1 
ATOM   396 C CD1 . ILE A 1 47 ? -4.839  9.638   -0.032  1.00 26.94 ? 47  ILE A CD1 1 
ATOM   397 N N   . GLY A 1 48 ? -5.609  12.914  2.839   1.00 39.05 ? 48  GLY A N   1 
ATOM   398 C CA  . GLY A 1 48 ? -4.823  14.072  3.209   1.00 39.60 ? 48  GLY A CA  1 
ATOM   399 C C   . GLY A 1 48 ? -5.688  14.996  4.039   1.00 40.70 ? 48  GLY A C   1 
ATOM   400 O O   . GLY A 1 48 ? -6.438  14.536  4.900   1.00 44.99 ? 48  GLY A O   1 
ATOM   401 N N   . GLY A 1 49 ? -5.602  16.294  3.771   1.00 36.09 ? 49  GLY A N   1 
ATOM   402 C CA  . GLY A 1 49 ? -6.322  17.280  4.564   1.00 44.96 ? 49  GLY A CA  1 
ATOM   403 C C   . GLY A 1 49 ? -5.466  18.487  4.908   1.00 42.86 ? 49  GLY A C   1 
ATOM   404 O O   . GLY A 1 49 ? -5.964  19.525  5.335   1.00 38.67 ? 49  GLY A O   1 
ATOM   405 N N   . ILE A 1 50 ? -4.162  18.349  4.725   1.00 44.10 ? 50  ILE A N   1 
ATOM   406 C CA  . ILE A 1 50 ? -3.253  19.462  4.933   1.00 46.79 ? 50  ILE A CA  1 
ATOM   407 C C   . ILE A 1 50 ? -3.086  20.226  3.627   1.00 38.84 ? 50  ILE A C   1 
ATOM   408 O O   . ILE A 1 50 ? -2.634  19.653  2.642   1.00 38.93 ? 50  ILE A O   1 
ATOM   409 C CB  . ILE A 1 50 ? -1.882  18.972  5.444   1.00 57.22 ? 50  ILE A CB  1 
ATOM   410 C CG1 . ILE A 1 50 ? -1.946  18.682  6.948   1.00 59.60 ? 50  ILE A CG1 1 
ATOM   411 C CG2 . ILE A 1 50 ? -0.796  19.993  5.141   1.00 62.79 ? 50  ILE A CG2 1 
ATOM   412 C CD1 . ILE A 1 50 ? -1.182  17.444  7.361   1.00 59.90 ? 50  ILE A CD1 1 
ATOM   413 N N   . GLY A 1 51 ? -3.462  21.509  3.620   1.00 35.76 ? 51  GLY A N   1 
ATOM   414 C CA  . GLY A 1 51 ? -3.321  22.372  2.450   1.00 28.66 ? 51  GLY A CA  1 
ATOM   415 C C   . GLY A 1 51 ? -4.470  22.211  1.455   1.00 24.17 ? 51  GLY A C   1 
ATOM   416 O O   . GLY A 1 51 ? -4.556  22.908  0.433   1.00 28.35 ? 51  GLY A O   1 
ATOM   417 N N   . GLY A 1 52 ? -5.381  21.314  1.798   1.00 29.14 ? 52  GLY A N   1 
ATOM   418 C CA  . GLY A 1 52 ? -6.432  20.890  0.897   1.00 27.35 ? 52  GLY A CA  1 
ATOM   419 C C   . GLY A 1 52 ? -6.546  19.385  1.007   1.00 27.62 ? 52  GLY A C   1 
ATOM   420 O O   . GLY A 1 52 ? -5.888  18.759  1.834   1.00 25.32 ? 52  GLY A O   1 
ATOM   421 N N   . PHE A 1 53 ? -7.390  18.792  0.176   1.00 21.83 ? 53  PHE A N   1 
ATOM   422 C CA  . PHE A 1 53 ? -7.535  17.351  0.158   1.00 19.64 ? 53  PHE A CA  1 
ATOM   423 C C   . PHE A 1 53 ? -7.055  16.823  -1.178  1.00 18.07 ? 53  PHE A C   1 
ATOM   424 O O   . PHE A 1 53 ? -7.024  17.576  -2.149  1.00 21.04 ? 53  PHE A O   1 
ATOM   425 C CB  . PHE A 1 53 ? -8.988  16.946  0.379   1.00 22.85 ? 53  PHE A CB  1 
ATOM   426 C CG  . PHE A 1 53 ? -9.515  17.282  1.741   1.00 28.62 ? 53  PHE A CG  1 
ATOM   427 C CD1 . PHE A 1 53 ? -9.280  16.438  2.810   1.00 29.75 ? 53  PHE A CD1 1 
ATOM   428 C CD2 . PHE A 1 53 ? -10.261 18.428  1.944   1.00 33.51 ? 53  PHE A CD2 1 
ATOM   429 C CE1 . PHE A 1 53 ? -9.768  16.744  4.070   1.00 28.22 ? 53  PHE A CE1 1 
ATOM   430 C CE2 . PHE A 1 53 ? -10.751 18.734  3.195   1.00 36.18 ? 53  PHE A CE2 1 
ATOM   431 C CZ  . PHE A 1 53 ? -10.504 17.887  4.258   1.00 26.76 ? 53  PHE A CZ  1 
ATOM   432 N N   . VAL A 1 54 ? -6.663  15.550  -1.206  1.00 18.08 ? 54  VAL A N   1 
ATOM   433 C CA  . VAL A 1 54 ? -6.351  14.870  -2.463  1.00 18.51 ? 54  VAL A CA  1 
ATOM   434 C C   . VAL A 1 54 ? -7.447  13.850  -2.746  1.00 19.30 ? 54  VAL A C   1 
ATOM   435 O O   . VAL A 1 54 ? -7.853  13.103  -1.850  1.00 18.80 ? 54  VAL A O   1 
ATOM   436 C CB  . VAL A 1 54 ? -4.983  14.188  -2.414  1.00 19.77 ? 54  VAL A CB  1 
ATOM   437 C CG1 . VAL A 1 54 ? -4.764  13.336  -3.674  1.00 21.28 ? 54  VAL A CG1 1 
ATOM   438 C CG2 . VAL A 1 54 ? -3.882  15.228  -2.278  1.00 24.75 ? 54  VAL A CG2 1 
ATOM   439 N N   . LYS A 1 55 ? -7.957  13.836  -3.979  1.00 16.50 ? 55  LYS A N   1 
ATOM   440 C CA  . LYS A 1 55 ? -8.958  12.851  -4.376  1.00 17.72 ? 55  LYS A CA  1 
ATOM   441 C C   . LYS A 1 55 ? -8.298  11.666  -5.061  1.00 17.58 ? 55  LYS A C   1 
ATOM   442 O O   . LYS A 1 55 ? -7.600  11.833  -6.056  1.00 18.12 ? 55  LYS A O   1 
ATOM   443 C CB  . LYS A 1 55 ? -9.998  13.469  -5.301  1.00 16.26 ? 55  LYS A CB  1 
ATOM   444 C CG  . LYS A 1 55 ? -11.189 12.553  -5.573  1.00 20.56 ? 55  LYS A CG  1 
ATOM   445 C CD  . LYS A 1 55 ? -12.135 13.165  -6.594  1.00 21.35 ? 55  LYS A CD  1 
ATOM   446 C CE  . LYS A 1 55 ? -12.460 14.609  -6.275  1.00 23.39 ? 55  LYS A CE  1 
ATOM   447 N NZ  . LYS A 1 55 ? -13.371 15.193  -7.304  1.00 32.30 ? 55  LYS A NZ  1 
ATOM   448 N N   . VAL A 1 56 ? -8.516  10.477  -4.511  1.00 16.72 ? 56  VAL A N   1 
ATOM   449 C CA  . VAL A 1 56 ? -7.945  9.245   -5.061  1.00 17.10 ? 56  VAL A CA  1 
ATOM   450 C C   . VAL A 1 56 ? -9.044  8.246   -5.407  1.00 18.30 ? 56  VAL A C   1 
ATOM   451 O O   . VAL A 1 56 ? -10.212 8.458   -5.090  1.00 17.39 ? 56  VAL A O   1 
ATOM   452 C CB  . VAL A 1 56 ? -6.958  8.593   -4.071  1.00 17.75 ? 56  VAL A CB  1 
ATOM   453 C CG1 . VAL A 1 56 ? -5.814  9.562   -3.748  1.00 18.44 ? 56  VAL A CG1 1 
ATOM   454 C CG2 . VAL A 1 56 ? -7.675  8.159   -2.787  1.00 21.12 ? 56  VAL A CG2 1 
ATOM   455 N N   . ARG A 1 57 ? -8.666  7.157   -6.074  1.00 16.23 ? 57  ARG A N   1 
ATOM   456 C CA  . ARG A 1 57 ? -9.608  6.075   -6.370  1.00 14.46 ? 57  ARG A CA  1 
ATOM   457 C C   . ARG A 1 57 ? -9.417  4.949   -5.357  1.00 15.70 ? 57  ARG A C   1 
ATOM   458 O O   . ARG A 1 57 ? -8.308  4.455   -5.171  1.00 16.22 ? 57  ARG A O   1 
ATOM   459 C CB  . ARG A 1 57 ? -9.423  5.564   -7.805  1.00 16.07 ? 57  ARG A CB  1 
ATOM   460 C CG  . ARG A 1 57 ? -9.977  6.507   -8.895  1.00 17.91 ? 57  ARG A CG  1 
ATOM   461 C CD  . ARG A 1 57 ? -9.668  6.001   -10.307 1.00 18.26 ? 57  ARG A CD  1 
ATOM   462 N NE  . ARG A 1 57 ? -8.231  6.051   -10.561 1.00 22.76 ? 57  ARG A NE  1 
ATOM   463 C CZ  . ARG A 1 57 ? -7.624  5.497   -11.604 1.00 25.86 ? 57  ARG A CZ  1 
ATOM   464 N NH1 . ARG A 1 57 ? -8.329  4.847   -12.515 1.00 26.73 ? 57  ARG A NH1 1 
ATOM   465 N NH2 . ARG A 1 57 ? -6.309  5.601   -11.728 1.00 26.30 ? 57  ARG A NH2 1 
ATOM   466 N N   . GLN A 1 58 ? -10.502 4.566   -4.690  1.00 15.95 ? 58  GLN A N   1 
ATOM   467 C CA  . GLN A 1 58 ? -10.451 3.486   -3.716  1.00 15.96 ? 58  GLN A CA  1 
ATOM   468 C C   . GLN A 1 58 ? -10.930 2.170   -4.326  1.00 17.47 ? 58  GLN A C   1 
ATOM   469 O O   . GLN A 1 58 ? -12.077 2.058   -4.770  1.00 17.95 ? 58  GLN A O   1 
ATOM   470 C CB  . GLN A 1 58 ? -11.291 3.832   -2.486  1.00 19.37 ? 58  GLN A CB  1 
ATOM   471 C CG  . GLN A 1 58 ? -11.364 2.689   -1.484  1.00 19.32 ? 58  GLN A CG  1 
ATOM   472 C CD  . GLN A 1 58 ? -12.268 2.974   -0.302  1.00 28.49 ? 58  GLN A CD  1 
ATOM   473 O OE1 . GLN A 1 58 ? -12.443 4.120   0.113   1.00 30.64 ? 58  GLN A OE1 1 
ATOM   474 N NE2 . GLN A 1 58 ? -12.851 1.919   0.249   1.00 27.63 ? 58  GLN A NE2 1 
ATOM   475 N N   . TYR A 1 59 ? -10.043 1.181   -4.362  1.00 16.22 ? 59  TYR A N   1 
ATOM   476 C CA  . TYR A 1 59 ? -10.386 -0.152  -4.835  1.00 14.61 ? 59  TYR A CA  1 
ATOM   477 C C   . TYR A 1 59 ? -10.429 -1.112  -3.660  1.00 16.15 ? 59  TYR A C   1 
ATOM   478 O O   . TYR A 1 59 ? -9.430  -1.290  -2.949  1.00 15.90 ? 59  TYR A O   1 
ATOM   479 C CB  . TYR A 1 59 ? -9.374  -0.652  -5.858  1.00 15.81 ? 59  TYR A CB  1 
ATOM   480 C CG  . TYR A 1 59 ? -9.293  0.142   -7.142  1.00 19.72 ? 59  TYR A CG  1 
ATOM   481 C CD1 . TYR A 1 59 ? -8.573  1.333   -7.207  1.00 16.77 ? 59  TYR A CD1 1 
ATOM   482 C CD2 . TYR A 1 59 ? -9.896  -0.320  -8.294  1.00 15.63 ? 59  TYR A CD2 1 
ATOM   483 C CE1 . TYR A 1 59 ? -8.479  2.046   -8.401  1.00 16.97 ? 59  TYR A CE1 1 
ATOM   484 C CE2 . TYR A 1 59 ? -9.814  0.385   -9.484  1.00 17.88 ? 59  TYR A CE2 1 
ATOM   485 C CZ  . TYR A 1 59 ? -9.099  1.564   -9.528  1.00 17.97 ? 59  TYR A CZ  1 
ATOM   486 O OH  . TYR A 1 59 ? -9.019  2.259   -10.724 1.00 20.82 ? 59  TYR A OH  1 
ATOM   487 N N   . ASP A 1 60 ? -11.578 -1.737  -3.443  1.00 19.58 ? 60  ASP A N   1 
ATOM   488 C CA  . ASP A 1 60 ? -11.704 -2.661  -2.321  1.00 19.06 ? 60  ASP A CA  1 
ATOM   489 C C   . ASP A 1 60 ? -11.306 -4.080  -2.716  1.00 18.34 ? 60  ASP A C   1 
ATOM   490 O O   . ASP A 1 60 ? -11.438 -4.487  -3.880  1.00 22.81 ? 60  ASP A O   1 
ATOM   491 C CB  . ASP A 1 60 ? -13.133 -2.648  -1.778  1.00 22.65 ? 60  ASP A CB  1 
ATOM   492 C CG  . ASP A 1 60 ? -13.486 -1.331  -1.120  1.00 32.09 ? 60  ASP A CG  1 
ATOM   493 O OD1 . ASP A 1 60 ? -12.573 -0.694  -0.544  1.00 31.17 ? 60  ASP A OD1 1 
ATOM   494 O OD2 . ASP A 1 60 ? -14.674 -0.947  -1.152  1.00 44.84 ? 60  ASP A OD2 1 
ATOM   495 N N   . GLN A 1 61 ? -10.819 -4.819  -1.723  1.00 20.96 ? 61  GLN A N   1 
ATOM   496 C CA  . GLN A 1 61 ? -10.490 -6.234  -1.860  1.00 21.93 ? 61  GLN A CA  1 
ATOM   497 C C   . GLN A 1 61 ? -9.610  -6.508  -3.060  1.00 19.77 ? 61  GLN A C   1 
ATOM   498 O O   . GLN A 1 61 ? -9.947  -7.319  -3.915  1.00 26.45 ? 61  GLN A O   1 
ATOM   499 C CB  . GLN A 1 61 ? -11.763 -7.079  -1.942  1.00 26.73 ? 61  GLN A CB  1 
ATOM   500 C CG  . GLN A 1 61 ? -12.663 -6.906  -0.730  1.00 30.94 ? 61  GLN A CG  1 
ATOM   501 C CD  . GLN A 1 61 ? -13.774 -7.931  -0.678  1.00 41.70 ? 61  GLN A CD  1 
ATOM   502 O OE1 . GLN A 1 61 ? -14.856 -7.719  -1.221  1.00 48.39 ? 61  GLN A OE1 1 
ATOM   503 N NE2 . GLN A 1 61 ? -13.508 -9.053  -0.020  1.00 36.39 ? 61  GLN A NE2 1 
ATOM   504 N N   . VAL A 1 62 ? -8.487  -5.805  -3.120  1.00 16.22 ? 62  VAL A N   1 
ATOM   505 C CA  . VAL A 1 62 ? -7.501  -5.975  -4.172  1.00 17.94 ? 62  VAL A CA  1 
ATOM   506 C C   . VAL A 1 62 ? -6.533  -7.093  -3.814  1.00 21.25 ? 62  VAL A C   1 
ATOM   507 O O   . VAL A 1 62 ? -5.930  -7.073  -2.744  1.00 18.95 ? 62  VAL A O   1 
ATOM   508 C CB  . VAL A 1 62 ? -6.692  -4.684  -4.399  1.00 17.11 ? 62  VAL A CB  1 
ATOM   509 C CG1 . VAL A 1 62 ? -5.584  -4.907  -5.407  1.00 18.98 ? 62  VAL A CG1 1 
ATOM   510 C CG2 . VAL A 1 62 ? -7.610  -3.537  -4.836  1.00 19.33 ? 62  VAL A CG2 1 
ATOM   511 N N   . PRO A 1 63 ? -6.374  -8.077  -4.705  1.00 19.16 ? 63  PRO A N   1 
ATOM   512 C CA  . PRO A 1 63 ? -5.328  -9.080  -4.491  1.00 20.22 ? 63  PRO A CA  1 
ATOM   513 C C   . PRO A 1 63 ? -3.951  -8.462  -4.662  1.00 23.47 ? 63  PRO A C   1 
ATOM   514 O O   . PRO A 1 63 ? -3.697  -7.770  -5.652  1.00 26.91 ? 63  PRO A O   1 
ATOM   515 C CB  . PRO A 1 63 ? -5.592  -10.121 -5.586  1.00 22.18 ? 63  PRO A CB  1 
ATOM   516 C CG  . PRO A 1 63 ? -6.948  -9.808  -6.135  1.00 24.90 ? 63  PRO A CG  1 
ATOM   517 C CD  . PRO A 1 63 ? -7.159  -8.339  -5.923  1.00 22.10 ? 63  PRO A CD  1 
ATOM   518 N N   . ILE A 1 64 ? -3.067  -8.699  -3.707  1.00 18.54 ? 64  ILE A N   1 
ATOM   519 C CA  . ILE A 1 64 ? -1.741  -8.106  -3.745  1.00 17.88 ? 64  ILE A CA  1 
ATOM   520 C C   . ILE A 1 64 ? -0.743  -9.031  -3.052  1.00 22.98 ? 64  ILE A C   1 
ATOM   521 O O   . ILE A 1 64 ? -1.051  -9.635  -2.022  1.00 23.97 ? 64  ILE A O   1 
ATOM   522 C CB  . ILE A 1 64 ? -1.751  -6.695  -3.089  1.00 20.53 ? 64  ILE A CB  1 
ATOM   523 C CG1 . ILE A 1 64 ? -0.372  -6.038  -3.164  1.00 19.78 ? 64  ILE A CG1 1 
ATOM   524 C CG2 . ILE A 1 64 ? -2.263  -6.766  -1.652  1.00 22.53 ? 64  ILE A CG2 1 
ATOM   525 C CD1 . ILE A 1 64 ? -0.352  -4.596  -2.621  1.00 26.32 ? 64  ILE A CD1 1 
ATOM   526 N N   . GLU A 1 65 ? 0.441   -9.171  -3.639  1.00 19.19 ? 65  GLU A N   1 
ATOM   527 C CA  . GLU A 1 65 ? 1.485   -10.004 -3.063  1.00 20.75 ? 65  GLU A CA  1 
ATOM   528 C C   . GLU A 1 65 ? 2.544   -9.094  -2.478  1.00 24.93 ? 65  GLU A C   1 
ATOM   529 O O   . GLU A 1 65 ? 3.138   -8.268  -3.181  1.00 23.94 ? 65  GLU A O   1 
ATOM   530 C CB  . GLU A 1 65 ? 2.090   -10.951 -4.115  1.00 22.67 ? 65  GLU A CB  1 
ATOM   531 C CG  . GLU A 1 65 ? 3.069   -11.966 -3.540  1.00 23.44 ? 65  GLU A CG  1 
ATOM   532 C CD  . GLU A 1 65 ? 3.508   -13.015 -4.555  1.00 34.44 ? 65  GLU A CD  1 
ATOM   533 O OE1 . GLU A 1 65 ? 2.761   -13.281 -5.522  1.00 32.25 ? 65  GLU A OE1 1 
ATOM   534 O OE2 . GLU A 1 65 ? 4.614   -13.567 -4.386  1.00 38.92 ? 65  GLU A OE2 1 
ATOM   535 N N   . ILE A 1 66 ? 2.759   -9.231  -1.175  1.00 21.30 ? 66  ILE A N   1 
ATOM   536 C CA  . ILE A 1 66 ? 3.678   -8.365  -0.461  1.00 21.92 ? 66  ILE A CA  1 
ATOM   537 C C   . ILE A 1 66 ? 4.769   -9.236  0.096   1.00 25.98 ? 66  ILE A C   1 
ATOM   538 O O   . ILE A 1 66 ? 4.523   -10.053 0.979   1.00 25.62 ? 66  ILE A O   1 
ATOM   539 C CB  . ILE A 1 66 ? 2.978   -7.595  0.668   1.00 22.87 ? 66  ILE A CB  1 
ATOM   540 C CG1 . ILE A 1 66 ? 1.823   -6.769  0.091   1.00 21.58 ? 66  ILE A CG1 1 
ATOM   541 C CG2 . ILE A 1 66 ? 3.988   -6.730  1.435   1.00 23.73 ? 66  ILE A CG2 1 
ATOM   542 C CD1 . ILE A 1 66 ? 0.869   -6.189  1.146   1.00 22.37 ? 66  ILE A CD1 1 
ATOM   543 N N   . CYS A 1 67 ? 5.960   -9.103  -0.472  1.00 26.17 ? 67  CYS A N   1 
ATOM   544 C CA  . CYS A 1 67 ? 7.115   -9.854  -0.009  1.00 31.03 ? 67  CYS A CA  1 
ATOM   545 C C   . CYS A 1 67 ? 6.824   -11.358 0.048   1.00 32.16 ? 67  CYS A C   1 
ATOM   546 O O   . CYS A 1 67 ? 7.159   -12.033 1.023   1.00 37.74 ? 67  CYS A O   1 
ATOM   547 C CB  . CYS A 1 67 ? 7.548   -9.329  1.360   1.00 31.76 ? 67  CYS A CB  1 
ATOM   548 S SG  . CYS A 1 67 ? 9.260   -9.621  1.728   1.00 37.87 ? 67  CYS A SG  1 
ATOM   549 N N   . GLY A 1 68 ? 6.175   -11.870 -0.994  1.00 25.21 ? 68  GLY A N   1 
ATOM   550 C CA  . GLY A 1 68 ? 5.889   -13.292 -1.088  1.00 32.59 ? 68  GLY A CA  1 
ATOM   551 C C   . GLY A 1 68 ? 4.565   -13.726 -0.480  1.00 30.57 ? 68  GLY A C   1 
ATOM   552 O O   . GLY A 1 68 ? 4.157   -14.876 -0.628  1.00 34.15 ? 68  GLY A O   1 
ATOM   553 N N   . HIS A 1 69 ? 3.892   -12.811 0.207   1.00 26.21 ? 69  HIS A N   1 
ATOM   554 C CA  . HIS A 1 69 ? 2.643   -13.141 0.886   1.00 25.99 ? 69  HIS A CA  1 
ATOM   555 C C   . HIS A 1 69 ? 1.447   -12.654 0.084   1.00 23.89 ? 69  HIS A C   1 
ATOM   556 O O   . HIS A 1 69 ? 1.258   -11.447 -0.073  1.00 22.71 ? 69  HIS A O   1 
ATOM   557 C CB  . HIS A 1 69 ? 2.612   -12.527 2.293   1.00 23.66 ? 69  HIS A CB  1 
ATOM   558 C CG  . HIS A 1 69 ? 3.609   -13.120 3.243   1.00 24.98 ? 69  HIS A CG  1 
ATOM   559 N ND1 . HIS A 1 69 ? 3.236   -13.842 4.357   1.00 30.63 ? 69  HIS A ND1 1 
ATOM   560 C CD2 . HIS A 1 69 ? 4.962   -13.086 3.253   1.00 27.03 ? 69  HIS A CD2 1 
ATOM   561 C CE1 . HIS A 1 69 ? 4.318   -14.236 5.006   1.00 32.01 ? 69  HIS A CE1 1 
ATOM   562 N NE2 . HIS A 1 69 ? 5.378   -13.793 4.356   1.00 34.05 ? 69  HIS A NE2 1 
ATOM   563 N N   . LYS A 1 70 ? 0.639   -13.590 -0.410  1.00 22.02 ? 70  LYS A N   1 
ATOM   564 C CA  . LYS A 1 70 ? -0.538  -13.257 -1.208  1.00 20.44 ? 70  LYS A CA  1 
ATOM   565 C C   . LYS A 1 70 ? -1.700  -12.911 -0.285  1.00 23.63 ? 70  LYS A C   1 
ATOM   566 O O   . LYS A 1 70 ? -2.200  -13.771 0.434   1.00 23.46 ? 70  LYS A O   1 
ATOM   567 C CB  . LYS A 1 70 ? -0.915  -14.416 -2.135  1.00 22.82 ? 70  LYS A CB  1 
ATOM   568 C CG  . LYS A 1 70 ? 0.173   -14.766 -3.141  1.00 22.44 ? 70  LYS A CG  1 
ATOM   569 C CD  . LYS A 1 70 ? -0.321  -15.822 -4.125  1.00 30.17 ? 70  LYS A CD  1 
ATOM   570 C CE  . LYS A 1 70 ? 0.701   -16.106 -5.223  1.00 40.55 ? 70  LYS A CE  1 
ATOM   571 N NZ  . LYS A 1 70 ? 1.847   -16.894 -4.711  1.00 47.28 ? 70  LYS A NZ  1 
ATOM   572 N N   . VAL A 1 71 ? -2.122  -11.647 -0.303  1.00 18.47 ? 71  VAL A N   1 
ATOM   573 C CA  . VAL A 1 71 ? -3.169  -11.168 0.596   1.00 17.39 ? 71  VAL A CA  1 
ATOM   574 C C   . VAL A 1 71 ? -4.196  -10.315 -0.151  1.00 17.17 ? 71  VAL A C   1 
ATOM   575 O O   . VAL A 1 71 ? -4.129  -10.175 -1.377  1.00 19.26 ? 71  VAL A O   1 
ATOM   576 C CB  . VAL A 1 71 ? -2.556  -10.381 1.776   1.00 17.19 ? 71  VAL A CB  1 
ATOM   577 C CG1 . VAL A 1 71 ? -1.736  -11.321 2.686   1.00 18.60 ? 71  VAL A CG1 1 
ATOM   578 C CG2 . VAL A 1 71 ? -1.683  -9.237  1.271   1.00 19.78 ? 71  VAL A CG2 1 
ATOM   579 N N   . ILE A 1 72 ? -5.176  -9.796  0.583   1.00 18.07 ? 72  ILE A N   1 
ATOM   580 C CA  . ILE A 1 72 ? -6.262  -9.007  0.008   1.00 18.00 ? 72  ILE A CA  1 
ATOM   581 C C   . ILE A 1 72 ? -6.496  -7.780  0.884   1.00 16.87 ? 72  ILE A C   1 
ATOM   582 O O   . ILE A 1 72 ? -6.528  -7.902  2.106   1.00 17.72 ? 72  ILE A O   1 
ATOM   583 C CB  . ILE A 1 72 ? -7.581  -9.823  -0.078  1.00 16.88 ? 72  ILE A CB  1 
ATOM   584 C CG1 . ILE A 1 72 ? -7.459  -10.993 -1.045  1.00 22.82 ? 72  ILE A CG1 1 
ATOM   585 C CG2 . ILE A 1 72 ? -8.770  -8.941  -0.458  1.00 22.33 ? 72  ILE A CG2 1 
ATOM   586 C CD1 . ILE A 1 72 ? -8.733  -11.824 -1.084  1.00 23.29 ? 72  ILE A CD1 1 
ATOM   587 N N   . GLY A 1 73 ? -6.657  -6.605  0.273   1.00 16.92 ? 73  GLY A N   1 
ATOM   588 C CA  . GLY A 1 73 ? -7.003  -5.414  1.022   1.00 17.29 ? 73  GLY A CA  1 
ATOM   589 C C   . GLY A 1 73 ? -7.337  -4.236  0.130   1.00 15.99 ? 73  GLY A C   1 
ATOM   590 O O   . GLY A 1 73 ? -7.154  -4.285  -1.087  1.00 16.06 ? 73  GLY A O   1 
ATOM   591 N N   . THR A 1 74 ? -7.833  -3.174  0.745   1.00 15.60 ? 74  THR A N   1 
ATOM   592 C CA  . THR A 1 74 ? -8.134  -1.946  0.024   1.00 16.45 ? 74  THR A CA  1 
ATOM   593 C C   . THR A 1 74 ? -6.860  -1.272  -0.456  1.00 14.76 ? 74  THR A C   1 
ATOM   594 O O   . THR A 1 74 ? -5.897  -1.138  0.310   1.00 15.29 ? 74  THR A O   1 
ATOM   595 C CB  . THR A 1 74 ? -8.922  -0.976  0.914   1.00 16.03 ? 74  THR A CB  1 
ATOM   596 O OG1 . THR A 1 74 ? -10.172 -1.575  1.281   1.00 18.49 ? 74  THR A OG1 1 
ATOM   597 C CG2 . THR A 1 74 ? -9.187  0.332   0.199   1.00 16.12 ? 74  THR A CG2 1 
ATOM   598 N N   . VAL A 1 75 ? -6.848  -0.862  -1.725  1.00 15.76 ? 75  VAL A N   1 
ATOM   599 C CA  . VAL A 1 75 ? -5.727  -0.097  -2.260  1.00 15.43 ? 75  VAL A CA  1 
ATOM   600 C C   . VAL A 1 75 ? -6.241  1.218   -2.831  1.00 16.12 ? 75  VAL A C   1 
ATOM   601 O O   . VAL A 1 75 ? -7.207  1.241   -3.594  1.00 16.22 ? 75  VAL A O   1 
ATOM   602 C CB  . VAL A 1 75 ? -4.964  -0.880  -3.344  1.00 16.07 ? 75  VAL A CB  1 
ATOM   603 C CG1 . VAL A 1 75 ? -3.883  -0.005  -3.982  1.00 17.35 ? 75  VAL A CG1 1 
ATOM   604 C CG2 . VAL A 1 75 ? -4.355  -2.129  -2.738  1.00 17.20 ? 75  VAL A CG2 1 
ATOM   605 N N   . LEU A 1 76 ? -5.620  2.315   -2.420  1.00 14.89 ? 76  LEU A N   1 
ATOM   606 C CA  . LEU A 1 76 ? -5.928  3.625   -2.993  1.00 15.59 ? 76  LEU A CA  1 
ATOM   607 C C   . LEU A 1 76 ? -4.966  3.876   -4.134  1.00 15.45 ? 76  LEU A C   1 
ATOM   608 O O   . LEU A 1 76 ? -3.772  3.568   -4.030  1.00 17.17 ? 76  LEU A O   1 
ATOM   609 C CB  . LEU A 1 76 ? -5.806  4.727   -1.950  1.00 15.10 ? 76  LEU A CB  1 
ATOM   610 C CG  . LEU A 1 76 ? -6.517  4.477   -0.622  1.00 15.86 ? 76  LEU A CG  1 
ATOM   611 C CD1 . LEU A 1 76 ? -6.280  5.655   0.306   1.00 16.77 ? 76  LEU A CD1 1 
ATOM   612 C CD2 . LEU A 1 76 ? -8.004  4.240   -0.859  1.00 16.57 ? 76  LEU A CD2 1 
ATOM   613 N N   . VAL A 1 77 ? -5.471  4.440   -5.222  1.00 14.38 ? 77  VAL A N   1 
ATOM   614 C CA  . VAL A 1 77 ? -4.618  4.795   -6.344  1.00 14.53 ? 77  VAL A CA  1 
ATOM   615 C C   . VAL A 1 77 ? -4.612  6.306   -6.540  1.00 16.26 ? 77  VAL A C   1 
ATOM   616 O O   . VAL A 1 77 ? -5.662  6.934   -6.758  1.00 18.52 ? 77  VAL A O   1 
ATOM   617 C CB  . VAL A 1 77 ? -5.070  4.084   -7.640  1.00 18.01 ? 77  VAL A CB  1 
ATOM   618 C CG1 . VAL A 1 77 ? -4.172  4.472   -8.814  1.00 18.68 ? 77  VAL A CG1 1 
ATOM   619 C CG2 . VAL A 1 77 ? -5.074  2.565   -7.413  1.00 17.33 ? 77  VAL A CG2 1 
ATOM   620 N N   . GLY A 1 78 ? -3.418  6.880   -6.437  1.00 17.37 ? 78  GLY A N   1 
ATOM   621 C CA  . GLY A 1 78 ? -3.230  8.314   -6.567  1.00 20.81 ? 78  GLY A CA  1 
ATOM   622 C C   . GLY A 1 78 ? -1.752  8.630   -6.458  1.00 21.06 ? 78  GLY A C   1 
ATOM   623 O O   . GLY A 1 78 ? -0.936  7.733   -6.238  1.00 19.31 ? 78  GLY A O   1 
ATOM   624 N N   . PRO A 1 79 ? -1.392  9.916   -6.589  1.00 22.26 ? 79  PRO A N   1 
ATOM   625 C CA  . PRO A 1 79 ? 0.021   10.316  -6.581  1.00 22.09 ? 79  PRO A CA  1 
ATOM   626 C C   . PRO A 1 79 ? 0.719   10.009  -5.269  1.00 19.71 ? 79  PRO A C   1 
ATOM   627 O O   . PRO A 1 79 ? 0.184   10.290  -4.193  1.00 22.49 ? 79  PRO A O   1 
ATOM   628 C CB  . PRO A 1 79 ? -0.032  11.837  -6.803  1.00 22.98 ? 79  PRO A CB  1 
ATOM   629 C CG  . PRO A 1 79 ? -1.396  12.109  -7.338  1.00 24.53 ? 79  PRO A CG  1 
ATOM   630 C CD  . PRO A 1 79 ? -2.295  11.065  -6.742  1.00 25.03 ? 79  PRO A CD  1 
ATOM   631 N N   . THR A 1 80 ? 1.913   9.441   -5.366  1.00 22.56 ? 80  THR A N   1 
ATOM   632 C CA  . THR A 1 80 ? 2.710   9.173   -4.180  1.00 22.02 ? 80  THR A CA  1 
ATOM   633 C C   . THR A 1 80 ? 4.158   8.975   -4.642  1.00 21.49 ? 80  THR A C   1 
ATOM   634 O O   . THR A 1 80 ? 4.414   8.255   -5.606  1.00 24.31 ? 80  THR A O   1 
ATOM   635 C CB  . THR A 1 80 ? 2.149   7.944   -3.387  1.00 24.60 ? 80  THR A CB  1 
ATOM   636 O OG1 . THR A 1 80 ? 2.940   7.708   -2.211  1.00 24.03 ? 80  THR A OG1 1 
ATOM   637 C CG2 . THR A 1 80 ? 2.110   6.687   -4.251  1.00 23.60 ? 80  THR A CG2 1 
ATOM   638 N N   . PRO A 1 81 ? 5.108   9.669   -3.989  1.00 25.52 ? 81  PRO A N   1 
ATOM   639 C CA  . PRO A 1 81 ? 6.520   9.598   -4.387  1.00 25.89 ? 81  PRO A CA  1 
ATOM   640 C C   . PRO A 1 81 ? 7.087   8.187   -4.238  1.00 26.34 ? 81  PRO A C   1 
ATOM   641 O O   . PRO A 1 81 ? 7.862   7.726   -5.083  1.00 33.52 ? 81  PRO A O   1 
ATOM   642 C CB  . PRO A 1 81 ? 7.206   10.582  -3.430  1.00 30.76 ? 81  PRO A CB  1 
ATOM   643 C CG  . PRO A 1 81 ? 6.256   10.754  -2.300  1.00 32.93 ? 81  PRO A CG  1 
ATOM   644 C CD  . PRO A 1 81 ? 4.890   10.614  -2.885  1.00 30.31 ? 81  PRO A CD  1 
ATOM   645 N N   . THR A 1 82 ? 6.681   7.509   -3.169  1.00 24.47 ? 82  THR A N   1 
ATOM   646 C CA  . THR A 1 82 ? 6.968   6.095   -2.982  1.00 22.65 ? 82  THR A CA  1 
ATOM   647 C C   . THR A 1 82 ? 5.650   5.420   -2.677  1.00 18.21 ? 82  THR A C   1 
ATOM   648 O O   . THR A 1 82 ? 4.841   5.954   -1.925  1.00 21.46 ? 82  THR A O   1 
ATOM   649 C CB  . THR A 1 82 ? 7.954   5.844   -1.821  1.00 28.94 ? 82  THR A CB  1 
ATOM   650 O OG1 . THR A 1 82 ? 9.157   6.586   -2.043  1.00 29.50 ? 82  THR A OG1 1 
ATOM   651 C CG2 . THR A 1 82 ? 8.294   4.358   -1.709  1.00 33.90 ? 82  THR A CG2 1 
ATOM   652 N N   . ASN A 1 83 ? 5.423   4.261   -3.269  1.00 18.91 ? 83  ASN A N   1 
ATOM   653 C CA  . ASN A 1 83 ? 4.229   3.502   -2.947  1.00 16.21 ? 83  ASN A CA  1 
ATOM   654 C C   . ASN A 1 83 ? 4.270   3.118   -1.483  1.00 17.09 ? 83  ASN A C   1 
ATOM   655 O O   . ASN A 1 83 ? 5.343   2.878   -0.939  1.00 17.63 ? 83  ASN A O   1 
ATOM   656 C CB  . ASN A 1 83 ? 4.138   2.269   -3.831  1.00 16.23 ? 83  ASN A CB  1 
ATOM   657 C CG  . ASN A 1 83 ? 4.037   2.619   -5.304  1.00 20.86 ? 83  ASN A CG  1 
ATOM   658 O OD1 . ASN A 1 83 ? 3.338   3.560   -5.686  1.00 18.76 ? 83  ASN A OD1 1 
ATOM   659 N ND2 . ASN A 1 83 ? 4.753   1.871   -6.132  1.00 21.64 ? 83  ASN A ND2 1 
ATOM   660 N N   . VAL A 1 84 ? 3.104   3.081   -0.840  1.00 16.13 ? 84  VAL A N   1 
ATOM   661 C CA  . VAL A 1 84 ? 3.024   2.876   0.599   1.00 15.84 ? 84  VAL A CA  1 
ATOM   662 C C   . VAL A 1 84 ? 2.150   1.689   0.954   1.00 16.38 ? 84  VAL A C   1 
ATOM   663 O O   . VAL A 1 84 ? 0.999   1.626   0.532   1.00 15.42 ? 84  VAL A O   1 
ATOM   664 C CB  . VAL A 1 84 ? 2.454   4.121   1.300   1.00 15.18 ? 84  VAL A CB  1 
ATOM   665 C CG1 . VAL A 1 84 ? 2.215   3.838   2.780   1.00 17.74 ? 84  VAL A CG1 1 
ATOM   666 C CG2 . VAL A 1 84 ? 3.390   5.288   1.125   1.00 21.70 ? 84  VAL A CG2 1 
ATOM   667 N N   . ILE A 1 85 ? 2.702   0.748   1.720   1.00 14.11 ? 85  ILE A N   1 
ATOM   668 C CA  . ILE A 1 85 ? 1.906   -0.292  2.364   1.00 14.82 ? 85  ILE A CA  1 
ATOM   669 C C   . ILE A 1 85 ? 1.557   0.192   3.764   1.00 15.86 ? 85  ILE A C   1 
ATOM   670 O O   . ILE A 1 85 ? 2.438   0.338   4.610   1.00 16.11 ? 85  ILE A O   1 
ATOM   671 C CB  . ILE A 1 85 ? 2.646   -1.645  2.475   1.00 15.41 ? 85  ILE A CB  1 
ATOM   672 C CG1 . ILE A 1 85 ? 3.148   -2.119  1.114   1.00 18.17 ? 85  ILE A CG1 1 
ATOM   673 C CG2 . ILE A 1 85 ? 1.742   -2.696  3.106   1.00 16.09 ? 85  ILE A CG2 1 
ATOM   674 C CD1 . ILE A 1 85 ? 2.046   -2.257  0.088   1.00 20.79 ? 85  ILE A CD1 1 
ATOM   675 N N   . GLY A 1 86 ? 0.277   0.444   4.007   1.00 15.60 ? 86  GLY A N   1 
ATOM   676 C CA  . GLY A 1 86 ? -0.185  0.909   5.304   1.00 15.44 ? 86  GLY A CA  1 
ATOM   677 C C   . GLY A 1 86 ? -0.611  -0.220  6.217   1.00 15.02 ? 86  GLY A C   1 
ATOM   678 O O   . GLY A 1 86 ? -0.515  -1.391  5.859   1.00 14.77 ? 86  GLY A O   1 
ATOM   679 N N   . ARG A 1 87 ? -1.074  0.141   7.413   1.00 13.81 ? 87  ARG A N   1 
ATOM   680 C CA  . ARG A 1 87 ? -1.469  -0.863  8.398   1.00 13.97 ? 87  ARG A CA  1 
ATOM   681 C C   . ARG A 1 87 ? -2.550  -1.811  7.880   1.00 15.57 ? 87  ARG A C   1 
ATOM   682 O O   . ARG A 1 87 ? -2.574  -2.966  8.273   1.00 15.67 ? 87  ARG A O   1 
ATOM   683 C CB  . ARG A 1 87 ? -1.944  -0.187  9.684   1.00 15.77 ? 87  ARG A CB  1 
ATOM   684 C CG  . ARG A 1 87 ? -0.812  0.532   10.436  1.00 14.94 ? 87  ARG A CG  1 
ATOM   685 C CD  . ARG A 1 87 ? -1.282  0.993   11.824  1.00 15.60 ? 87  ARG A CD  1 
ATOM   686 N NE  . ARG A 1 87 ? -2.311  2.031   11.721  1.00 16.72 ? 87  ARG A NE  1 
ATOM   687 C CZ  . ARG A 1 87 ? -3.615  1.833   11.897  1.00 15.65 ? 87  ARG A CZ  1 
ATOM   688 N NH1 . ARG A 1 87 ? -4.072  0.634   12.251  1.00 17.54 ? 87  ARG A NH1 1 
ATOM   689 N NH2 . ARG A 1 87 ? -4.469  2.845   11.762  1.00 19.81 ? 87  ARG A NH2 1 
ATOM   690 N N   . ASN A 1 88 ? -3.437  -1.326  7.010   1.00 15.15 ? 88  ASN A N   1 
ATOM   691 C CA  . ASN A 1 88 ? -4.554  -2.148  6.539   1.00 16.27 ? 88  ASN A CA  1 
ATOM   692 C C   . ASN A 1 88 ? -4.076  -3.416  5.841   1.00 17.70 ? 88  ASN A C   1 
ATOM   693 O O   . ASN A 1 88 ? -4.775  -4.438  5.862   1.00 17.51 ? 88  ASN A O   1 
ATOM   694 C CB  . ASN A 1 88 ? -5.471  -1.338  5.602   1.00 15.39 ? 88  ASN A CB  1 
ATOM   695 C CG  . ASN A 1 88 ? -4.863  -1.116  4.231   1.00 16.87 ? 88  ASN A CG  1 
ATOM   696 O OD1 . ASN A 1 88 ? -3.820  -0.480  4.111   1.00 15.90 ? 88  ASN A OD1 1 
ATOM   697 N ND2 . ASN A 1 88 ? -5.527  -1.621  3.179   1.00 15.90 ? 88  ASN A ND2 1 
ATOM   698 N N   . LEU A 1 89 ? -2.892  -3.362  5.237   1.00 15.95 ? 89  LEU A N   1 
ATOM   699 C CA  . LEU A 1 89 ? -2.348  -4.542  4.576   1.00 15.59 ? 89  LEU A CA  1 
ATOM   700 C C   . LEU A 1 89 ? -1.245  -5.212  5.396   1.00 14.14 ? 89  LEU A C   1 
ATOM   701 O O   . LEU A 1 89 ? -1.029  -6.429  5.272   1.00 15.79 ? 89  LEU A O   1 
ATOM   702 C CB  . LEU A 1 89 ? -1.858  -4.191  3.163   1.00 17.78 ? 89  LEU A CB  1 
ATOM   703 C CG  . LEU A 1 89 ? -3.004  -4.294  2.148   1.00 19.03 ? 89  LEU A CG  1 
ATOM   704 C CD1 . LEU A 1 89 ? -2.670  -3.590  0.836   1.00 24.94 ? 89  LEU A CD1 1 
ATOM   705 C CD2 . LEU A 1 89 ? -3.369  -5.754  1.891   1.00 18.07 ? 89  LEU A CD2 1 
ATOM   706 N N   . MET A 1 90 ? -0.571  -4.459  6.264   1.00 14.57 ? 90  MET A N   1 
ATOM   707 C CA  . MET A 1 90 ? 0.423   -5.092  7.123   1.00 14.57 ? 90  MET A CA  1 
ATOM   708 C C   . MET A 1 90 ? -0.232  -6.084  8.086   1.00 15.33 ? 90  MET A C   1 
ATOM   709 O O   . MET A 1 90 ? 0.350   -7.130  8.384   1.00 15.83 ? 90  MET A O   1 
ATOM   710 C CB  . MET A 1 90 ? 1.231   -4.035  7.878   1.00 15.84 ? 90  MET A CB  1 
ATOM   711 C CG  . MET A 1 90 ? 2.357   -3.501  7.025   1.00 16.68 ? 90  MET A CG  1 
ATOM   712 S SD  . MET A 1 90 ? 3.499   -2.428  7.905   1.00 22.24 ? 90  MET A SD  1 
ATOM   713 C CE  . MET A 1 90 ? 2.543   -0.986  7.883   1.00 18.66 ? 90  MET A CE  1 
ATOM   714 N N   . THR A 1 91 ? -1.452  -5.797  8.538   1.00 15.06 ? 91  THR A N   1 
ATOM   715 C CA  . THR A 1 91 ? -2.181  -6.775  9.349   1.00 15.31 ? 91  THR A CA  1 
ATOM   716 C C   . THR A 1 91 ? -2.438  -8.074  8.581   1.00 17.15 ? 91  THR A C   1 
ATOM   717 O O   . THR A 1 91 ? -2.441  -9.163  9.170   1.00 18.90 ? 91  THR A O   1 
ATOM   718 C CB  . THR A 1 91 ? -3.542  -6.231  9.840   1.00 14.40 ? 91  THR A CB  1 
ATOM   719 O OG1 . THR A 1 91 ? -4.342  -5.847  8.712   1.00 16.68 ? 91  THR A OG1 1 
ATOM   720 C CG2 . THR A 1 91 ? -3.337  -5.040  10.761  1.00 16.83 ? 91  THR A CG2 1 
ATOM   721 N N   . GLN A 1 92 ? -2.649  -7.959  7.272   1.00 15.87 ? 92  GLN A N   1 
ATOM   722 C CA  . GLN A 1 92 ? -2.992  -9.117  6.458   1.00 15.68 ? 92  GLN A CA  1 
ATOM   723 C C   . GLN A 1 92 ? -1.817  -10.083 6.306   1.00 17.96 ? 92  GLN A C   1 
ATOM   724 O O   . GLN A 1 92 ? -2.016  -11.306 6.253   1.00 18.57 ? 92  GLN A O   1 
ATOM   725 C CB  . GLN A 1 92 ? -3.480  -8.664  5.078   1.00 16.84 ? 92  GLN A CB  1 
ATOM   726 C CG  . GLN A 1 92 ? -4.726  -7.791  5.135   1.00 16.26 ? 92  GLN A CG  1 
ATOM   727 C CD  . GLN A 1 92 ? -5.840  -8.451  5.923   1.00 17.20 ? 92  GLN A CD  1 
ATOM   728 O OE1 . GLN A 1 92 ? -6.462  -9.399  5.446   1.00 17.78 ? 92  GLN A OE1 1 
ATOM   729 N NE2 . GLN A 1 92 ? -6.097  -7.964  7.137   1.00 17.96 ? 92  GLN A NE2 1 
ATOM   730 N N   . ILE A 1 93 ? -0.600  -9.546  6.231   1.00 17.58 ? 93  ILE A N   1 
ATOM   731 C CA  . ILE A 1 93 ? 0.576   -10.403 6.122   1.00 19.38 ? 93  ILE A CA  1 
ATOM   732 C C   . ILE A 1 93 ? 1.114   -10.831 7.490   1.00 19.73 ? 93  ILE A C   1 
ATOM   733 O O   . ILE A 1 93 ? 2.093   -11.574 7.570   1.00 23.35 ? 93  ILE A O   1 
ATOM   734 C CB  . ILE A 1 93 ? 1.701   -9.721  5.311   1.00 19.10 ? 93  ILE A CB  1 
ATOM   735 C CG1 . ILE A 1 93 ? 2.229   -8.488  6.045   1.00 19.22 ? 93  ILE A CG1 1 
ATOM   736 C CG2 . ILE A 1 93 ? 1.191   -9.347  3.918   1.00 25.42 ? 93  ILE A CG2 1 
ATOM   737 C CD1 . ILE A 1 93 ? 3.427   -7.836  5.351   1.00 21.68 ? 93  ILE A CD1 1 
ATOM   738 N N   . GLY A 1 94 ? 0.465   -10.386 8.564   1.00 18.28 ? 94  GLY A N   1 
ATOM   739 C CA  . GLY A 1 94 ? 0.847   -10.807 9.901   1.00 18.50 ? 94  GLY A CA  1 
ATOM   740 C C   . GLY A 1 94 ? 2.049   -10.050 10.437  1.00 19.55 ? 94  GLY A C   1 
ATOM   741 O O   . GLY A 1 94 ? 2.801   -10.557 11.275  1.00 21.35 ? 94  GLY A O   1 
ATOM   742 N N   . CYS A 1 95 ? 2.218   -8.819  9.968   1.00 18.44 ? 95  CYS A N   1 
ATOM   743 C CA  . CYS A 1 95 ? 3.383   -8.023  10.325  1.00 18.33 ? 95  CYS A CA  1 
ATOM   744 C C   . CYS A 1 95 ? 3.200   -7.312  11.665  1.00 20.54 ? 95  CYS A C   1 
ATOM   745 O O   . CYS A 1 95 ? 2.177   -6.656  11.899  1.00 20.73 ? 95  CYS A O   1 
ATOM   746 C CB  . CYS A 1 95 ? 3.660   -7.005  9.225   1.00 19.42 ? 95  CYS A CB  1 
ATOM   747 S SG  . CYS A 1 95 ? 5.179   -6.073  9.459   1.00 21.76 ? 95  CYS A SG  1 
ATOM   748 N N   . THR A 1 96 ? 4.188   -7.450  12.543  1.00 18.20 ? 96  THR A N   1 
ATOM   749 C CA  . THR A 1 96 ? 4.150   -6.808  13.850  1.00 18.67 ? 96  THR A CA  1 
ATOM   750 C C   . THR A 1 96 ? 5.432   -6.014  14.083  1.00 18.53 ? 96  THR A C   1 
ATOM   751 O O   . THR A 1 96 ? 6.443   -6.253  13.412  1.00 17.96 ? 96  THR A O   1 
ATOM   752 C CB  . THR A 1 96 ? 3.967   -7.840  14.997  1.00 19.70 ? 96  THR A CB  1 
ATOM   753 O OG1 . THR A 1 96 ? 5.018   -8.814  14.956  1.00 20.56 ? 96  THR A OG1 1 
ATOM   754 C CG2 . THR A 1 96 ? 2.641   -8.560  14.871  1.00 20.00 ? 96  THR A CG2 1 
ATOM   755 N N   . LEU A 1 97 ? 5.378   -5.060  15.013  1.00 17.09 ? 97  LEU A N   1 
ATOM   756 C CA  . LEU A 1 97 ? 6.572   -4.402  15.529  1.00 15.57 ? 97  LEU A CA  1 
ATOM   757 C C   . LEU A 1 97 ? 7.050   -5.153  16.762  1.00 20.83 ? 97  LEU A C   1 
ATOM   758 O O   . LEU A 1 97 ? 6.241   -5.479  17.636  1.00 21.74 ? 97  LEU A O   1 
ATOM   759 C CB  . LEU A 1 97 ? 6.287   -2.945  15.904  1.00 16.18 ? 97  LEU A CB  1 
ATOM   760 C CG  . LEU A 1 97 ? 6.030   -1.999  14.729  1.00 17.25 ? 97  LEU A CG  1 
ATOM   761 C CD1 . LEU A 1 97 ? 5.358   -0.737  15.240  1.00 17.51 ? 97  LEU A CD1 1 
ATOM   762 C CD2 . LEU A 1 97 ? 7.338   -1.674  14.005  1.00 19.48 ? 97  LEU A CD2 1 
ATOM   763 N N   . ASN A 1 98 ? 8.351   -5.408  16.853  1.00 18.89 ? 98  ASN A N   1 
ATOM   764 C CA  . ASN A 1 98 ? 8.883   -6.195  17.965  1.00 19.64 ? 98  ASN A CA  1 
ATOM   765 C C   . ASN A 1 98 ? 10.149  -5.590  18.547  1.00 19.92 ? 98  ASN A C   1 
ATOM   766 O O   . ASN A 1 98 ? 11.074  -5.259  17.810  1.00 18.98 ? 98  ASN A O   1 
ATOM   767 C CB  . ASN A 1 98 ? 9.174   -7.626  17.507  1.00 19.10 ? 98  ASN A CB  1 
ATOM   768 C CG  . ASN A 1 98 ? 7.920   -8.369  17.090  1.00 23.69 ? 98  ASN A CG  1 
ATOM   769 O OD1 . ASN A 1 98 ? 7.318   -9.089  17.884  1.00 33.81 ? 98  ASN A OD1 1 
ATOM   770 N ND2 . ASN A 1 98 ? 7.498   -8.159  15.854  1.00 23.40 ? 98  ASN A ND2 1 
ATOM   771 N N   . PHE A 1 99 ? 10.202  -5.466  19.868  1.00 20.64 ? 99  PHE A N   1 
ATOM   772 C CA  . PHE A 1 99 ? 11.430  -5.059  20.532  1.00 21.28 ? 99  PHE A CA  1 
ATOM   773 C C   . PHE A 1 99 ? 11.406  -5.500  21.984  1.00 29.19 ? 99  PHE A C   1 
ATOM   774 O O   . PHE A 1 99 ? 10.457  -6.158  22.408  1.00 28.83 ? 99  PHE A O   1 
ATOM   775 C CB  . PHE A 1 99 ? 11.648  -3.543  20.434  1.00 22.58 ? 99  PHE A CB  1 
ATOM   776 C CG  . PHE A 1 99 ? 10.546  -2.718  21.036  1.00 24.24 ? 99  PHE A CG  1 
ATOM   777 C CD1 . PHE A 1 99 ? 9.405   -2.425  20.309  1.00 27.67 ? 99  PHE A CD1 1 
ATOM   778 C CD2 . PHE A 1 99 ? 10.671  -2.203  22.319  1.00 28.17 ? 99  PHE A CD2 1 
ATOM   779 C CE1 . PHE A 1 99 ? 8.396   -1.649  20.856  1.00 31.18 ? 99  PHE A CE1 1 
ATOM   780 C CE2 . PHE A 1 99 ? 9.668   -1.427  22.867  1.00 30.08 ? 99  PHE A CE2 1 
ATOM   781 C CZ  . PHE A 1 99 ? 8.525   -1.155  22.136  1.00 33.79 ? 99  PHE A CZ  1 
ATOM   782 O OXT . PHE A 1 99 ? 12.334  -5.216  22.744  1.00 28.83 ? 99  PHE A OXT 1 
HETATM 783 O O   . HOH B 2 .  ? -7.806  0.643   -14.298 1.00 40.14 ? 101 HOH A O   1 
HETATM 784 O O   . HOH B 2 .  ? 6.233   -14.437 -5.991  1.00 50.35 ? 102 HOH A O   1 
HETATM 785 O O   . HOH B 2 .  ? -3.346  23.151  5.483   1.00 33.98 ? 103 HOH A O   1 
HETATM 786 O O   . HOH B 2 .  ? -1.215  -2.027  -13.588 1.00 42.16 ? 104 HOH A O   1 
HETATM 787 O O   . HOH B 2 .  ? -2.099  10.637  -3.081  1.00 44.70 ? 105 HOH A O   1 
HETATM 788 O O   . HOH B 2 .  ? 1.260   11.991  -2.590  1.00 39.45 ? 106 HOH A O   1 
HETATM 789 O O   . HOH B 2 .  ? 15.838  -1.896  13.671  1.00 20.51 ? 107 HOH A O   1 
HETATM 790 O O   . HOH B 2 .  ? -3.422  4.650   -12.667 1.00 41.35 ? 108 HOH A O   1 
HETATM 791 O O   . HOH B 2 .  ? -7.300  17.766  -4.737  1.00 17.02 ? 109 HOH A O   1 
HETATM 792 O O   . HOH B 2 .  ? 3.107   -13.731 8.660   1.00 38.93 ? 110 HOH A O   1 
HETATM 793 O O   . HOH B 2 .  ? -3.463  17.003  2.404   1.00 36.50 ? 111 HOH A O   1 
HETATM 794 O O   . HOH B 2 .  ? -10.244 1.318   -12.884 1.00 31.63 ? 112 HOH A O   1 
HETATM 795 O O   . HOH B 2 .  ? -7.330  -2.359  -15.559 1.00 48.48 ? 113 HOH A O   1 
HETATM 796 O O   . HOH B 2 .  ? 1.208   9.963   -10.102 1.00 54.60 ? 114 HOH A O   1 
HETATM 797 O O   . HOH B 2 .  ? 3.473   -14.743 -7.660  1.00 28.95 ? 115 HOH A O   1 
HETATM 798 O O   . HOH B 2 .  ? 0.603   -12.672 -7.004  1.00 31.66 ? 116 HOH A O   1 
HETATM 799 O O   . HOH B 2 .  ? -6.111  -3.879  9.242   1.00 26.37 ? 117 HOH A O   1 
HETATM 800 O O   . HOH B 2 .  ? -11.111 -0.861  -13.103 1.00 43.93 ? 118 HOH A O   1 
HETATM 801 O O   . HOH B 2 .  ? -2.985  25.108  0.769   1.00 42.22 ? 119 HOH A O   1 
HETATM 802 O O   . HOH B 2 .  ? -7.483  -4.819  5.644   1.00 23.67 ? 120 HOH A O   1 
HETATM 803 O O   . HOH B 2 .  ? 8.458   -14.138 -9.154  1.00 48.08 ? 121 HOH A O   1 
HETATM 804 O O   . HOH B 2 .  ? -1.940  -10.359 11.589  1.00 39.96 ? 122 HOH A O   1 
HETATM 805 O O   . HOH B 2 .  ? 1.153   9.416   10.375  1.00 41.45 ? 123 HOH A O   1 
HETATM 806 O O   . HOH B 2 .  ? -0.720  4.337   12.065  1.00 18.75 ? 124 HOH A O   1 
HETATM 807 O O   . HOH B 2 .  ? -4.651  -14.959 1.016   1.00 24.09 ? 125 HOH A O   1 
HETATM 808 O O   . HOH B 2 .  ? 4.577   -16.391 -2.936  1.00 40.17 ? 126 HOH A O   1 
HETATM 809 O O   . HOH B 2 .  ? 4.008   11.404  -7.898  1.00 37.58 ? 127 HOH A O   1 
HETATM 810 O O   . HOH B 2 .  ? -1.659  6.754   11.192  1.00 21.67 ? 128 HOH A O   1 
HETATM 811 O O   . HOH B 2 .  ? -11.145 -4.195  1.030   1.00 19.96 ? 129 HOH A O   1 
HETATM 812 O O   . HOH B 2 .  ? 20.488  4.166   6.160   1.00 43.74 ? 130 HOH A O   1 
HETATM 813 O O   . HOH B 2 .  ? 4.501   -11.151 13.466  1.00 24.02 ? 131 HOH A O   1 
HETATM 814 O O   . HOH B 2 .  ? 19.933  4.513   10.155  1.00 34.10 ? 132 HOH A O   1 
HETATM 815 O O   . HOH B 2 .  ? 7.543   8.138   -7.857  1.00 54.33 ? 133 HOH A O   1 
HETATM 816 O O   . HOH B 2 .  ? -8.866  -4.625  -8.396  1.00 30.15 ? 134 HOH A O   1 
HETATM 817 O O   . HOH B 2 .  ? -8.285  -6.849  4.055   1.00 21.43 ? 135 HOH A O   1 
HETATM 818 O O   . HOH B 2 .  ? -3.896  -12.423 -3.080  1.00 24.44 ? 136 HOH A O   1 
HETATM 819 O O   . HOH B 2 .  ? -14.305 17.689  -6.352  1.00 40.01 ? 137 HOH A O   1 
HETATM 820 O O   . HOH B 2 .  ? -15.629 0.511   1.088   1.00 48.73 ? 138 HOH A O   1 
HETATM 821 O O   . HOH B 2 .  ? -14.106 -1.297  -4.937  1.00 31.87 ? 139 HOH A O   1 
HETATM 822 O O   . HOH B 2 .  ? -11.763 -0.043  3.098   1.00 35.22 ? 140 HOH A O   1 
HETATM 823 O O   . HOH B 2 .  ? -15.339 2.428   2.427   1.00 50.09 ? 141 HOH A O   1 
HETATM 824 O O   . HOH B 2 .  ? -4.344  -12.625 5.192   1.00 21.68 ? 142 HOH A O   1 
HETATM 825 O O   . HOH B 2 .  ? -5.906  0.831   8.893   1.00 32.86 ? 143 HOH A O   1 
HETATM 826 O O   . HOH B 2 .  ? 17.923  -1.882  7.716   1.00 25.71 ? 144 HOH A O   1 
HETATM 827 O O   . HOH B 2 .  ? -0.308  -9.033  -9.925  1.00 32.23 ? 145 HOH A O   1 
HETATM 828 O O   . HOH B 2 .  ? 8.337   -9.907  20.522  1.00 39.55 ? 146 HOH A O   1 
HETATM 829 O O   . HOH B 2 .  ? 17.417  -3.816  15.026  1.00 38.02 ? 147 HOH A O   1 
HETATM 830 O O   . HOH B 2 .  ? 5.006   7.547   3.231   1.00 37.16 ? 148 HOH A O   1 
HETATM 831 O O   . HOH B 2 .  ? -2.549  7.646   7.540   1.00 28.50 ? 149 HOH A O   1 
HETATM 832 O O   . HOH B 2 .  ? 2.497   -9.033  -10.872 1.00 32.09 ? 150 HOH A O   1 
HETATM 833 O O   . HOH B 2 .  ? -12.048 -4.627  -15.017 1.00 29.66 ? 151 HOH A O   1 
HETATM 834 O O   . HOH B 2 .  ? 3.219   -10.069 -13.935 1.00 52.93 ? 152 HOH A O   1 
HETATM 835 O O   . HOH B 2 .  ? 10.296  7.895   2.403   1.00 31.13 ? 153 HOH A O   1 
HETATM 836 O O   . HOH B 2 .  ? -6.550  3.060   -14.188 1.00 42.68 ? 154 HOH A O   1 
HETATM 837 O O   . HOH B 2 .  ? 0.252   -13.748 4.902   1.00 30.42 ? 155 HOH A O   1 
HETATM 838 O O   . HOH B 2 .  ? 8.176   -14.970 4.292   1.00 53.02 ? 156 HOH A O   1 
HETATM 839 O O   . HOH B 2 .  ? 10.918  -15.232 5.785   1.00 47.11 ? 157 HOH A O   1 
HETATM 840 O O   . HOH B 2 .  ? -0.642  -10.216 -6.853  1.00 40.42 ? 158 HOH A O   1 
HETATM 841 O O   . HOH B 2 .  ? -11.007 5.006   -14.024 1.00 47.62 ? 159 HOH A O   1 
HETATM 842 O O   . HOH B 2 .  ? -7.188  2.376   13.179  1.00 46.41 ? 160 HOH A O   1 
HETATM 843 O O   . HOH B 2 .  ? -12.841 -7.671  2.678   1.00 32.86 ? 161 HOH A O   1 
HETATM 844 O O   . HOH B 2 .  ? 4.330   8.169   7.625   0.50 31.15 ? 162 HOH A O   1 
HETATM 845 O O   . HOH B 2 .  ? 17.564  4.665   10.982  1.00 35.74 ? 163 HOH A O   1 
HETATM 846 O O   . HOH B 2 .  ? 0.995   -11.537 13.959  1.00 47.32 ? 164 HOH A O   1 
HETATM 847 O O   . HOH B 2 .  ? 1.614   8.627   6.754   1.00 41.81 ? 165 HOH A O   1 
HETATM 848 O O   . HOH B 2 .  ? 10.369  -9.378  20.850  1.00 47.25 ? 166 HOH A O   1 
HETATM 849 O O   . HOH B 2 .  ? -9.276  -0.979  4.809   1.00 31.35 ? 167 HOH A O   1 
HETATM 850 O O   . HOH B 2 .  ? 2.657   13.185  -4.851  1.00 28.06 ? 168 HOH A O   1 
HETATM 851 O O   . HOH B 2 .  ? -2.109  -12.158 -5.230  1.00 42.59 ? 169 HOH A O   1 
HETATM 852 O O   . HOH B 2 .  ? 12.299  -8.759  19.274  1.00 46.46 ? 170 HOH A O   1 
HETATM 853 O O   . HOH B 2 .  ? -1.250  9.627   -0.480  1.00 46.41 ? 171 HOH A O   1 
HETATM 854 O O   . HOH B 2 .  ? -4.010  -14.984 3.948   1.00 34.59 ? 172 HOH A O   1 
HETATM 855 O O   . HOH B 2 .  ? -10.430 -6.512  2.272   1.00 22.51 ? 173 HOH A O   1 
HETATM 856 O O   . HOH B 2 .  ? -1.585  -17.879 -0.684  1.00 39.40 ? 174 HOH A O   1 
HETATM 857 O O   . HOH B 2 .  ? -3.410  27.000  -0.575  1.00 49.64 ? 175 HOH A O   1 
HETATM 858 O O   . HOH B 2 .  ? -6.866  -6.087  -8.718  1.00 27.57 ? 176 HOH A O   1 
HETATM 859 O O   . HOH B 2 .  ? -13.335 -2.869  -16.698 1.00 52.69 ? 177 HOH A O   1 
HETATM 860 O O   . HOH B 2 .  ? -3.898  -10.786 -9.450  0.50 38.08 ? 178 HOH A O   1 
HETATM 861 O O   . HOH B 2 .  ? -5.857  1.378   1.625   1.00 17.62 ? 179 HOH A O   1 
HETATM 862 O O   . HOH B 2 .  ? -8.045  -3.041  3.630   1.00 17.63 ? 180 HOH A O   1 
HETATM 863 O O   . HOH B 2 .  ? -6.080  7.519   -9.382  1.00 26.32 ? 181 HOH A O   1 
HETATM 864 O O   . HOH B 2 .  ? 14.549  -1.530  6.521   1.00 21.36 ? 182 HOH A O   1 
HETATM 865 O O   . HOH B 2 .  ? -2.876  6.521   5.074   1.00 26.53 ? 183 HOH A O   1 
HETATM 866 O O   . HOH B 2 .  ? 16.480  -5.993  7.459   1.00 26.64 ? 184 HOH A O   1 
HETATM 867 O O   . HOH B 2 .  ? -6.093  1.822   -11.157 1.00 24.78 ? 185 HOH A O   1 
HETATM 868 O O   . HOH B 2 .  ? -1.248  6.004   2.948   1.00 25.21 ? 186 HOH A O   1 
HETATM 869 O O   . HOH B 2 .  ? 6.026   -10.279 -3.563  1.00 27.34 ? 187 HOH A O   1 
HETATM 870 O O   . HOH B 2 .  ? 4.387   2.844   -8.947  1.00 26.53 ? 188 HOH A O   1 
HETATM 871 O O   . HOH B 2 .  ? 7.719   3.054   -4.741  1.00 29.07 ? 189 HOH A O   1 
HETATM 872 O O   . HOH B 2 .  ? 0.728   7.666   2.416   1.00 31.64 ? 190 HOH A O   1 
HETATM 873 O O   . HOH B 2 .  ? 15.055  -2.972  4.320   1.00 30.90 ? 191 HOH A O   1 
HETATM 874 O O   . HOH B 2 .  ? 15.963  0.817   1.666   1.00 29.61 ? 192 HOH A O   1 
HETATM 875 O O   . HOH B 2 .  ? -7.673  1.321   3.837   1.00 31.83 ? 193 HOH A O   1 
HETATM 876 O O   . HOH B 2 .  ? -3.729  -6.868  -8.110  1.00 26.16 ? 194 HOH A O   1 
HETATM 877 O O   . HOH B 2 .  ? -4.796  7.736   3.506   1.00 36.41 ? 195 HOH A O   1 
HETATM 878 O O   . HOH B 2 .  ? 0.824   -16.377 0.116   1.00 31.42 ? 196 HOH A O   1 
HETATM 879 O O   . HOH B 2 .  ? -14.289 0.863   -3.554  1.00 35.38 ? 197 HOH A O   1 
HETATM 880 O O   . HOH B 2 .  ? 1.562   8.840   0.033   1.00 37.34 ? 198 HOH A O   1 
HETATM 881 O O   . HOH B 2 .  ? -8.275  3.329   7.312   1.00 40.12 ? 199 HOH A O   1 
HETATM 882 O O   . HOH B 2 .  ? -13.779 10.800  1.089   1.00 47.02 ? 200 HOH A O   1 
HETATM 883 O O   . HOH B 2 .  ? -16.359 0.309   -4.921  1.00 42.64 ? 201 HOH A O   1 
HETATM 884 O O   . HOH B 2 .  ? 14.923  -12.249 8.032   1.00 38.84 ? 202 HOH A O   1 
HETATM 885 O O   . HOH B 2 .  ? 5.329   5.689   -6.217  1.00 32.67 ? 203 HOH A O   1 
HETATM 886 O O   . HOH B 2 .  ? 13.103  -4.216  3.362   1.00 33.17 ? 204 HOH A O   1 
HETATM 887 O O   . HOH B 2 .  ? 2.543   8.481   4.337   1.00 45.99 ? 205 HOH A O   1 
HETATM 888 O O   . HOH B 2 .  ? 5.727   5.429   -9.737  1.00 36.04 ? 206 HOH A O   1 
HETATM 889 O O   . HOH B 2 .  ? -16.135 1.911   -10.862 1.00 40.52 ? 207 HOH A O   1 
HETATM 890 O O   . HOH B 2 .  ? -16.821 4.625   -9.991  1.00 53.42 ? 208 HOH A O   1 
HETATM 891 O O   . HOH B 2 .  ? 7.741   4.718   -7.179  1.00 47.18 ? 209 HOH A O   1 
HETATM 892 O O   . HOH B 2 .  ? -1.944  3.236   -18.577 1.00 53.11 ? 210 HOH A O   1 
HETATM 893 O O   . HOH B 2 .  ? 15.420  -8.602  6.097   1.00 54.65 ? 211 HOH A O   1 
HETATM 894 O O   . HOH B 2 .  ? 7.587   0.956   -7.848  1.00 27.43 ? 212 HOH A O   1 
HETATM 895 O O   . HOH B 2 .  ? -10.494 2.590   2.971   1.00 42.21 ? 213 HOH A O   1 
HETATM 896 O O   . HOH B 2 .  ? -2.329  8.650   -9.777  1.00 42.19 ? 214 HOH A O   1 
HETATM 897 O O   . HOH B 2 .  ? 6.179   -5.039  -14.000 1.00 38.10 ? 215 HOH A O   1 
HETATM 898 O O   . HOH B 2 .  ? -1.735  6.638   -11.284 1.00 43.81 ? 216 HOH A O   1 
HETATM 899 O O   . HOH B 2 .  ? -3.047  7.609   1.612   1.00 56.51 ? 217 HOH A O   1 
HETATM 900 O O   . HOH B 2 .  ? 17.309  -3.767  5.697   1.00 38.27 ? 218 HOH A O   1 
HETATM 901 O O   . HOH B 2 .  ? 15.723  -7.235  4.809   1.00 57.00 ? 219 HOH A O   1 
HETATM 902 O O   . HOH B 2 .  ? 8.228   9.034   0.613   1.00 43.79 ? 220 HOH A O   1 
HETATM 903 O O   . HOH B 2 .  ? -14.462 6.298   -0.169  1.00 38.69 ? 221 HOH A O   1 
HETATM 904 O O   . HOH B 2 .  ? 5.831   7.756   0.116   1.00 38.03 ? 222 HOH A O   1 
HETATM 905 O O   . HOH B 2 .  ? -3.611  -17.664 4.707   1.00 47.57 ? 223 HOH A O   1 
HETATM 906 O O   . HOH B 2 .  ? -14.860 0.508   -13.078 1.00 40.21 ? 224 HOH A O   1 
HETATM 907 O O   . HOH B 2 .  ? 0.096   0.758   -15.199 1.00 50.15 ? 225 HOH A O   1 
HETATM 908 O O   . HOH B 2 .  ? 8.840   -13.296 2.348   1.00 47.74 ? 226 HOH A O   1 
HETATM 909 O O   . HOH B 2 .  ? -17.130 8.077   -2.737  1.00 48.01 ? 227 HOH A O   1 
HETATM 910 O O   . HOH B 2 .  ? -1.202  -15.027 2.809   1.00 31.43 ? 228 HOH A O   1 
HETATM 911 O O   . HOH B 2 .  ? -14.825 12.909  -3.760  1.00 41.35 ? 229 HOH A O   1 
HETATM 912 O O   . HOH B 2 .  ? 11.080  -7.947  -0.894  1.00 34.62 ? 230 HOH A O   1 
HETATM 913 O O   . HOH B 2 .  ? -15.773 15.180  -3.558  1.00 54.90 ? 231 HOH A O   1 
HETATM 914 O O   . HOH B 2 .  ? -1.418  9.576   2.179   1.00 54.62 ? 232 HOH A O   1 
HETATM 915 O O   . HOH B 2 .  ? -15.530 11.438  -1.598  1.00 51.29 ? 233 HOH A O   1 
HETATM 916 O O   . HOH B 2 .  ? 11.349  -12.865 2.413   1.00 59.27 ? 234 HOH A O   1 
# 
loop_
_atom_site_anisotrop.id 
_atom_site_anisotrop.type_symbol 
_atom_site_anisotrop.pdbx_label_atom_id 
_atom_site_anisotrop.pdbx_label_alt_id 
_atom_site_anisotrop.pdbx_label_comp_id 
_atom_site_anisotrop.pdbx_label_asym_id 
_atom_site_anisotrop.pdbx_label_seq_id 
_atom_site_anisotrop.pdbx_PDB_ins_code 
_atom_site_anisotrop.U[1][1] 
_atom_site_anisotrop.U[2][2] 
_atom_site_anisotrop.U[3][3] 
_atom_site_anisotrop.U[1][2] 
_atom_site_anisotrop.U[1][3] 
_atom_site_anisotrop.U[2][3] 
_atom_site_anisotrop.pdbx_auth_seq_id 
_atom_site_anisotrop.pdbx_auth_comp_id 
_atom_site_anisotrop.pdbx_auth_asym_id 
_atom_site_anisotrop.pdbx_auth_atom_id 
1   N N   . PRO A 1  ? 0.3578 0.3373 0.3599 0.0493  -0.0372 -0.0351 1  PRO A N   
2   C CA  . PRO A 1  ? 0.3671 0.3627 0.3781 0.0532  -0.0365 -0.0364 1  PRO A CA  
3   C C   . PRO A 1  ? 0.3201 0.3167 0.3302 0.0452  -0.0352 -0.0295 1  PRO A C   
4   O O   . PRO A 1  ? 0.3464 0.3341 0.3494 0.0371  -0.0332 -0.0244 1  PRO A O   
5   C CB  . PRO A 1  ? 0.4221 0.4384 0.4396 0.0548  -0.0287 -0.0402 1  PRO A CB  
6   C CG  . PRO A 1  ? 0.4776 0.4888 0.4890 0.0471  -0.0236 -0.0374 1  PRO A CG  
7   C CD  . PRO A 1  ? 0.4006 0.3897 0.4032 0.0461  -0.0296 -0.0364 1  PRO A CD  
8   N N   . GLN A 2  ? 0.2740 0.2824 0.2912 0.0479  -0.0366 -0.0298 2  GLN A N   
9   C CA  . GLN A 2  ? 0.2796 0.2914 0.2963 0.0405  -0.0352 -0.0244 2  GLN A CA  
10  C C   . GLN A 2  ? 0.3282 0.3615 0.3536 0.0390  -0.0290 -0.0255 2  GLN A C   
11  O O   . GLN A 2  ? 0.3515 0.4006 0.3864 0.0454  -0.0293 -0.0294 2  GLN A O   
12  C CB  . GLN A 2  ? 0.2729 0.2798 0.2898 0.0427  -0.0433 -0.0225 2  GLN A CB  
13  C CG  . GLN A 2  ? 0.3270 0.3413 0.3448 0.0361  -0.0423 -0.0184 2  GLN A CG  
14  C CD  . GLN A 2  ? 0.3859 0.3919 0.4008 0.0367  -0.0508 -0.0155 2  GLN A CD  
15  O OE1 . GLN A 2  ? 0.5093 0.5267 0.5329 0.0406  -0.0549 -0.0164 2  GLN A OE1 
16  N NE2 . GLN A 2  ? 0.4078 0.3953 0.4105 0.0324  -0.0537 -0.0114 2  GLN A NE2 
17  N N   . ILE A 3  ? 0.2495 0.2838 0.2715 0.0307  -0.0235 -0.0218 3  ILE A N   
18  C CA  . ILE A 3  ? 0.2183 0.2705 0.2469 0.0275  -0.0182 -0.0216 3  ILE A CA  
19  C C   . ILE A 3  ? 0.2257 0.2788 0.2537 0.0208  -0.0195 -0.0173 3  ILE A C   
20  O O   . ILE A 3  ? 0.2389 0.2789 0.2580 0.0152  -0.0191 -0.0142 3  ILE A O   
21  C CB  . ILE A 3  ? 0.2098 0.2618 0.2350 0.0237  -0.0117 -0.0213 3  ILE A CB  
22  C CG1 . ILE A 3  ? 0.2421 0.2933 0.2673 0.0302  -0.0111 -0.0260 3  ILE A CG1 
23  C CG2 . ILE A 3  ? 0.2319 0.3006 0.2628 0.0190  -0.0071 -0.0199 3  ILE A CG2 
24  C CD1 . ILE A 3  ? 0.2402 0.2885 0.2609 0.0263  -0.0060 -0.0255 3  ILE A CD1 
25  N N   A THR A 4  ? 0.1983 0.2676 0.2356 0.0214  -0.0213 -0.0175 4  THR A N   
26  N N   B THR A 4  ? 0.1954 0.2646 0.2326 0.0214  -0.0213 -0.0174 4  THR A N   
27  C CA  A THR A 4  ? 0.1677 0.2384 0.2045 0.0143  -0.0237 -0.0135 4  THR A CA  
28  C CA  B THR A 4  ? 0.1913 0.2616 0.2279 0.0143  -0.0236 -0.0135 4  THR A CA  
29  C C   A THR A 4  ? 0.1895 0.2648 0.2253 0.0066  -0.0183 -0.0111 4  THR A C   
30  C C   B THR A 4  ? 0.1992 0.2771 0.2365 0.0067  -0.0185 -0.0112 4  THR A C   
31  O O   A THR A 4  ? 0.2320 0.3131 0.2694 0.0072  -0.0130 -0.0123 4  THR A O   
32  O O   B THR A 4  ? 0.2189 0.3072 0.2603 0.0075  -0.0135 -0.0124 4  THR A O   
33  C CB  A THR A 4  ? 0.1967 0.2840 0.2447 0.0169  -0.0284 -0.0137 4  THR A CB  
34  C CB  B THR A 4  ? 0.2020 0.2864 0.2488 0.0173  -0.0293 -0.0138 4  THR A CB  
35  O OG1 A THR A 4  ? 0.2280 0.3383 0.2876 0.0193  -0.0244 -0.0158 4  THR A OG1 
36  O OG1 B THR A 4  ? 0.1739 0.2563 0.2182 0.0097  -0.0328 -0.0097 4  THR A OG1 
37  C CG2 A THR A 4  ? 0.2471 0.3279 0.2959 0.0254  -0.0350 -0.0159 4  THR A CG2 
38  C CG2 B THR A 4  ? 0.2041 0.3140 0.2643 0.0204  -0.0259 -0.0159 4  THR A CG2 
39  N N   . LEU A 5  ? 0.2051 0.2765 0.2372 -0.0008 -0.0203 -0.0077 5  LEU A N   
40  C CA  . LEU A 5  ? 0.1710 0.2413 0.1999 -0.0081 -0.0167 -0.0052 5  LEU A CA  
41  C C   . LEU A 5  ? 0.1984 0.2837 0.2346 -0.0149 -0.0184 -0.0022 5  LEU A C   
42  O O   . LEU A 5  ? 0.1854 0.2652 0.2171 -0.0224 -0.0182 0.0008  5  LEU A O   
43  C CB  . LEU A 5  ? 0.1814 0.2305 0.1971 -0.0114 -0.0172 -0.0041 5  LEU A CB  
44  C CG  . LEU A 5  ? 0.1632 0.2006 0.1726 -0.0066 -0.0143 -0.0060 5  LEU A CG  
45  C CD1 . LEU A 5  ? 0.2244 0.2442 0.2213 -0.0088 -0.0150 -0.0052 5  LEU A CD1 
46  C CD2 . LEU A 5  ? 0.1881 0.2290 0.1992 -0.0061 -0.0084 -0.0066 5  LEU A CD2 
47  N N   . TRP A 6  ? 0.1565 0.2611 0.2045 -0.0122 -0.0206 -0.0026 6  TRP A N   
48  C CA  . TRP A 6  ? 0.1526 0.2760 0.2098 -0.0193 -0.0219 0.0010  6  TRP A CA  
49  C C   . TRP A 6  ? 0.1553 0.2901 0.2152 -0.0235 -0.0159 0.0028  6  TRP A C   
50  O O   . TRP A 6  ? 0.2021 0.3449 0.2644 -0.0330 -0.0170 0.0075  6  TRP A O   
51  C CB  . TRP A 6  ? 0.1266 0.2717 0.1975 -0.0141 -0.0250 -0.0003 6  TRP A CB  
52  C CG  . TRP A 6  ? 0.1622 0.2964 0.2306 -0.0099 -0.0320 -0.0015 6  TRP A CG  
53  C CD1 . TRP A 6  ? 0.2359 0.3626 0.3030 0.0002  -0.0335 -0.0054 6  TRP A CD1 
54  C CD2 . TRP A 6  ? 0.1692 0.2979 0.2350 -0.0163 -0.0393 0.0018  6  TRP A CD2 
55  N NE1 . TRP A 6  ? 0.2140 0.3316 0.2780 0.0004  -0.0411 -0.0044 6  TRP A NE1 
56  C CE2 . TRP A 6  ? 0.1990 0.3180 0.2618 -0.0094 -0.0446 -0.0002 6  TRP A CE2 
57  C CE3 . TRP A 6  ? 0.1752 0.3050 0.2398 -0.0275 -0.0427 0.0063  6  TRP A CE3 
58  C CZ2 . TRP A 6  ? 0.2091 0.3207 0.2680 -0.0135 -0.0526 0.0021  6  TRP A CZ2 
59  C CZ3 . TRP A 6  ? 0.1917 0.3136 0.2524 -0.0314 -0.0510 0.0080  6  TRP A CZ3 
60  C CH2 . TRP A 6  ? 0.2237 0.3370 0.2812 -0.0242 -0.0556 0.0059  6  TRP A CH2 
61  N N   . LYS A 7  ? 0.1569 0.2925 0.2160 -0.0170 -0.0104 -0.0006 7  LYS A N   
62  C CA  . LYS A 7  ? 0.1515 0.2948 0.2103 -0.0203 -0.0047 0.0009  7  LYS A CA  
63  C C   . LYS A 7  ? 0.1522 0.2736 0.1994 -0.0193 -0.0022 0.0000  7  LYS A C   
64  O O   . LYS A 7  ? 0.1731 0.2776 0.2140 -0.0147 -0.0037 -0.0026 7  LYS A O   
65  C CB  . LYS A 7  ? 0.2002 0.3661 0.2682 -0.0131 -0.0003 -0.0029 7  LYS A CB  
66  C CG  . LYS A 7  ? 0.2534 0.4460 0.3353 -0.0123 -0.0018 -0.0026 7  LYS A CG  
67  C CD  . LYS A 7  ? 0.3622 0.5752 0.4516 -0.0020 0.0029  -0.0084 7  LYS A CD  
68  C CE  . LYS A 7  ? 0.4790 0.7225 0.5838 -0.0001 0.0020  -0.0084 7  LYS A CE  
69  N NZ  . LYS A 7  ? 0.5388 0.7998 0.6505 0.0132  0.0057  -0.0160 7  LYS A NZ  
70  N N   . ARG A 8  ? 0.1620 0.2849 0.2067 -0.0240 0.0015  0.0025  8  ARG A N   
71  C CA  . ARG A 8  ? 0.1862 0.2915 0.2217 -0.0220 0.0039  0.0014  8  ARG A CA  
72  C C   . ARG A 8  ? 0.1866 0.2921 0.2225 -0.0124 0.0063  -0.0042 8  ARG A C   
73  O O   . ARG A 8  ? 0.1645 0.2869 0.2067 -0.0080 0.0086  -0.0069 8  ARG A O   
74  C CB  . ARG A 8  ? 0.2077 0.3160 0.2409 -0.0283 0.0067  0.0055  8  ARG A CB  
75  C CG  . ARG A 8  ? 0.2195 0.3228 0.2505 -0.0383 0.0030  0.0113  8  ARG A CG  
76  C CD  . ARG A 8  ? 0.3249 0.4281 0.3524 -0.0447 0.0046  0.0160  8  ARG A CD  
77  N NE  . ARG A 8  ? 0.4358 0.5320 0.4605 -0.0548 -0.0005 0.0218  8  ARG A NE  
78  C CZ  . ARG A 8  ? 0.6348 0.7299 0.6564 -0.0628 -0.0013 0.0277  8  ARG A CZ  
79  N NH1 . ARG A 8  ? 0.6488 0.7508 0.6696 -0.0618 0.0029  0.0285  8  ARG A NH1 
80  N NH2 . ARG A 8  ? 0.5622 0.6480 0.5804 -0.0721 -0.0073 0.0329  8  ARG A NH2 
81  N N   . PRO A 9  ? 0.1644 0.2513 0.1932 -0.0089 0.0057  -0.0059 9  PRO A N   
82  C CA  . PRO A 9  ? 0.1658 0.2498 0.1940 -0.0009 0.0064  -0.0106 9  PRO A CA  
83  C C   . PRO A 9  ? 0.1686 0.2546 0.1946 0.0001  0.0104  -0.0117 9  PRO A C   
84  O O   . PRO A 9  ? 0.1840 0.2570 0.2042 0.0002  0.0111  -0.0114 9  PRO A O   
85  C CB  . PRO A 9  ? 0.1763 0.2406 0.1973 -0.0001 0.0038  -0.0104 9  PRO A CB  
86  C CG  . PRO A 9  ? 0.1755 0.2314 0.1915 -0.0068 0.0042  -0.0066 9  PRO A CG  
87  C CD  . PRO A 9  ? 0.1720 0.2403 0.1932 -0.0121 0.0033  -0.0039 9  PRO A CD  
88  N N   . ILE A 10 ? 0.1694 0.2734 0.2005 0.0007  0.0130  -0.0127 10 ILE A N   
89  C CA  . ILE A 10 ? 0.1923 0.3006 0.2207 0.0017  0.0167  -0.0142 10 ILE A CA  
90  C C   . ILE A 10 ? 0.1978 0.3062 0.2261 0.0109  0.0163  -0.0210 10 ILE A C   
91  O O   . ILE A 10 ? 0.2399 0.3576 0.2736 0.0168  0.0150  -0.0248 10 ILE A O   
92  C CB  . ILE A 10 ? 0.2291 0.3580 0.2613 -0.0027 0.0200  -0.0117 10 ILE A CB  
93  C CG1 . ILE A 10 ? 0.2684 0.3960 0.3006 -0.0126 0.0188  -0.0046 10 ILE A CG1 
94  C CG2 . ILE A 10 ? 0.2394 0.3724 0.2671 -0.0020 0.0235  -0.0131 10 ILE A CG2 
95  C CD1 . ILE A 10 ? 0.3470 0.4579 0.3717 -0.0169 0.0184  -0.0010 10 ILE A CD1 
96  N N   . VAL A 11 ? 0.1863 0.2838 0.2083 0.0123  0.0166  -0.0225 11 VAL A N   
97  C CA  . VAL A 11 ? 0.2084 0.3021 0.2283 0.0203  0.0150  -0.0289 11 VAL A CA  
98  C C   . VAL A 11 ? 0.2548 0.3518 0.2697 0.0206  0.0177  -0.0309 11 VAL A C   
99  O O   . VAL A 11 ? 0.2049 0.3036 0.2175 0.0141  0.0202  -0.0264 11 VAL A O   
100 C CB  . VAL A 11 ? 0.2072 0.2802 0.2229 0.0219  0.0106  -0.0292 11 VAL A CB  
101 C CG1 . VAL A 11 ? 0.2247 0.2937 0.2437 0.0226  0.0072  -0.0279 11 VAL A CG1 
102 C CG2 . VAL A 11 ? 0.2413 0.3029 0.2520 0.0157  0.0115  -0.0245 11 VAL A CG2 
103 N N   . THR A 12 ? 0.2248 0.3217 0.2377 0.0282  0.0164  -0.0380 12 THR A N   
104 C CA  . THR A 12 ? 0.1979 0.2977 0.2047 0.0294  0.0182  -0.0412 12 THR A CA  
105 C C   . THR A 12 ? 0.2484 0.3289 0.2483 0.0270  0.0151  -0.0400 12 THR A C   
106 O O   . THR A 12 ? 0.2517 0.3166 0.2508 0.0285  0.0106  -0.0405 12 THR A O   
107 C CB  . THR A 12 ? 0.2522 0.3597 0.2587 0.0396  0.0178  -0.0504 12 THR A CB  
108 O OG1 . THR A 12 ? 0.3220 0.4522 0.3363 0.0415  0.0216  -0.0510 12 THR A OG1 
109 C CG2 . THR A 12 ? 0.2997 0.4088 0.2978 0.0411  0.0192  -0.0548 12 THR A CG2 
110 N N   . ILE A 13 ? 0.2211 0.3037 0.2166 0.0224  0.0171  -0.0378 13 ILE A N   
111 C CA  . ILE A 13 ? 0.2294 0.2976 0.2198 0.0187  0.0144  -0.0354 13 ILE A CA  
112 C C   . ILE A 13 ? 0.2397 0.3090 0.2226 0.0206  0.0139  -0.0399 13 ILE A C   
113 O O   . ILE A 13 ? 0.2580 0.3420 0.2391 0.0206  0.0177  -0.0411 13 ILE A O   
114 C CB  . ILE A 13 ? 0.2173 0.2858 0.2094 0.0108  0.0164  -0.0271 13 ILE A CB  
115 C CG1 . ILE A 13 ? 0.2372 0.3049 0.2349 0.0088  0.0172  -0.0231 13 ILE A CG1 
116 C CG2 . ILE A 13 ? 0.2505 0.3064 0.2390 0.0077  0.0137  -0.0245 13 ILE A CG2 
117 C CD1 . ILE A 13 ? 0.2630 0.3169 0.2616 0.0104  0.0138  -0.0233 13 ILE A CD1 
118 N N   . LYS A 14 ? 0.2114 0.2656 0.1894 0.0215  0.0090  -0.0421 14 LYS A N   
119 C CA  . LYS A 14 ? 0.2133 0.2658 0.1835 0.0204  0.0075  -0.0444 14 LYS A CA  
120 C C   . LYS A 14 ? 0.2778 0.3230 0.2481 0.0127  0.0059  -0.0371 14 LYS A C   
121 O O   . LYS A 14 ? 0.2720 0.3054 0.2447 0.0107  0.0024  -0.0344 14 LYS A O   
122 C CB  . LYS A 14 ? 0.2259 0.2665 0.1893 0.0268  0.0019  -0.0528 14 LYS A CB  
123 C CG  . LYS A 14 ? 0.2573 0.3067 0.2202 0.0364  0.0035  -0.0614 14 LYS A CG  
124 C CD  . LYS A 14 ? 0.2779 0.3137 0.2321 0.0438  -0.0028 -0.0710 14 LYS A CD  
125 C CE  . LYS A 14 ? 0.3369 0.3820 0.2921 0.0552  -0.0012 -0.0801 14 LYS A CE  
126 N NZ  . LYS A 14 ? 0.3296 0.3606 0.2751 0.0641  -0.0077 -0.0908 14 LYS A NZ  
127 N N   . ILE A 15 ? 0.2411 0.2949 0.2096 0.0084  0.0083  -0.0334 15 ILE A N   
128 C CA  . ILE A 15 ? 0.2405 0.2899 0.2103 0.0020  0.0068  -0.0264 15 ILE A CA  
129 C C   . ILE A 15 ? 0.2485 0.3040 0.2118 -0.0008 0.0067  -0.0256 15 ILE A C   
130 O O   . ILE A 15 ? 0.2925 0.3599 0.2526 -0.0004 0.0103  -0.0266 15 ILE A O   
131 C CB  . ILE A 15 ? 0.2504 0.3026 0.2279 -0.0013 0.0098  -0.0193 15 ILE A CB  
132 C CG1 . ILE A 15 ? 0.2585 0.3066 0.2382 -0.0060 0.0080  -0.0128 15 ILE A CG1 
133 C CG2 . ILE A 15 ? 0.2709 0.3361 0.2490 -0.0023 0.0143  -0.0176 15 ILE A CG2 
134 C CD1 . ILE A 15 ? 0.2755 0.3242 0.2618 -0.0078 0.0104  -0.0070 15 ILE A CD1 
135 N N   . GLY A 16 ? 0.2963 0.3446 0.2573 -0.0041 0.0022  -0.0235 16 GLY A N   
136 C CA  . GLY A 16 ? 0.3314 0.3841 0.2862 -0.0075 0.0009  -0.0217 16 GLY A CA  
137 C C   . GLY A 16 ? 0.3887 0.4467 0.3327 -0.0043 0.0014  -0.0290 16 GLY A C   
138 O O   . GLY A 16 ? 0.3841 0.4506 0.3223 -0.0071 0.0025  -0.0272 16 GLY A O   
139 N N   . GLY A 17 ? 0.3089 0.3622 0.2499 0.0019  0.0004  -0.0375 17 GLY A N   
140 C CA  . GLY A 17 ? 0.3125 0.3710 0.2430 0.0070  0.0013  -0.0462 17 GLY A CA  
141 C C   . GLY A 17 ? 0.3113 0.3878 0.2434 0.0099  0.0087  -0.0475 17 GLY A C   
142 O O   . GLY A 17 ? 0.3378 0.4241 0.2615 0.0140  0.0110  -0.0540 17 GLY A O   
143 N N   . GLN A 18 ? 0.2999 0.3816 0.2425 0.0078  0.0122  -0.0413 18 GLN A N   
144 C CA  . GLN A 18 ? 0.2849 0.3844 0.2307 0.0087  0.0187  -0.0408 18 GLN A CA  
145 C C   . GLN A 18 ? 0.2635 0.3629 0.2181 0.0140  0.0199  -0.0435 18 GLN A C   
146 O O   . GLN A 18 ? 0.2700 0.3547 0.2288 0.0151  0.0160  -0.0433 18 GLN A O   
147 C CB  . GLN A 18 ? 0.3207 0.4274 0.2703 0.0002  0.0210  -0.0302 18 GLN A CB  
148 C CG  . GLN A 18 ? 0.4207 0.5315 0.3614 -0.0053 0.0204  -0.0264 18 GLN A CG  
149 C CD  . GLN A 18 ? 0.5626 0.6803 0.5065 -0.0131 0.0223  -0.0161 18 GLN A CD  
150 O OE1 . GLN A 18 ? 0.7184 0.8505 0.6637 -0.0148 0.0268  -0.0142 18 GLN A OE1 
151 N NE2 . GLN A 18 ? 0.5340 0.6414 0.4794 -0.0178 0.0183  -0.0092 18 GLN A NE2 
152 N N   . LEU A 19 ? 0.2912 0.4081 0.2486 0.0165  0.0250  -0.0454 19 LEU A N   
153 C CA  . LEU A 19 ? 0.2842 0.4046 0.2513 0.0204  0.0263  -0.0464 19 LEU A CA  
154 C C   . LEU A 19 ? 0.2526 0.3807 0.2271 0.0126  0.0291  -0.0369 19 LEU A C   
155 O O   . LEU A 19 ? 0.3147 0.4576 0.2876 0.0073  0.0328  -0.0326 19 LEU A O   
156 C CB  . LEU A 19 ? 0.3638 0.5002 0.3306 0.0291  0.0297  -0.0551 19 LEU A CB  
157 C CG  . LEU A 19 ? 0.5159 0.6417 0.4815 0.0402  0.0256  -0.0654 19 LEU A CG  
158 C CD1 . LEU A 19 ? 0.5149 0.6612 0.4809 0.0494  0.0299  -0.0739 19 LEU A CD1 
159 C CD2 . LEU A 19 ? 0.4148 0.5277 0.3891 0.0408  0.0219  -0.0628 19 LEU A CD2 
160 N N   . LYS A 20 ? 0.2359 0.3531 0.2172 0.0114  0.0270  -0.0333 20 LYS A N   
161 C CA  . LYS A 20 ? 0.2125 0.3330 0.1995 0.0042  0.0284  -0.0249 20 LYS A CA  
162 C C   . LYS A 20 ? 0.2053 0.3255 0.2004 0.0068  0.0279  -0.0256 20 LYS A C   
163 O O   . LYS A 20 ? 0.2634 0.3794 0.2598 0.0141  0.0260  -0.0319 20 LYS A O   
164 C CB  . LYS A 20 ? 0.2189 0.3243 0.2046 -0.0014 0.0256  -0.0185 20 LYS A CB  
165 C CG  . LYS A 20 ? 0.2947 0.3993 0.2729 -0.0048 0.0248  -0.0164 20 LYS A CG  
166 C CD  . LYS A 20 ? 0.3520 0.4697 0.3282 -0.0112 0.0274  -0.0105 20 LYS A CD  
167 C CE  . LYS A 20 ? 0.4066 0.5200 0.3761 -0.0158 0.0253  -0.0062 20 LYS A CE  
168 N NZ  . LYS A 20 ? 0.4573 0.5813 0.4242 -0.0233 0.0269  0.0012  20 LYS A NZ  
169 N N   . GLU A 21 ? 0.1980 0.3223 0.1978 0.0007  0.0289  -0.0190 21 GLU A N   
170 C CA  . GLU A 21 ? 0.2091 0.3300 0.2157 0.0013  0.0275  -0.0181 21 GLU A CA  
171 C C   . GLU A 21 ? 0.2287 0.3338 0.2347 -0.0039 0.0251  -0.0122 21 GLU A C   
172 O O   . GLU A 21 ? 0.2399 0.3421 0.2427 -0.0092 0.0252  -0.0072 21 GLU A O   
173 C CB  . GLU A 21 ? 0.2269 0.3669 0.2394 -0.0015 0.0299  -0.0160 21 GLU A CB  
174 C CG  . GLU A 21 ? 0.4277 0.5866 0.4429 0.0053  0.0327  -0.0226 21 GLU A CG  
175 C CD  . GLU A 21 ? 0.5407 0.7200 0.5645 0.0022  0.0347  -0.0199 21 GLU A CD  
176 O OE1 . GLU A 21 ? 0.5737 0.7553 0.5984 -0.0076 0.0347  -0.0118 21 GLU A OE1 
177 O OE2 . GLU A 21 ? 0.6735 0.8661 0.7034 0.0096  0.0355  -0.0255 21 GLU A OE2 
178 N N   . ALA A 22 ? 0.1901 0.2852 0.1990 -0.0019 0.0227  -0.0127 22 ALA A N   
179 C CA  . ALA A 22 ? 0.1746 0.2561 0.1825 -0.0059 0.0211  -0.0080 22 ALA A CA  
180 C C   . ALA A 22 ? 0.1788 0.2560 0.1899 -0.0053 0.0192  -0.0080 22 ALA A C   
181 O O   . ALA A 22 ? 0.1986 0.2788 0.2124 -0.0006 0.0183  -0.0120 22 ALA A O   
182 C CB  . ALA A 22 ? 0.1853 0.2534 0.1895 -0.0042 0.0198  -0.0085 22 ALA A CB  
183 N N   . LEU A 23 ? 0.1693 0.2383 0.1792 -0.0097 0.0182  -0.0038 23 LEU A N   
184 C CA  . LEU A 23 ? 0.1702 0.2337 0.1812 -0.0102 0.0160  -0.0034 23 LEU A CA  
185 C C   . LEU A 23 ? 0.1750 0.2244 0.1828 -0.0070 0.0148  -0.0048 23 LEU A C   
186 O O   . LEU A 23 ? 0.1826 0.2239 0.1873 -0.0075 0.0155  -0.0033 23 LEU A O   
187 C CB  . LEU A 23 ? 0.1653 0.2258 0.1750 -0.0166 0.0149  0.0015  23 LEU A CB  
188 C CG  . LEU A 23 ? 0.1908 0.2432 0.1995 -0.0182 0.0119  0.0021  23 LEU A CG  
189 C CD1 . LEU A 23 ? 0.2474 0.3122 0.2619 -0.0184 0.0106  0.0010  23 LEU A CD1 
190 C CD2 . LEU A 23 ? 0.2238 0.2687 0.2290 -0.0242 0.0099  0.0064  23 LEU A CD2 
191 N N   . LEU A 24 ? 0.1660 0.2132 0.1746 -0.0038 0.0129  -0.0073 24 LEU A N   
192 C CA  . LEU A 24 ? 0.1621 0.1967 0.1668 -0.0022 0.0116  -0.0076 24 LEU A CA  
193 C C   . LEU A 24 ? 0.1858 0.2131 0.1871 -0.0054 0.0110  -0.0051 24 LEU A C   
194 O O   . LEU A 24 ? 0.1928 0.2216 0.1948 -0.0070 0.0089  -0.0048 24 LEU A O   
195 C CB  . LEU A 24 ? 0.1675 0.2009 0.1729 0.0017  0.0087  -0.0103 24 LEU A CB  
196 C CG  . LEU A 24 ? 0.1923 0.2296 0.1996 0.0065  0.0081  -0.0140 24 LEU A CG  
197 C CD1 . LEU A 24 ? 0.2325 0.2667 0.2408 0.0109  0.0039  -0.0166 24 LEU A CD1 
198 C CD2 . LEU A 24 ? 0.2084 0.2385 0.2121 0.0062  0.0088  -0.0139 24 LEU A CD2 
199 N N   . ASN A 25 ? 0.1628 0.1828 0.1604 -0.0062 0.0126  -0.0037 25 ASN A N   
200 C CA  . ASN A 25 ? 0.1680 0.1806 0.1616 -0.0083 0.0122  -0.0022 25 ASN A CA  
201 C C   . ASN A 25 ? 0.1608 0.1644 0.1492 -0.0063 0.0130  -0.0028 25 ASN A C   
202 O O   . ASN A 25 ? 0.1920 0.1940 0.1799 -0.0048 0.0155  -0.0022 25 ASN A O   
203 C CB  . ASN A 25 ? 0.1714 0.1845 0.1656 -0.0104 0.0130  0.0001  25 ASN A CB  
204 C CG  . ASN A 25 ? 0.1988 0.2025 0.1885 -0.0126 0.0110  0.0013  25 ASN A CG  
205 O OD1 . ASN A 25 ? 0.2198 0.2159 0.2049 -0.0116 0.0100  -0.0002 25 ASN A OD1 
206 N ND2 . ASN A 25 ? 0.2456 0.2486 0.2356 -0.0155 0.0100  0.0040  25 ASN A ND2 
207 N N   . THR A 26 ? 0.1822 0.1814 0.1666 -0.0062 0.0113  -0.0037 26 THR A N   
208 C CA  . THR A 26 ? 0.1743 0.1668 0.1525 -0.0047 0.0126  -0.0041 26 THR A CA  
209 C C   . THR A 26 ? 0.1992 0.1853 0.1727 -0.0040 0.0140  -0.0047 26 THR A C   
210 O O   . THR A 26 ? 0.2034 0.1867 0.1724 -0.0018 0.0165  -0.0053 26 THR A O   
211 C CB  . THR A 26 ? 0.1782 0.1672 0.1520 -0.0053 0.0098  -0.0047 26 THR A CB  
212 O OG1 . THR A 26 ? 0.1955 0.1822 0.1675 -0.0073 0.0066  -0.0053 26 THR A OG1 
213 C CG2 . THR A 26 ? 0.1931 0.1869 0.1717 -0.0045 0.0076  -0.0045 26 THR A CG2 
214 N N   . GLY A 27 ? 0.1989 0.1828 0.1730 -0.0056 0.0124  -0.0044 27 GLY A N   
215 C CA  . GLY A 27 ? 0.2109 0.1864 0.1803 -0.0040 0.0124  -0.0053 27 GLY A CA  
216 C C   . GLY A 27 ? 0.2478 0.2257 0.2211 -0.0015 0.0150  -0.0042 27 GLY A C   
217 O O   . GLY A 27 ? 0.3058 0.2767 0.2760 0.0013  0.0149  -0.0051 27 GLY A O   
218 N N   . ALA A 28 ? 0.2048 0.1918 0.1847 -0.0020 0.0166  -0.0024 28 ALA A N   
219 C CA  . ALA A 28 ? 0.2082 0.1988 0.1924 -0.0003 0.0181  -0.0008 28 ALA A CA  
220 C C   . ALA A 28 ? 0.2024 0.1984 0.1887 0.0022  0.0215  -0.0009 28 ALA A C   
221 O O   . ALA A 28 ? 0.2082 0.2083 0.1956 0.0008  0.0218  -0.0007 28 ALA A O   
222 C CB  . ALA A 28 ? 0.2046 0.2019 0.1936 -0.0036 0.0169  0.0015  28 ALA A CB  
223 N N   . ASP A 29 ? 0.2011 0.1973 0.1882 0.0059  0.0234  -0.0009 29 ASP A N   
224 C CA  . ASP A 29 ? 0.2109 0.2152 0.2016 0.0072  0.0266  0.0000  29 ASP A CA  
225 C C   . ASP A 29 ? 0.2205 0.2316 0.2172 0.0047  0.0257  0.0025  29 ASP A C   
226 O O   . ASP A 29 ? 0.2357 0.2517 0.2341 0.0029  0.0264  0.0036  29 ASP A O   
227 C CB  . ASP A 29 ? 0.2385 0.2447 0.2304 0.0126  0.0290  -0.0005 29 ASP A CB  
228 C CG  . ASP A 29 ? 0.3154 0.3144 0.2997 0.0164  0.0302  -0.0042 29 ASP A CG  
229 O OD1 . ASP A 29 ? 0.2828 0.2772 0.2607 0.0143  0.0297  -0.0056 29 ASP A OD1 
230 O OD2 . ASP A 29 ? 0.3748 0.3729 0.3596 0.0222  0.0312  -0.0058 29 ASP A OD2 
231 N N   . ASP A 30 ? 0.1964 0.2069 0.1953 0.0040  0.0236  0.0036  30 ASP A N   
232 C CA  . ASP A 30 ? 0.1944 0.2113 0.1980 0.0022  0.0226  0.0057  30 ASP A CA  
233 C C   . ASP A 30 ? 0.2097 0.2269 0.2123 -0.0011 0.0205  0.0055  30 ASP A C   
234 O O   . ASP A 30 ? 0.2188 0.2324 0.2184 -0.0023 0.0197  0.0047  30 ASP A O   
235 C CB  . ASP A 30 ? 0.2336 0.2517 0.2406 0.0046  0.0219  0.0077  30 ASP A CB  
236 C CG  . ASP A 30 ? 0.2904 0.3111 0.2999 0.0093  0.0244  0.0074  30 ASP A CG  
237 O OD1 . ASP A 30 ? 0.3182 0.3448 0.3291 0.0090  0.0269  0.0073  30 ASP A OD1 
238 O OD2 . ASP A 30 ? 0.3961 0.4130 0.4059 0.0135  0.0236  0.0072  30 ASP A OD2 
239 N N   . THR A 31 ? 0.1940 0.2164 0.1988 -0.0026 0.0197  0.0063  31 THR A N   
240 C CA  . THR A 31 ? 0.1456 0.1709 0.1492 -0.0049 0.0184  0.0055  31 THR A CA  
241 C C   . THR A 31 ? 0.1869 0.2149 0.1910 -0.0062 0.0171  0.0082  31 THR A C   
242 O O   . THR A 31 ? 0.2015 0.2308 0.2077 -0.0056 0.0165  0.0101  31 THR A O   
243 C CB  . THR A 31 ? 0.1737 0.2013 0.1774 -0.0051 0.0176  0.0036  31 THR A CB  
244 O OG1 . THR A 31 ? 0.1734 0.1973 0.1759 -0.0044 0.0178  0.0017  31 THR A OG1 
245 C CG2 . THR A 31 ? 0.2002 0.2323 0.2024 -0.0060 0.0166  0.0018  31 THR A CG2 
246 N N   A VAL A 32 ? 0.1887 0.2180 0.1904 -0.0086 0.0166  0.0089  32 VAL A N   
247 N N   B VAL A 32 ? 0.1932 0.2225 0.1949 -0.0086 0.0166  0.0089  32 VAL A N   
248 C CA  A VAL A 32 ? 0.2150 0.2462 0.2155 -0.0112 0.0150  0.0124  32 VAL A CA  
249 C CA  B VAL A 32 ? 0.2136 0.2450 0.2143 -0.0111 0.0150  0.0124  32 VAL A CA  
250 C C   A VAL A 32 ? 0.1941 0.2337 0.1923 -0.0143 0.0154  0.0120  32 VAL A C   
251 C C   B VAL A 32 ? 0.1967 0.2362 0.1951 -0.0143 0.0154  0.0120  32 VAL A C   
252 O O   A VAL A 32 ? 0.2001 0.2429 0.1981 -0.0152 0.0164  0.0103  32 VAL A O   
253 O O   B VAL A 32 ? 0.1930 0.2357 0.1911 -0.0154 0.0164  0.0104  32 VAL A O   
254 C CB  A VAL A 32 ? 0.2053 0.2293 0.2047 -0.0122 0.0133  0.0155  32 VAL A CB  
255 C CB  B VAL A 32 ? 0.2122 0.2360 0.2118 -0.0118 0.0132  0.0155  32 VAL A CB  
256 C CG1 A VAL A 32 ? 0.1670 0.1909 0.1650 -0.0146 0.0104  0.0202  32 VAL A CG1 
257 C CG1 B VAL A 32 ? 0.3003 0.3181 0.3023 -0.0072 0.0130  0.0156  32 VAL A CG1 
258 C CG2 A VAL A 32 ? 0.3169 0.3334 0.3177 -0.0078 0.0136  0.0142  32 VAL A CG2 
259 C CG2 B VAL A 32 ? 0.1426 0.1638 0.1404 -0.0135 0.0134  0.0144  32 VAL A CG2 
260 N N   . PHE A 33 ? 0.1972 0.2414 0.1937 -0.0157 0.0145  0.0133  33 PHE A N   
261 C CA  . PHE A 33 ? 0.1825 0.2362 0.1756 -0.0185 0.0152  0.0129  33 PHE A CA  
262 C C   . PHE A 33 ? 0.2012 0.2561 0.1910 -0.0227 0.0131  0.0187  33 PHE A C   
263 O O   . PHE A 33 ? 0.2274 0.2768 0.2179 -0.0220 0.0105  0.0214  33 PHE A O   
264 C CB  . PHE A 33 ? 0.2015 0.2595 0.1928 -0.0161 0.0157  0.0081  33 PHE A CB  
265 C CG  . PHE A 33 ? 0.1865 0.2448 0.1792 -0.0125 0.0171  0.0025  33 PHE A CG  
266 C CD1 . PHE A 33 ? 0.2040 0.2543 0.1998 -0.0100 0.0165  0.0012  33 PHE A CD1 
267 C CD2 . PHE A 33 ? 0.1999 0.2676 0.1912 -0.0115 0.0189  -0.0012 33 PHE A CD2 
268 C CE1 . PHE A 33 ? 0.2228 0.2720 0.2193 -0.0069 0.0167  -0.0032 33 PHE A CE1 
269 C CE2 . PHE A 33 ? 0.2154 0.2826 0.2084 -0.0073 0.0193  -0.0064 33 PHE A CE2 
270 C CZ  . PHE A 33 ? 0.1839 0.2409 0.1794 -0.0052 0.0178  -0.0072 33 PHE A CZ  
271 N N   . GLU A 34 ? 0.2175 0.2807 0.2039 -0.0273 0.0139  0.0208  34 GLU A N   
272 C CA  . GLU A 34 ? 0.2509 0.3171 0.2321 -0.0321 0.0119  0.0263  34 GLU A CA  
273 C C   . GLU A 34 ? 0.3011 0.3801 0.2772 -0.0329 0.0141  0.0233  34 GLU A C   
274 O O   . GLU A 34 ? 0.3101 0.3958 0.2871 -0.0296 0.0174  0.0171  34 GLU A O   
275 C CB  . GLU A 34 ? 0.2831 0.3480 0.2627 -0.0384 0.0103  0.0326  34 GLU A CB  
276 C CG  . GLU A 34 ? 0.3543 0.4323 0.3338 -0.0420 0.0136  0.0319  34 GLU A CG  
277 C CD  . GLU A 34 ? 0.3638 0.4414 0.3413 -0.0504 0.0111  0.0396  34 GLU A CD  
278 O OE1 . GLU A 34 ? 0.3560 0.4187 0.3324 -0.0520 0.0062  0.0445  34 GLU A OE1 
279 O OE2 . GLU A 34 ? 0.4450 0.5372 0.4220 -0.0554 0.0137  0.0410  34 GLU A OE2 
280 N N   . GLU A 35 ? 0.3231 0.4048 0.2933 -0.0366 0.0121  0.0274  35 GLU A N   
281 C CA  . GLU A 35 ? 0.3743 0.4683 0.3372 -0.0376 0.0141  0.0248  35 GLU A CA  
282 C C   . GLU A 35 ? 0.3136 0.4075 0.2766 -0.0311 0.0152  0.0160  35 GLU A C   
283 O O   . GLU A 35 ? 0.3319 0.4354 0.2919 -0.0287 0.0185  0.0100  35 GLU A O   
284 C CB  . GLU A 35 ? 0.3715 0.4804 0.3326 -0.0413 0.0183  0.0252  35 GLU A CB  
285 C CG  . GLU A 35 ? 0.4513 0.5609 0.4103 -0.0500 0.0164  0.0349  35 GLU A CG  
286 C CD  . GLU A 35 ? 0.5461 0.6747 0.5031 -0.0551 0.0208  0.0362  35 GLU A CD  
287 O OE1 . GLU A 35 ? 0.5860 0.7290 0.5365 -0.0555 0.0239  0.0338  35 GLU A OE1 
288 O OE2 . GLU A 35 ? 0.5667 0.6965 0.5286 -0.0588 0.0210  0.0395  35 GLU A OE2 
289 N N   . VAL A 36 ? 0.3109 0.3937 0.2774 -0.0283 0.0120  0.0155  36 VAL A N   
290 C CA  . VAL A 36 ? 0.2883 0.3687 0.2533 -0.0242 0.0110  0.0091  36 VAL A CA  
291 C C   . VAL A 36 ? 0.3436 0.4195 0.3063 -0.0262 0.0062  0.0127  36 VAL A C   
292 O O   . VAL A 36 ? 0.3602 0.4319 0.3267 -0.0283 0.0037  0.0194  36 VAL A O   
293 C CB  . VAL A 36 ? 0.2916 0.3642 0.2637 -0.0196 0.0113  0.0050  36 VAL A CB  
294 C CG1 . VAL A 36 ? 0.3286 0.4061 0.3026 -0.0171 0.0151  0.0009  36 VAL A CG1 
295 C CG2 . VAL A 36 ? 0.3154 0.3799 0.2946 -0.0200 0.0097  0.0103  36 VAL A CG2 
296 N N   A ASN A 37 ? 0.2879 0.3639 0.2450 -0.0251 0.0042  0.0081  37 ASN A N   
297 N N   B ASN A 37 ? 0.2815 0.3583 0.2381 -0.0255 0.0043  0.0083  37 ASN A N   
298 C CA  A ASN A 37 ? 0.2805 0.3538 0.2348 -0.0276 -0.0011 0.0110  37 ASN A CA  
299 C CA  B ASN A 37 ? 0.2799 0.3529 0.2348 -0.0275 -0.0011 0.0112  37 ASN A CA  
300 C C   A ASN A 37 ? 0.2939 0.3597 0.2517 -0.0254 -0.0045 0.0073  37 ASN A C   
301 C C   B ASN A 37 ? 0.2826 0.3485 0.2407 -0.0247 -0.0036 0.0065  37 ASN A C   
302 O O   A ASN A 37 ? 0.2733 0.3378 0.2240 -0.0252 -0.0072 0.0025  37 ASN A O   
303 O O   B ASN A 37 ? 0.3642 0.4290 0.3155 -0.0234 -0.0048 0.0000  37 ASN A O   
304 C CB  A ASN A 37 ? 0.2766 0.3570 0.2182 -0.0301 -0.0017 0.0095  37 ASN A CB  
305 C CB  B ASN A 37 ? 0.2986 0.3779 0.2414 -0.0306 -0.0026 0.0109  37 ASN A CB  
306 C CG  A ASN A 37 ? 0.3445 0.4222 0.2818 -0.0332 -0.0079 0.0128  37 ASN A CG  
307 C CG  B ASN A 37 ? 0.3273 0.4137 0.2663 -0.0351 -0.0009 0.0175  37 ASN A CG  
308 O OD1 A ASN A 37 ? 0.4275 0.5008 0.3723 -0.0344 -0.0117 0.0188  37 ASN A OD1 
309 O OD1 B ASN A 37 ? 0.3889 0.4715 0.3338 -0.0370 -0.0022 0.0247  37 ASN A OD1 
310 N ND2 A ASN A 37 ? 0.4465 0.5276 0.3716 -0.0342 -0.0094 0.0085  37 ASN A ND2 
311 N ND2 B ASN A 37 ? 0.4350 0.5315 0.3634 -0.0368 0.0019  0.0152  37 ASN A ND2 
312 N N   . LEU A 38 ? 0.2356 0.2968 0.2039 -0.0240 -0.0045 0.0098  38 LEU A N   
313 C CA  . LEU A 38 ? 0.2215 0.2768 0.1939 -0.0229 -0.0069 0.0071  38 LEU A CA  
314 C C   . LEU A 38 ? 0.2397 0.2946 0.2123 -0.0261 -0.0130 0.0100  38 LEU A C   
315 O O   . LEU A 38 ? 0.2646 0.3230 0.2402 -0.0278 -0.0150 0.0161  38 LEU A O   
316 C CB  . LEU A 38 ? 0.2115 0.2643 0.1943 -0.0209 -0.0044 0.0092  38 LEU A CB  
317 C CG  . LEU A 38 ? 0.1965 0.2489 0.1797 -0.0181 0.0006  0.0065  38 LEU A CG  
318 C CD1 . LEU A 38 ? 0.1841 0.2332 0.1759 -0.0165 0.0024  0.0083  38 LEU A CD1 
319 C CD2 . LEU A 38 ? 0.2608 0.3117 0.2380 -0.0160 0.0011  -0.0009 38 LEU A CD2 
320 N N   . PRO A 39 ? 0.2405 0.2907 0.2099 -0.0269 -0.0168 0.0058  39 PRO A N   
321 C CA  . PRO A 39 ? 0.2342 0.2840 0.2041 -0.0310 -0.0235 0.0085  39 PRO A CA  
322 C C   . PRO A 39 ? 0.3162 0.3681 0.2997 -0.0321 -0.0246 0.0140  39 PRO A C   
323 O O   . PRO A 39 ? 0.3210 0.3724 0.3112 -0.0295 -0.0201 0.0143  39 PRO A O   
324 C CB  . PRO A 39 ? 0.2648 0.3066 0.2253 -0.0315 -0.0273 0.0012  39 PRO A CB  
325 C CG  . PRO A 39 ? 0.2740 0.3110 0.2358 -0.0275 -0.0230 -0.0035 39 PRO A CG  
326 C CD  . PRO A 39 ? 0.2560 0.2998 0.2203 -0.0243 -0.0160 -0.0019 39 PRO A CD  
327 N N   . GLY A 40 ? 0.3372 0.3925 0.3244 -0.0358 -0.0303 0.0183  40 GLY A N   
328 C CA  . GLY A 40 ? 0.3685 0.4288 0.3690 -0.0370 -0.0313 0.0232  40 GLY A CA  
329 C C   . GLY A 40 ? 0.3570 0.4257 0.3686 -0.0338 -0.0284 0.0291  40 GLY A C   
330 O O   . GLY A 40 ? 0.3587 0.4283 0.3676 -0.0317 -0.0277 0.0309  40 GLY A O   
331 N N   . ARG A 41 ? 0.3574 0.4323 0.3813 -0.0333 -0.0271 0.0322  41 ARG A N   
332 C CA  . ARG A 41 ? 0.3226 0.4062 0.3580 -0.0291 -0.0251 0.0370  41 ARG A CA  
333 C C   . ARG A 41 ? 0.2408 0.3206 0.2764 -0.0233 -0.0182 0.0353  41 ARG A C   
334 O O   . ARG A 41 ? 0.2615 0.3356 0.2932 -0.0230 -0.0144 0.0313  41 ARG A O   
335 C CB  . ARG A 41 ? 0.3567 0.4516 0.4054 -0.0305 -0.0261 0.0410  41 ARG A CB  
336 C CG  . ARG A 41 ? 0.6000 0.7062 0.6577 -0.0313 -0.0318 0.0466  41 ARG A CG  
337 C CD  . ARG A 41 ? 0.6871 0.8084 0.7599 -0.0327 -0.0319 0.0508  41 ARG A CD  
338 N NE  . ARG A 41 ? 0.8496 0.9738 0.9224 -0.0416 -0.0386 0.0527  41 ARG A NE  
339 C CZ  . ARG A 41 ? 0.9636 1.0958 1.0411 -0.0450 -0.0461 0.0570  41 ARG A CZ  
340 N NH1 . ARG A 41 ? 0.9997 1.1381 1.0824 -0.0397 -0.0476 0.0601  41 ARG A NH1 
341 N NH2 . ARG A 41 ? 0.9970 1.1301 1.0735 -0.0540 -0.0528 0.0585  41 ARG A NH2 
342 N N   . TRP A 42 ? 0.2712 0.3532 0.3110 -0.0187 -0.0178 0.0383  42 TRP A N   
343 C CA  . TRP A 42 ? 0.2456 0.3234 0.2862 -0.0133 -0.0126 0.0370  42 TRP A CA  
344 C C   . TRP A 42 ? 0.2745 0.3586 0.3259 -0.0074 -0.0130 0.0406  42 TRP A C   
345 O O   . TRP A 42 ? 0.2820 0.3735 0.3395 -0.0074 -0.0178 0.0447  42 TRP A O   
346 C CB  . TRP A 42 ? 0.2463 0.3150 0.2760 -0.0137 -0.0121 0.0357  42 TRP A CB  
347 C CG  . TRP A 42 ? 0.2815 0.3505 0.3079 -0.0153 -0.0176 0.0398  42 TRP A CG  
348 C CD1 . TRP A 42 ? 0.2919 0.3615 0.3105 -0.0204 -0.0216 0.0399  42 TRP A CD1 
349 C CD2 . TRP A 42 ? 0.3165 0.3843 0.3463 -0.0117 -0.0204 0.0444  42 TRP A CD2 
350 N NE1 . TRP A 42 ? 0.4085 0.4783 0.4251 -0.0208 -0.0265 0.0450  42 TRP A NE1 
351 C CE2 . TRP A 42 ? 0.3706 0.4386 0.3942 -0.0156 -0.0261 0.0481  42 TRP A CE2 
352 C CE3 . TRP A 42 ? 0.3091 0.3743 0.3452 -0.0054 -0.0191 0.0455  42 TRP A CE3 
353 C CZ2 . TRP A 42 ? 0.3856 0.4512 0.4101 -0.0138 -0.0312 0.0537  42 TRP A CZ2 
354 C CZ3 . TRP A 42 ? 0.3426 0.4043 0.3796 -0.0027 -0.0243 0.0503  42 TRP A CZ3 
355 C CH2 . TRP A 42 ? 0.3882 0.4501 0.4197 -0.0071 -0.0303 0.0547  42 TRP A CH2 
356 N N   . LYS A 43 ? 0.2352 0.3163 0.2887 -0.0019 -0.0083 0.0388  43 LYS A N   
357 C CA  . LYS A 43 ? 0.3164 0.4005 0.3781 0.0058  -0.0086 0.0407  43 LYS A CA  
358 C C   . LYS A 43 ? 0.3151 0.3861 0.3701 0.0097  -0.0068 0.0387  43 LYS A C   
359 O O   . LYS A 43 ? 0.2568 0.3207 0.3044 0.0074  -0.0032 0.0354  43 LYS A O   
360 C CB  . LYS A 43 ? 0.3321 0.4289 0.4053 0.0095  -0.0047 0.0402  43 LYS A CB  
361 C CG  . LYS A 43 ? 0.3546 0.4487 0.4244 0.0095  0.0019  0.0361  43 LYS A CG  
362 C CD  . LYS A 43 ? 0.4492 0.5587 0.5296 0.0119  0.0058  0.0366  43 LYS A CD  
363 C CE  . LYS A 43 ? 0.5321 0.6388 0.6078 0.0110  0.0119  0.0332  43 LYS A CE  
364 N NZ  . LYS A 43 ? 0.6039 0.7272 0.6892 0.0131  0.0164  0.0341  43 LYS A NZ  
365 N N   . PRO A 44 ? 0.3362 0.4032 0.3937 0.0156  -0.0102 0.0409  44 PRO A N   
366 C CA  . PRO A 44 ? 0.2936 0.3462 0.3443 0.0186  -0.0098 0.0393  44 PRO A CA  
367 C C   . PRO A 44 ? 0.2804 0.3320 0.3325 0.0238  -0.0037 0.0343  44 PRO A C   
368 O O   . PRO A 44 ? 0.3809 0.4439 0.4417 0.0281  -0.0006 0.0329  44 PRO A O   
369 C CB  . PRO A 44 ? 0.3496 0.3978 0.4037 0.0245  -0.0162 0.0430  44 PRO A CB  
370 C CG  . PRO A 44 ? 0.4345 0.4988 0.5011 0.0281  -0.0173 0.0448  44 PRO A CG  
371 C CD  . PRO A 44 ? 0.4363 0.5106 0.5027 0.0196  -0.0157 0.0451  44 PRO A CD  
372 N N   . LYS A 45 ? 0.2486 0.2876 0.2918 0.0226  -0.0024 0.0319  45 LYS A N   
373 C CA  . LYS A 45 ? 0.2872 0.3223 0.3292 0.0273  0.0024  0.0270  45 LYS A CA  
374 C C   . LYS A 45 ? 0.3333 0.3512 0.3674 0.0290  -0.0006 0.0263  45 LYS A C   
375 O O   . LYS A 45 ? 0.2850 0.2949 0.3121 0.0225  -0.0035 0.0288  45 LYS A O   
376 C CB  . LYS A 45 ? 0.2702 0.3089 0.3089 0.0217  0.0075  0.0244  45 LYS A CB  
377 C CG  . LYS A 45 ? 0.3340 0.3695 0.3704 0.0255  0.0122  0.0197  45 LYS A CG  
378 C CD  . LYS A 45 ? 0.3921 0.4290 0.4242 0.0195  0.0158  0.0178  45 LYS A CD  
379 C CE  . LYS A 45 ? 0.4840 0.5176 0.5126 0.0227  0.0201  0.0137  45 LYS A CE  
380 N NZ  . LYS A 45 ? 0.4880 0.5331 0.5233 0.0280  0.0240  0.0128  45 LYS A NZ  
381 N N   . LEU A 46 ? 0.2928 0.3048 0.3279 0.0377  -0.0001 0.0229  46 LEU A N   
382 C CA  . LEU A 46 ? 0.2680 0.2611 0.2943 0.0391  -0.0035 0.0214  46 LEU A CA  
383 C C   . LEU A 46 ? 0.3748 0.3642 0.3947 0.0367  0.0012  0.0169  46 LEU A C   
384 O O   . LEU A 46 ? 0.4214 0.4183 0.4439 0.0411  0.0068  0.0126  46 LEU A O   
385 C CB  . LEU A 46 ? 0.3367 0.3225 0.3656 0.0507  -0.0069 0.0193  46 LEU A CB  
386 C CG  . LEU A 46 ? 0.3689 0.3551 0.4035 0.0538  -0.0135 0.0243  46 LEU A CG  
387 C CD1 . LEU A 46 ? 0.3776 0.3588 0.4165 0.0676  -0.0162 0.0209  46 LEU A CD1 
388 C CD2 . LEU A 46 ? 0.2996 0.2708 0.3255 0.0456  -0.0209 0.0301  46 LEU A CD2 
389 N N   . ILE A 47 ? 0.3096 0.2887 0.3213 0.0294  -0.0010 0.0182  47 ILE A N   
390 C CA  . ILE A 47 ? 0.3264 0.3011 0.3321 0.0271  0.0023  0.0142  47 ILE A CA  
391 C C   . ILE A 47 ? 0.3740 0.3295 0.3709 0.0260  -0.0032 0.0141  47 ILE A C   
392 O O   . ILE A 47 ? 0.3863 0.3309 0.3819 0.0280  -0.0094 0.0167  47 ILE A O   
393 C CB  . ILE A 47 ? 0.3351 0.3190 0.3403 0.0185  0.0055  0.0153  47 ILE A CB  
394 C CG1 . ILE A 47 ? 0.3453 0.3273 0.3478 0.0107  0.0015  0.0203  47 ILE A CG1 
395 C CG2 . ILE A 47 ? 0.3835 0.3832 0.3959 0.0192  0.0099  0.0151  47 ILE A CG2 
396 C CD1 . ILE A 47 ? 0.3437 0.3346 0.3452 0.0038  0.0046  0.0201  47 ILE A CD1 
397 N N   . GLY A 48 ? 0.5140 0.4647 0.5050 0.0224  -0.0017 0.0113  48 GLY A N   
398 C CA  . GLY A 48 ? 0.5301 0.4620 0.5125 0.0209  -0.0075 0.0108  48 GLY A CA  
399 C C   . GLY A 48 ? 0.5489 0.4690 0.5287 0.0319  -0.0092 0.0058  48 GLY A C   
400 O O   . GLY A 48 ? 0.5995 0.5278 0.5821 0.0394  -0.0035 0.0008  48 GLY A O   
401 N N   . GLY A 49 ? 0.4985 0.3998 0.4729 0.0332  -0.0172 0.0071  49 GLY A N   
402 C CA  . GLY A 49 ? 0.6170 0.5039 0.5874 0.0447  -0.0200 0.0012  49 GLY A CA  
403 C C   . GLY A 49 ? 0.6030 0.4642 0.5615 0.0421  -0.0286 0.0004  49 GLY A C   
404 O O   . GLY A 49 ? 0.5575 0.4013 0.5107 0.0512  -0.0338 -0.0038 49 GLY A O   
405 N N   . ILE A 50 ? 0.6208 0.4796 0.5750 0.0296  -0.0306 0.0045  50 ILE A N   
406 C CA  . ILE A 50 ? 0.6665 0.5017 0.6097 0.0241  -0.0398 0.0056  50 ILE A CA  
407 C C   . ILE A 50 ? 0.5689 0.3950 0.5117 0.0171  -0.0483 0.0144  50 ILE A C   
408 O O   . ILE A 50 ? 0.5637 0.4043 0.5114 0.0076  -0.0463 0.0214  50 ILE A O   
409 C CB  . ILE A 50 ? 0.7985 0.6374 0.7380 0.0134  -0.0382 0.0060  50 ILE A CB  
410 C CG1 . ILE A 50 ? 0.8306 0.6683 0.7655 0.0202  -0.0338 -0.0031 50 ILE A CG1 
411 C CG2 . ILE A 50 ? 0.8778 0.6983 0.8094 0.0025  -0.0484 0.0113  50 ILE A CG2 
412 C CD1 . ILE A 50 ? 0.8274 0.6830 0.7655 0.0140  -0.0267 -0.0033 50 ILE A CD1 
413 N N   . GLY A 51 ? 0.5402 0.3421 0.4763 0.0222  -0.0579 0.0140  51 GLY A N   
414 C CA  . GLY A 51 ? 0.4554 0.2445 0.3890 0.0153  -0.0677 0.0231  51 GLY A CA  
415 C C   . GLY A 51 ? 0.3923 0.1914 0.3345 0.0216  -0.0669 0.0265  51 GLY A C   
416 O O   . GLY A 51 ? 0.4491 0.2383 0.3895 0.0174  -0.0752 0.0343  51 GLY A O   
417 N N   . GLY A 52 ? 0.4457 0.2643 0.3972 0.0314  -0.0574 0.0209  52 GLY A N   
418 C CA  . GLY A 52 ? 0.4146 0.2485 0.3761 0.0360  -0.0552 0.0241  52 GLY A CA  
419 C C   . GLY A 52 ? 0.4056 0.2678 0.3761 0.0347  -0.0433 0.0222  52 GLY A C   
420 O O   . GLY A 52 ? 0.3752 0.2433 0.3438 0.0317  -0.0374 0.0181  52 GLY A O   
421 N N   . PHE A 53 ? 0.3237 0.2023 0.3033 0.0365  -0.0406 0.0253  53 PHE A N   
422 C CA  . PHE A 53 ? 0.2851 0.1887 0.2725 0.0343  -0.0310 0.0243  53 PHE A CA  
423 C C   . PHE A 53 ? 0.2616 0.1751 0.2500 0.0230  -0.0315 0.0320  53 PHE A C   
424 O O   . PHE A 53 ? 0.3033 0.2077 0.2886 0.0193  -0.0390 0.0386  53 PHE A O   
425 C CB  . PHE A 53 ? 0.3178 0.2350 0.3155 0.0458  -0.0267 0.0208  53 PHE A CB  
426 C CG  . PHE A 53 ? 0.3924 0.3054 0.3896 0.0577  -0.0238 0.0122  53 PHE A CG  
427 C CD1 . PHE A 53 ? 0.4034 0.3264 0.4004 0.0577  -0.0156 0.0068  53 PHE A CD1 
428 C CD2 . PHE A 53 ? 0.4590 0.3584 0.4557 0.0692  -0.0296 0.0094  53 PHE A CD2 
429 C CE1 . PHE A 53 ? 0.3855 0.3060 0.3807 0.0684  -0.0124 -0.0011 53 PHE A CE1 
430 C CE2 . PHE A 53 ? 0.4943 0.3909 0.4897 0.0811  -0.0265 0.0007  53 PHE A CE2 
431 C CZ  . PHE A 53 ? 0.3715 0.2794 0.3658 0.0803  -0.0175 -0.0046 53 PHE A CZ  
432 N N   . VAL A 54 ? 0.2548 0.1859 0.2463 0.0178  -0.0241 0.0312  54 VAL A N   
433 C CA  . VAL A 54 ? 0.2557 0.1990 0.2484 0.0090  -0.0234 0.0369  54 VAL A CA  
434 C C   . VAL A 54 ? 0.2570 0.2175 0.2588 0.0134  -0.0190 0.0357  54 VAL A C   
435 O O   . VAL A 54 ? 0.2463 0.2153 0.2528 0.0183  -0.0131 0.0303  54 VAL A O   
436 C CB  . VAL A 54 ? 0.2709 0.2205 0.2599 -0.0004 -0.0195 0.0368  54 VAL A CB  
437 C CG1 . VAL A 54 ? 0.2846 0.2493 0.2748 -0.0075 -0.0176 0.0408  54 VAL A CG1 
438 C CG2 . VAL A 54 ? 0.3418 0.2763 0.3225 -0.0067 -0.0249 0.0396  54 VAL A CG2 
439 N N   . LYS A 55 ? 0.2193 0.1849 0.2229 0.0111  -0.0225 0.0410  55 LYS A N   
440 C CA  . LYS A 55 ? 0.2266 0.2084 0.2383 0.0135  -0.0195 0.0407  55 LYS A CA  
441 C C   . LYS A 55 ? 0.2215 0.2152 0.2311 0.0049  -0.0158 0.0415  55 LYS A C   
442 O O   . LYS A 55 ? 0.2308 0.2235 0.2341 -0.0026 -0.0185 0.0459  55 LYS A O   
443 C CB  . LYS A 55 ? 0.2071 0.1881 0.2225 0.0167  -0.0263 0.0457  55 LYS A CB  
444 C CG  . LYS A 55 ? 0.2528 0.2507 0.2780 0.0200  -0.0241 0.0453  55 LYS A CG  
445 C CD  . LYS A 55 ? 0.2617 0.2593 0.2903 0.0224  -0.0317 0.0510  55 LYS A CD  
446 C CE  . LYS A 55 ? 0.2930 0.2747 0.3213 0.0305  -0.0380 0.0518  55 LYS A CE  
447 N NZ  . LYS A 55 ? 0.4047 0.3857 0.4366 0.0330  -0.0465 0.0579  55 LYS A NZ  
448 N N   . VAL A 56 ? 0.2055 0.2103 0.2196 0.0061  -0.0098 0.0371  56 VAL A N   
449 C CA  . VAL A 56 ? 0.2077 0.2224 0.2197 -0.0003 -0.0066 0.0364  56 VAL A CA  
450 C C   . VAL A 56 ? 0.2167 0.2433 0.2354 0.0010  -0.0059 0.0360  56 VAL A C   
451 O O   . VAL A 56 ? 0.2018 0.2312 0.2278 0.0067  -0.0068 0.0364  56 VAL A O   
452 C CB  . VAL A 56 ? 0.2165 0.2316 0.2265 -0.0016 -0.0013 0.0314  56 VAL A CB  
453 C CG1 . VAL A 56 ? 0.2308 0.2351 0.2346 -0.0041 -0.0027 0.0321  56 VAL A CG1 
454 C CG2 . VAL A 56 ? 0.2564 0.2739 0.2722 0.0046  0.0025  0.0272  56 VAL A CG2 
455 N N   . ARG A 57 ? 0.1892 0.2226 0.2048 -0.0043 -0.0046 0.0352  57 ARG A N   
456 C CA  . ARG A 57 ? 0.1620 0.2050 0.1826 -0.0046 -0.0046 0.0347  57 ARG A CA  
457 C C   . ARG A 57 ? 0.1761 0.2220 0.1984 -0.0042 0.0002  0.0299  57 ARG A C   
458 O O   . ARG A 57 ? 0.1852 0.2288 0.2021 -0.0067 0.0027  0.0269  57 ARG A O   
459 C CB  . ARG A 57 ? 0.1831 0.2298 0.1975 -0.0103 -0.0076 0.0365  57 ARG A CB  
460 C CG  . ARG A 57 ? 0.2072 0.2527 0.2204 -0.0111 -0.0136 0.0424  57 ARG A CG  
461 C CD  . ARG A 57 ? 0.2133 0.2624 0.2179 -0.0174 -0.0161 0.0439  57 ARG A CD  
462 N NE  . ARG A 57 ? 0.2740 0.3214 0.2696 -0.0214 -0.0133 0.0426  57 ARG A NE  
463 C CZ  . ARG A 57 ? 0.3147 0.3668 0.3013 -0.0262 -0.0130 0.0418  57 ARG A CZ  
464 N NH1 . ARG A 57 ? 0.3250 0.3814 0.3092 -0.0279 -0.0163 0.0420  57 ARG A NH1 
465 N NH2 . ARG A 57 ? 0.3220 0.3751 0.3022 -0.0292 -0.0097 0.0407  57 ARG A NH2 
466 N N   . GLN A 58 ? 0.1746 0.2266 0.2049 -0.0013 0.0012  0.0297  58 GLN A N   
467 C CA  . GLN A 58 ? 0.1734 0.2280 0.2051 -0.0018 0.0051  0.0264  58 GLN A CA  
468 C C   . GLN A 58 ? 0.1903 0.2508 0.2227 -0.0066 0.0029  0.0266  58 GLN A C   
469 O O   . GLN A 58 ? 0.1919 0.2597 0.2304 -0.0070 0.0001  0.0296  58 GLN A O   
470 C CB  . GLN A 58 ? 0.2126 0.2715 0.2518 0.0034  0.0081  0.0261  58 GLN A CB  
471 C CG  . GLN A 58 ? 0.2103 0.2731 0.2506 0.0016  0.0115  0.0242  58 GLN A CG  
472 C CD  . GLN A 58 ? 0.3218 0.3918 0.3689 0.0063  0.0152  0.0242  58 GLN A CD  
473 O OE1 . GLN A 58 ? 0.3491 0.4173 0.3977 0.0126  0.0163  0.0235  58 GLN A OE1 
474 N NE2 . GLN A 58 ? 0.3069 0.3852 0.3577 0.0031  0.0169  0.0251  58 GLN A NE2 
475 N N   . TYR A 59 ? 0.1778 0.2345 0.2038 -0.0098 0.0037  0.0233  59 TYR A N   
476 C CA  . TYR A 59 ? 0.1574 0.2158 0.1820 -0.0141 0.0010  0.0224  59 TYR A CA  
477 C C   . TYR A 59 ? 0.1766 0.2340 0.2028 -0.0149 0.0031  0.0209  59 TYR A C   
478 O O   . TYR A 59 ? 0.1767 0.2285 0.1988 -0.0137 0.0058  0.0177  59 TYR A O   
479 C CB  . TYR A 59 ? 0.1773 0.2311 0.1924 -0.0164 -0.0007 0.0193  59 TYR A CB  
480 C CG  . TYR A 59 ? 0.2275 0.2829 0.2388 -0.0172 -0.0031 0.0214  59 TYR A CG  
481 C CD1 . TYR A 59 ? 0.1916 0.2450 0.2007 -0.0155 -0.0013 0.0227  59 TYR A CD1 
482 C CD2 . TYR A 59 ? 0.1759 0.2336 0.1844 -0.0204 -0.0079 0.0224  59 TYR A CD2 
483 C CE1 . TYR A 59 ? 0.1954 0.2497 0.1999 -0.0175 -0.0041 0.0257  59 TYR A CE1 
484 C CE2 . TYR A 59 ? 0.2055 0.2646 0.2090 -0.0217 -0.0104 0.0249  59 TYR A CE2 
485 C CZ  . TYR A 59 ? 0.2078 0.2655 0.2094 -0.0204 -0.0083 0.0268  59 TYR A CZ  
486 O OH  . TYR A 59 ? 0.2456 0.3043 0.2413 -0.0228 -0.0113 0.0303  59 TYR A OH  
487 N N   . ASP A 60 ? 0.2160 0.2797 0.2482 -0.0176 0.0013  0.0235  60 ASP A N   
488 C CA  . ASP A 60 ? 0.2092 0.2724 0.2424 -0.0198 0.0028  0.0234  60 ASP A CA  
489 C C   . ASP A 60 ? 0.2052 0.2602 0.2314 -0.0246 -0.0016 0.0211  60 ASP A C   
490 O O   . ASP A 60 ? 0.2635 0.3168 0.2864 -0.0270 -0.0063 0.0204  60 ASP A O   
491 C CB  . ASP A 60 ? 0.2470 0.3228 0.2906 -0.0212 0.0033  0.0282  60 ASP A CB  
492 C CG  . ASP A 60 ? 0.3623 0.4451 0.4121 -0.0146 0.0081  0.0291  60 ASP A CG  
493 O OD1 . ASP A 60 ? 0.3544 0.4303 0.3997 -0.0104 0.0116  0.0261  60 ASP A OD1 
494 O OD2 . ASP A 60 ? 0.5163 0.6116 0.5757 -0.0135 0.0079  0.0327  60 ASP A OD2 
495 N N   . GLN A 61 ? 0.2413 0.2905 0.2647 -0.0254 -0.0005 0.0197  61 GLN A N   
496 C CA  . GLN A 61 ? 0.2590 0.2983 0.2760 -0.0293 -0.0054 0.0175  61 GLN A CA  
497 C C   . GLN A 61 ? 0.2368 0.2686 0.2457 -0.0276 -0.0084 0.0122  61 GLN A C   
498 O O   . GLN A 61 ? 0.3242 0.3518 0.3291 -0.0309 -0.0141 0.0111  61 GLN A O   
499 C CB  . GLN A 61 ? 0.3174 0.3602 0.3381 -0.0365 -0.0103 0.0221  61 GLN A CB  
500 C CG  . GLN A 61 ? 0.3644 0.4179 0.3934 -0.0388 -0.0067 0.0277  61 GLN A CG  
501 C CD  . GLN A 61 ? 0.4983 0.5554 0.5308 -0.0476 -0.0119 0.0329  61 GLN A CD  
502 O OE1 . GLN A 61 ? 0.5768 0.6453 0.6167 -0.0505 -0.0137 0.0368  61 GLN A OE1 
503 N NE2 . GLN A 61 ? 0.4363 0.4833 0.4631 -0.0524 -0.0151 0.0335  61 GLN A NE2 
504 N N   . VAL A 62 ? 0.1932 0.2240 0.1992 -0.0225 -0.0045 0.0087  62 VAL A N   
505 C CA  . VAL A 62 ? 0.2187 0.2457 0.2172 -0.0201 -0.0059 0.0036  62 VAL A CA  
506 C C   . VAL A 62 ? 0.2661 0.2830 0.2585 -0.0183 -0.0077 -0.0017 62 VAL A C   
507 O O   . VAL A 62 ? 0.2373 0.2519 0.2310 -0.0162 -0.0052 -0.0020 62 VAL A O   
508 C CB  . VAL A 62 ? 0.2064 0.2387 0.2052 -0.0165 -0.0010 0.0032  62 VAL A CB  
509 C CG1 . VAL A 62 ? 0.2329 0.2642 0.2242 -0.0143 -0.0013 -0.0021 62 VAL A CG1 
510 C CG2 . VAL A 62 ? 0.2303 0.2701 0.2341 -0.0174 -0.0003 0.0082  62 VAL A CG2 
511 N N   . PRO A 63 ? 0.2441 0.2543 0.2295 -0.0184 -0.0127 -0.0062 63 PRO A N   
512 C CA  . PRO A 63 ? 0.2629 0.2631 0.2422 -0.0146 -0.0150 -0.0123 63 PRO A CA  
513 C C   . PRO A 63 ? 0.3024 0.3085 0.2808 -0.0086 -0.0099 -0.0165 63 PRO A C   
514 O O   . PRO A 63 ? 0.3440 0.3580 0.3206 -0.0075 -0.0075 -0.0175 63 PRO A O   
515 C CB  . PRO A 63 ? 0.2932 0.2852 0.2643 -0.0155 -0.0218 -0.0168 63 PRO A CB  
516 C CG  . PRO A 63 ? 0.3250 0.3220 0.2990 -0.0218 -0.0239 -0.0114 63 PRO A CG  
517 C CD  . PRO A 63 ? 0.2823 0.2929 0.2644 -0.0216 -0.0174 -0.0062 63 PRO A CD  
518 N N   . ILE A 64 ? 0.2408 0.2435 0.2201 -0.0052 -0.0087 -0.0182 64 ILE A N   
519 C CA  . ILE A 64 ? 0.2297 0.2398 0.2098 -0.0001 -0.0042 -0.0214 64 ILE A CA  
520 C C   . ILE A 64 ? 0.2972 0.3000 0.2759 0.0047  -0.0064 -0.0260 64 ILE A C   
521 O O   . ILE A 64 ? 0.3127 0.3061 0.2919 0.0032  -0.0095 -0.0238 64 ILE A O   
522 C CB  . ILE A 64 ? 0.2584 0.2768 0.2450 -0.0021 0.0013  -0.0158 64 ILE A CB  
523 C CG1 . ILE A 64 ? 0.2458 0.2723 0.2333 0.0014  0.0053  -0.0182 64 ILE A CG1 
524 C CG2 . ILE A 64 ? 0.2842 0.2973 0.2743 -0.0042 0.0011  -0.0117 64 ILE A CG2 
525 C CD1 . ILE A 64 ? 0.3252 0.3575 0.3174 -0.0009 0.0094  -0.0130 64 ILE A CD1 
526 N N   . GLU A 65 ? 0.2481 0.2561 0.2248 0.0108  -0.0052 -0.0322 65 GLU A N   
527 C CA  . GLU A 65 ? 0.2697 0.2726 0.2460 0.0170  -0.0076 -0.0372 65 GLU A CA  
528 C C   . GLU A 65 ? 0.3167 0.3313 0.2992 0.0188  -0.0024 -0.0358 65 GLU A C   
529 O O   . GLU A 65 ? 0.2989 0.3275 0.2832 0.0194  0.0023  -0.0364 65 GLU A O   
530 C CB  . GLU A 65 ? 0.2967 0.2978 0.2667 0.0240  -0.0104 -0.0462 65 GLU A CB  
531 C CG  . GLU A 65 ? 0.3091 0.3026 0.2787 0.0319  -0.0146 -0.0519 65 GLU A CG  
532 C CD  . GLU A 65 ? 0.4525 0.4413 0.4146 0.0400  -0.0185 -0.0620 65 GLU A CD  
533 O OE1 . GLU A 65 ? 0.4286 0.4129 0.3836 0.0379  -0.0206 -0.0640 65 GLU A OE1 
534 O OE2 . GLU A 65 ? 0.5086 0.4984 0.4719 0.0491  -0.0198 -0.0682 65 GLU A OE2 
535 N N   . ILE A 66 ? 0.2718 0.2804 0.2572 0.0186  -0.0039 -0.0333 66 ILE A N   
536 C CA  . ILE A 66 ? 0.2747 0.2924 0.2657 0.0191  -0.0002 -0.0313 66 ILE A CA  
537 C C   . ILE A 66 ? 0.3267 0.3415 0.3187 0.0257  -0.0036 -0.0358 66 ILE A C   
538 O O   . ILE A 66 ? 0.3275 0.3288 0.3173 0.0259  -0.0087 -0.0349 66 ILE A O   
539 C CB  . ILE A 66 ? 0.2872 0.3016 0.2802 0.0132  0.0013  -0.0244 66 ILE A CB  
540 C CG1 . ILE A 66 ? 0.2700 0.2872 0.2627 0.0080  0.0042  -0.0203 66 ILE A CG1 
541 C CG2 . ILE A 66 ? 0.2942 0.3158 0.2915 0.0135  0.0039  -0.0229 66 ILE A CG2 
542 C CD1 . ILE A 66 ? 0.2809 0.2943 0.2750 0.0034  0.0054  -0.0144 66 ILE A CD1 
543 N N   . CYS A 67 ? 0.3237 0.3517 0.3190 0.0311  -0.0013 -0.0404 67 CYS A N   
544 C CA  . CYS A 67 ? 0.3843 0.4126 0.3822 0.0389  -0.0046 -0.0450 67 CYS A CA  
545 C C   . CYS A 67 ? 0.4064 0.4167 0.3986 0.0439  -0.0122 -0.0496 67 CYS A C   
546 O O   . CYS A 67 ? 0.4804 0.4806 0.4730 0.0466  -0.0175 -0.0494 67 CYS A O   
547 C CB  . CYS A 67 ? 0.3919 0.4203 0.3945 0.0361  -0.0049 -0.0400 67 CYS A CB  
548 S SG  . CYS A 67 ? 0.4630 0.5027 0.4730 0.0443  -0.0065 -0.0442 67 CYS A SG  
549 N N   . GLY A 68 ? 0.3221 0.3274 0.3081 0.0446  -0.0135 -0.0533 68 GLY A N   
550 C CA  . GLY A 68 ? 0.4242 0.4108 0.4034 0.0491  -0.0216 -0.0582 68 GLY A CA  
551 C C   . GLY A 68 ? 0.4065 0.3743 0.3807 0.0410  -0.0267 -0.0521 68 GLY A C   
552 O O   . GLY A 68 ? 0.4598 0.4103 0.4273 0.0424  -0.0344 -0.0551 68 GLY A O   
553 N N   . HIS A 69 ? 0.3489 0.3206 0.3263 0.0323  -0.0228 -0.0438 69 HIS A N   
554 C CA  . HIS A 69 ? 0.3516 0.3101 0.3258 0.0242  -0.0265 -0.0372 69 HIS A CA  
555 C C   . HIS A 69 ? 0.3240 0.2865 0.2971 0.0177  -0.0237 -0.0344 69 HIS A C   
556 O O   . HIS A 69 ? 0.3033 0.2790 0.2806 0.0148  -0.0169 -0.0311 69 HIS A O   
557 C CB  . HIS A 69 ? 0.3203 0.2806 0.2982 0.0196  -0.0241 -0.0301 69 HIS A CB  
558 C CG  . HIS A 69 ? 0.3391 0.2927 0.3172 0.0245  -0.0286 -0.0314 69 HIS A CG  
559 N ND1 . HIS A 69 ? 0.4168 0.3560 0.3911 0.0207  -0.0345 -0.0267 69 HIS A ND1 
560 C CD2 . HIS A 69 ? 0.3613 0.3222 0.3433 0.0324  -0.0284 -0.0362 69 HIS A CD2 
561 C CE1 . HIS A 69 ? 0.4351 0.3709 0.4102 0.0266  -0.0383 -0.0287 69 HIS A CE1 
562 N NE2 . HIS A 69 ? 0.4546 0.4040 0.4351 0.0340  -0.0347 -0.0346 69 HIS A NE2 
563 N N   . LYS A 70 ? 0.3067 0.2564 0.2737 0.0153  -0.0299 -0.0354 70 LYS A N   
564 C CA  . LYS A 70 ? 0.2859 0.2388 0.2519 0.0090  -0.0288 -0.0326 70 LYS A CA  
565 C C   . LYS A 70 ? 0.3252 0.2782 0.2946 -0.0001 -0.0280 -0.0233 70 LYS A C   
566 O O   . LYS A 70 ? 0.3280 0.2686 0.2948 -0.0045 -0.0338 -0.0198 70 LYS A O   
567 C CB  . LYS A 70 ? 0.3234 0.2626 0.2810 0.0098  -0.0367 -0.0378 70 LYS A CB  
568 C CG  . LYS A 70 ? 0.3196 0.2602 0.2729 0.0200  -0.0370 -0.0483 70 LYS A CG  
569 C CD  . LYS A 70 ? 0.4256 0.3519 0.3688 0.0206  -0.0449 -0.0539 70 LYS A CD  
570 C CE  . LYS A 70 ? 0.5578 0.4876 0.4954 0.0316  -0.0442 -0.0652 70 LYS A CE  
571 N NZ  . LYS A 70 ? 0.6457 0.5677 0.5829 0.0417  -0.0478 -0.0717 70 LYS A NZ  
572 N N   . VAL A 71 ? 0.2531 0.2203 0.2283 -0.0030 -0.0208 -0.0191 71 VAL A N   
573 C CA  . VAL A 71 ? 0.2369 0.2076 0.2161 -0.0099 -0.0185 -0.0111 71 VAL A CA  
574 C C   . VAL A 71 ? 0.2292 0.2108 0.2125 -0.0136 -0.0152 -0.0079 71 VAL A C   
575 O O   . VAL A 71 ? 0.2552 0.2398 0.2366 -0.0118 -0.0154 -0.0114 71 VAL A O   
576 C CB  . VAL A 71 ? 0.2314 0.2077 0.2142 -0.0083 -0.0134 -0.0089 71 VAL A CB  
577 C CG1 . VAL A 71 ? 0.2543 0.2190 0.2336 -0.0060 -0.0181 -0.0102 71 VAL A CG1 
578 C CG2 . VAL A 71 ? 0.2593 0.2469 0.2453 -0.0036 -0.0076 -0.0119 71 VAL A CG2 
579 N N   . ILE A 72 ? 0.2370 0.2247 0.2251 -0.0186 -0.0124 -0.0014 72 ILE A N   
580 C CA  . ILE A 72 ? 0.2307 0.2292 0.2239 -0.0215 -0.0099 0.0023  72 ILE A CA  
581 C C   . ILE A 72 ? 0.2112 0.2195 0.2102 -0.0208 -0.0031 0.0061  72 ILE A C   
582 O O   . ILE A 72 ? 0.2223 0.2295 0.2216 -0.0221 -0.0018 0.0086  72 ILE A O   
583 C CB  . ILE A 72 ? 0.2170 0.2135 0.2110 -0.0290 -0.0150 0.0068  72 ILE A CB  
584 C CG1 . ILE A 72 ? 0.2985 0.2830 0.2854 -0.0299 -0.0229 0.0027  72 ILE A CG1 
585 C CG2 . ILE A 72 ? 0.2790 0.2892 0.2804 -0.0317 -0.0122 0.0115  72 ILE A CG2 
586 C CD1 . ILE A 72 ? 0.3054 0.2868 0.2927 -0.0386 -0.0292 0.0078  72 ILE A CD1 
587 N N   . GLY A 73 ? 0.2076 0.2250 0.2103 -0.0188 0.0006  0.0064  73 GLY A N   
588 C CA  . GLY A 73 ? 0.2081 0.2332 0.2158 -0.0174 0.0059  0.0094  73 GLY A CA  
589 C C   . GLY A 73 ? 0.1880 0.2202 0.1992 -0.0155 0.0078  0.0101  73 GLY A C   
590 O O   . GLY A 73 ? 0.1898 0.2218 0.1988 -0.0156 0.0054  0.0085  73 GLY A O   
591 N N   . THR A 74 ? 0.1796 0.2177 0.1955 -0.0137 0.0116  0.0126  74 THR A N   
592 C CA  . THR A 74 ? 0.1878 0.2306 0.2066 -0.0113 0.0127  0.0137  74 THR A CA  
593 C C   . THR A 74 ? 0.1692 0.2079 0.1836 -0.0091 0.0132  0.0111  74 THR A C   
594 O O   . THR A 74 ? 0.1784 0.2128 0.1898 -0.0077 0.0151  0.0089  74 THR A O   
595 C CB  . THR A 74 ? 0.1788 0.2272 0.2030 -0.0083 0.0162  0.0160  74 THR A CB  
596 O OG1 . THR A 74 ? 0.2054 0.2618 0.2353 -0.0108 0.0161  0.0192  74 THR A OG1 
597 C CG2 . THR A 74 ? 0.1783 0.2289 0.2052 -0.0051 0.0160  0.0171  74 THR A CG2 
598 N N   . VAL A 75 ? 0.1816 0.2222 0.1950 -0.0096 0.0114  0.0115  75 VAL A N   
599 C CA  . VAL A 75 ? 0.1792 0.2184 0.1887 -0.0089 0.0121  0.0104  75 VAL A CA  
600 C C   . VAL A 75 ? 0.1866 0.2277 0.1982 -0.0083 0.0114  0.0141  75 VAL A C   
601 O O   . VAL A 75 ? 0.1859 0.2306 0.1998 -0.0092 0.0090  0.0166  75 VAL A O   
602 C CB  . VAL A 75 ? 0.1889 0.2287 0.1930 -0.0104 0.0104  0.0074  75 VAL A CB  
603 C CG1 . VAL A 75 ? 0.2054 0.2474 0.2063 -0.0107 0.0116  0.0073  75 VAL A CG1 
604 C CG2 . VAL A 75 ? 0.2053 0.2410 0.2072 -0.0096 0.0101  0.0033  75 VAL A CG2 
605 N N   . LEU A 76 ? 0.1725 0.2100 0.1831 -0.0069 0.0127  0.0146  76 LEU A N   
606 C CA  . LEU A 76 ? 0.1816 0.2179 0.1926 -0.0065 0.0108  0.0183  76 LEU A CA  
607 C C   . LEU A 76 ? 0.1814 0.2188 0.1869 -0.0103 0.0095  0.0192  76 LEU A C   
608 O O   . LEU A 76 ? 0.2041 0.2421 0.2062 -0.0117 0.0112  0.0169  76 LEU A O   
609 C CB  . LEU A 76 ? 0.1775 0.2072 0.1891 -0.0034 0.0118  0.0183  76 LEU A CB  
610 C CG  . LEU A 76 ? 0.1857 0.2157 0.2011 0.0006  0.0144  0.0164  76 LEU A CG  
611 C CD1 . LEU A 76 ? 0.2005 0.2226 0.2141 0.0042  0.0149  0.0155  76 LEU A CD1 
612 C CD2 . LEU A 76 ? 0.1900 0.2274 0.2122 0.0026  0.0138  0.0184  76 LEU A CD2 
613 N N   . VAL A 77 ? 0.1677 0.2064 0.1722 -0.0118 0.0064  0.0231  77 VAL A N   
614 C CA  . VAL A 77 ? 0.1709 0.2118 0.1692 -0.0162 0.0053  0.0251  77 VAL A CA  
615 C C   . VAL A 77 ? 0.1953 0.2302 0.1923 -0.0174 0.0023  0.0303  77 VAL A C   
616 O O   . VAL A 77 ? 0.2241 0.2559 0.2238 -0.0154 -0.0012 0.0338  77 VAL A O   
617 C CB  . VAL A 77 ? 0.2140 0.2612 0.2091 -0.0185 0.0033  0.0254  77 VAL A CB  
618 C CG1 . VAL A 77 ? 0.2236 0.2750 0.2111 -0.0232 0.0028  0.0276  77 VAL A CG1 
619 C CG2 . VAL A 77 ? 0.2045 0.2542 0.1998 -0.0172 0.0049  0.0198  77 VAL A CG2 
620 N N   . GLY A 78 ? 0.2113 0.2444 0.2045 -0.0207 0.0030  0.0313  78 GLY A N   
621 C CA  . GLY A 78 ? 0.2583 0.2835 0.2490 -0.0233 -0.0008 0.0366  78 GLY A CA  
622 C C   . GLY A 78 ? 0.2622 0.2887 0.2491 -0.0286 0.0005  0.0373  78 GLY A C   
623 O O   . GLY A 78 ? 0.2372 0.2719 0.2247 -0.0290 0.0046  0.0331  78 GLY A O   
624 N N   . PRO A 79 ? 0.2813 0.2997 0.2648 -0.0329 -0.0038 0.0428  79 PRO A N   
625 C CA  . PRO A 79 ? 0.2793 0.3007 0.2596 -0.0399 -0.0033 0.0450  79 PRO A CA  
626 C C   . PRO A 79 ? 0.2484 0.2684 0.2319 -0.0376 -0.0005 0.0399  79 PRO A C   
627 O O   . PRO A 79 ? 0.2869 0.2956 0.2721 -0.0323 -0.0015 0.0373  79 PRO A O   
628 C CB  . PRO A 79 ? 0.2964 0.3044 0.2723 -0.0444 -0.0102 0.0523  79 PRO A CB  
629 C CG  . PRO A 79 ? 0.3181 0.3198 0.2942 -0.0402 -0.0139 0.0544  79 PRO A CG  
630 C CD  . PRO A 79 ? 0.3210 0.3266 0.3035 -0.0314 -0.0098 0.0476  79 PRO A CD  
631 N N   . THR A 80 ? 0.2804 0.3128 0.2643 -0.0413 0.0030  0.0385  80 THR A N   
632 C CA  . THR A 80 ? 0.2726 0.3047 0.2592 -0.0399 0.0048  0.0344  80 THR A CA  
633 C C   . THR A 80 ? 0.2605 0.3082 0.2477 -0.0463 0.0069  0.0358  80 THR A C   
634 O O   . THR A 80 ? 0.2914 0.3538 0.2785 -0.0469 0.0101  0.0351  80 THR A O   
635 C CB  . THR A 80 ? 0.3037 0.3365 0.2943 -0.0318 0.0083  0.0272  80 THR A CB  
636 O OG1 . THR A 80 ? 0.2963 0.3280 0.2889 -0.0307 0.0094  0.0239  80 THR A OG1 
637 C CG2 . THR A 80 ? 0.2865 0.3322 0.2781 -0.0301 0.0118  0.0243  80 THR A CG2 
638 N N   . PRO A 81 ? 0.3123 0.3577 0.2999 -0.0512 0.0047  0.0380  81 PRO A N   
639 C CA  . PRO A 81 ? 0.3105 0.3731 0.3000 -0.0580 0.0065  0.0403  81 PRO A CA  
640 C C   . PRO A 81 ? 0.3093 0.3875 0.3041 -0.0523 0.0120  0.0333  81 PRO A C   
641 O O   . PRO A 81 ? 0.3933 0.4908 0.3896 -0.0544 0.0155  0.0334  81 PRO A O   
642 C CB  . PRO A 81 ? 0.3754 0.4284 0.3648 -0.0634 0.0018  0.0432  81 PRO A CB  
643 C CG  . PRO A 81 ? 0.4102 0.4428 0.3980 -0.0563 -0.0005 0.0392  81 PRO A CG  
644 C CD  . PRO A 81 ? 0.3797 0.4063 0.3655 -0.0509 0.0001  0.0386  81 PRO A CD  
645 N N   . THR A 82 ? 0.2875 0.3575 0.2847 -0.0448 0.0125  0.0273  82 THR A N   
646 C CA  . THR A 82 ? 0.2600 0.3396 0.2609 -0.0382 0.0164  0.0205  82 THR A CA  
647 C C   . THR A 82 ? 0.2080 0.2762 0.2077 -0.0311 0.0168  0.0166  82 THR A C   
648 O O   . THR A 82 ? 0.2545 0.3080 0.2527 -0.0298 0.0145  0.0174  82 THR A O   
649 C CB  . THR A 82 ? 0.3373 0.4191 0.3430 -0.0372 0.0159  0.0179  82 THR A CB  
650 O OG1 . THR A 82 ? 0.3400 0.4330 0.3478 -0.0451 0.0150  0.0226  82 THR A OG1 
651 C CG2 . THR A 82 ? 0.3958 0.4869 0.4052 -0.0298 0.0189  0.0112  82 THR A CG2 
652 N N   . ASN A 83 ? 0.2144 0.2898 0.2143 -0.0266 0.0193  0.0123  83 ASN A N   
653 C CA  . ASN A 83 ? 0.1836 0.2493 0.1829 -0.0211 0.0191  0.0090  83 ASN A CA  
654 C C   . ASN A 83 ? 0.1968 0.2543 0.1982 -0.0175 0.0185  0.0062  83 ASN A C   
655 O O   . ASN A 83 ? 0.2012 0.2636 0.2051 -0.0173 0.0186  0.0045  83 ASN A O   
656 C CB  . ASN A 83 ? 0.1817 0.2552 0.1798 -0.0175 0.0208  0.0046  83 ASN A CB  
657 C CG  . ASN A 83 ? 0.2388 0.3206 0.2331 -0.0210 0.0214  0.0073  83 ASN A CG  
658 O OD1 . ASN A 83 ? 0.2149 0.2913 0.2067 -0.0247 0.0196  0.0125  83 ASN A OD1 
659 N ND2 . ASN A 83 ? 0.2448 0.3396 0.2378 -0.0195 0.0238  0.0036  83 ASN A ND2 
660 N N   . VAL A 84 ? 0.1886 0.2349 0.1892 -0.0150 0.0177  0.0059  84 VAL A N   
661 C CA  . VAL A 84 ? 0.1875 0.2257 0.1884 -0.0125 0.0173  0.0041  84 VAL A CA  
662 C C   . VAL A 84 ? 0.1954 0.2303 0.1966 -0.0085 0.0177  0.0013  84 VAL A C   
663 O O   . VAL A 84 ? 0.1840 0.2170 0.1849 -0.0080 0.0179  0.0024  84 VAL A O   
664 C CB  . VAL A 84 ? 0.1834 0.2113 0.1824 -0.0135 0.0159  0.0068  84 VAL A CB  
665 C CG1 . VAL A 84 ? 0.2186 0.2388 0.2165 -0.0105 0.0161  0.0043  84 VAL A CG1 
666 C CG2 . VAL A 84 ? 0.2662 0.2941 0.2641 -0.0185 0.0140  0.0099  84 VAL A CG2 
667 N N   . ILE A 85 ? 0.1667 0.2011 0.1684 -0.0063 0.0173  -0.0017 85 ILE A N   
668 C CA  . ILE A 85 ? 0.1779 0.2065 0.1788 -0.0039 0.0169  -0.0032 85 ILE A CA  
669 C C   . ILE A 85 ? 0.1942 0.2153 0.1933 -0.0040 0.0171  -0.0020 85 ILE A C   
670 O O   . ILE A 85 ? 0.1981 0.2176 0.1962 -0.0041 0.0161  -0.0027 85 ILE A O   
671 C CB  . ILE A 85 ? 0.1849 0.2145 0.1860 -0.0013 0.0151  -0.0068 85 ILE A CB  
672 C CG1 . ILE A 85 ? 0.2169 0.2547 0.2187 0.0000  0.0152  -0.0094 85 ILE A CG1 
673 C CG2 . ILE A 85 ? 0.1967 0.2188 0.1960 -0.0004 0.0135  -0.0070 85 ILE A CG2 
674 C CD1 . ILE A 85 ? 0.2508 0.2883 0.2509 -0.0009 0.0154  -0.0087 85 ILE A CD1 
675 N N   . GLY A 86 ? 0.1920 0.2100 0.1907 -0.0037 0.0182  -0.0003 86 GLY A N   
676 C CA  . GLY A 86 ? 0.1926 0.2052 0.1888 -0.0028 0.0192  0.0002  86 GLY A CA  
677 C C   . GLY A 86 ? 0.1886 0.1991 0.1832 -0.0026 0.0192  0.0000  86 GLY A C   
678 O O   . GLY A 86 ? 0.1848 0.1961 0.1800 -0.0030 0.0175  -0.0006 86 GLY A O   
679 N N   . ARG A 87 ? 0.1754 0.1828 0.1667 -0.0019 0.0208  0.0003  87 ARG A N   
680 C CA  . ARG A 87 ? 0.1788 0.1846 0.1672 -0.0028 0.0208  0.0012  87 ARG A CA  
681 C C   . ARG A 87 ? 0.1967 0.2064 0.1884 -0.0045 0.0208  0.0034  87 ARG A C   
682 O O   . ARG A 87 ? 0.1995 0.2067 0.1893 -0.0066 0.0187  0.0044  87 ARG A O   
683 C CB  . ARG A 87 ? 0.2039 0.2080 0.1875 -0.0017 0.0234  0.0013  87 ARG A CB  
684 C CG  . ARG A 87 ? 0.1972 0.1950 0.1755 -0.0011 0.0220  -0.0009 87 ARG A CG  
685 C CD  . ARG A 87 ? 0.2088 0.2037 0.1799 0.0001  0.0243  -0.0017 87 ARG A CD  
686 N NE  . ARG A 87 ? 0.2221 0.2191 0.1942 0.0036  0.0277  -0.0025 87 ARG A NE  
687 C CZ  . ARG A 87 ? 0.2054 0.2098 0.1795 0.0050  0.0316  -0.0013 87 ARG A CZ  
688 N NH1 . ARG A 87 ? 0.2276 0.2371 0.2019 0.0017  0.0324  0.0016  87 ARG A NH1 
689 N NH2 . ARG A 87 ? 0.2567 0.2634 0.2325 0.0095  0.0342  -0.0027 87 ARG A NH2 
690 N N   . ASN A 88 ? 0.1881 0.2031 0.1842 -0.0039 0.0223  0.0044  88 ASN A N   
691 C CA  . ASN A 88 ? 0.1997 0.2192 0.1992 -0.0063 0.0218  0.0069  88 ASN A CA  
692 C C   . ASN A 88 ? 0.2192 0.2350 0.2182 -0.0084 0.0174  0.0062  88 ASN A C   
693 O O   . ASN A 88 ? 0.2169 0.2323 0.2160 -0.0116 0.0154  0.0083  88 ASN A O   
694 C CB  . ASN A 88 ? 0.1847 0.2105 0.1897 -0.0050 0.0231  0.0081  88 ASN A CB  
695 C CG  . ASN A 88 ? 0.2032 0.2283 0.2093 -0.0047 0.0208  0.0068  88 ASN A CG  
696 O OD1 . ASN A 88 ? 0.1927 0.2148 0.1967 -0.0035 0.0207  0.0049  88 ASN A OD1 
697 N ND2 . ASN A 88 ? 0.1888 0.2175 0.1978 -0.0066 0.0189  0.0080  88 ASN A ND2 
698 N N   . LEU A 89 ? 0.1983 0.2114 0.1961 -0.0065 0.0158  0.0030  89 LEU A N   
699 C CA  . LEU A 89 ? 0.1954 0.2049 0.1921 -0.0067 0.0118  0.0009  89 LEU A CA  
700 C C   . LEU A 89 ? 0.1802 0.1835 0.1736 -0.0054 0.0092  -0.0010 89 LEU A C   
701 O O   . LEU A 89 ? 0.2038 0.2011 0.1951 -0.0053 0.0049  -0.0022 89 LEU A O   
702 C CB  . LEU A 89 ? 0.2213 0.2349 0.2194 -0.0050 0.0117  -0.0016 89 LEU A CB  
703 C CG  . LEU A 89 ? 0.2354 0.2522 0.2354 -0.0071 0.0111  -0.0001 89 LEU A CG  
704 C CD1 . LEU A 89 ? 0.3083 0.3304 0.3089 -0.0061 0.0118  -0.0013 89 LEU A CD1 
705 C CD2 . LEU A 89 ? 0.2259 0.2370 0.2235 -0.0088 0.0064  -0.0008 89 LEU A CD2 
706 N N   . MET A 90 ? 0.1859 0.1893 0.1782 -0.0043 0.0110  -0.0012 90 MET A N   
707 C CA  . MET A 90 ? 0.1889 0.1868 0.1781 -0.0032 0.0080  -0.0023 90 MET A CA  
708 C C   . MET A 90 ? 0.2022 0.1933 0.1872 -0.0060 0.0056  0.0007  90 MET A C   
709 O O   . MET A 90 ? 0.2115 0.1956 0.1942 -0.0055 0.0007  0.0001  90 MET A O   
710 C CB  . MET A 90 ? 0.2046 0.2039 0.1932 -0.0024 0.0097  -0.0028 90 MET A CB  
711 C CG  . MET A 90 ? 0.2122 0.2172 0.2044 -0.0003 0.0096  -0.0054 90 MET A CG  
712 S SD  . MET A 90 ? 0.2827 0.2884 0.2740 -0.0007 0.0095  -0.0056 90 MET A SD  
713 C CE  . MET A 90 ? 0.2380 0.2432 0.2279 -0.0025 0.0134  -0.0038 90 MET A CE  
714 N N   . THR A 91 ? 0.1980 0.1918 0.1826 -0.0093 0.0086  0.0042  91 THR A N   
715 C CA  . THR A 91 ? 0.2037 0.1935 0.1846 -0.0136 0.0065  0.0084  91 THR A CA  
716 C C   . THR A 91 ? 0.2288 0.2127 0.2100 -0.0156 0.0009  0.0088  91 THR A C   
717 O O   . THR A 91 ? 0.2555 0.2307 0.2320 -0.0185 -0.0040 0.0113  91 THR A O   
718 C CB  . THR A 91 ? 0.1892 0.1871 0.1709 -0.0165 0.0116  0.0122  91 THR A CB  
719 O OG1 . THR A 91 ? 0.2136 0.2186 0.2017 -0.0162 0.0134  0.0121  91 THR A OG1 
720 C CG2 . THR A 91 ? 0.2197 0.2207 0.1989 -0.0140 0.0163  0.0111  91 THR A CG2 
721 N N   . GLN A 92 ? 0.2101 0.1974 0.1954 -0.0142 0.0011  0.0064  92 GLN A N   
722 C CA  . GLN A 92 ? 0.2102 0.1911 0.1944 -0.0161 -0.0044 0.0061  92 GLN A CA  
723 C C   . GLN A 92 ? 0.2440 0.2139 0.2247 -0.0121 -0.0105 0.0018  92 GLN A C   
724 O O   . GLN A 92 ? 0.2566 0.2155 0.2335 -0.0141 -0.0171 0.0024  92 GLN A O   
725 C CB  . GLN A 92 ? 0.2212 0.2088 0.2096 -0.0152 -0.0028 0.0043  92 GLN A CB  
726 C CG  . GLN A 92 ? 0.2088 0.2072 0.2019 -0.0182 0.0021  0.0084  92 GLN A CG  
727 C CD  . GLN A 92 ? 0.2207 0.2193 0.2133 -0.0248 0.0009  0.0143  92 GLN A CD  
728 O OE1 . GLN A 92 ? 0.2294 0.2243 0.2216 -0.0292 -0.0041 0.0162  92 GLN A OE1 
729 N NE2 . GLN A 92 ? 0.2289 0.2324 0.2211 -0.0256 0.0051  0.0173  92 GLN A NE2 
730 N N   . ILE A 93 ? 0.2376 0.2107 0.2198 -0.0063 -0.0088 -0.0024 93 ILE A N   
731 C CA  . ILE A 93 ? 0.2635 0.2290 0.2439 -0.0011 -0.0142 -0.0070 93 ILE A CA  
732 C C   . ILE A 93 ? 0.2716 0.2297 0.2485 -0.0014 -0.0177 -0.0046 93 ILE A C   
733 O O   . ILE A 93 ? 0.3200 0.2712 0.2957 0.0034  -0.0230 -0.0078 93 ILE A O   
734 C CB  . ILE A 93 ? 0.2554 0.2306 0.2400 0.0051  -0.0111 -0.0124 93 ILE A CB  
735 C CG1 . ILE A 93 ? 0.2532 0.2367 0.2404 0.0048  -0.0063 -0.0108 93 ILE A CG1 
736 C CG2 . ILE A 93 ? 0.3324 0.3145 0.3188 0.0049  -0.0084 -0.0143 93 ILE A CG2 
737 C CD1 . ILE A 93 ? 0.2793 0.2732 0.2710 0.0093  -0.0039 -0.0149 93 ILE A CD1 
738 N N   . GLY A 94 ? 0.2534 0.2129 0.2282 -0.0067 -0.0148 0.0010  94 GLY A N   
739 C CA  . GLY A 94 ? 0.2603 0.2125 0.2300 -0.0082 -0.0183 0.0040  94 GLY A CA  
740 C C   . GLY A 94 ? 0.2716 0.2284 0.2427 -0.0040 -0.0167 0.0017  94 GLY A C   
741 O O   . GLY A 94 ? 0.2979 0.2476 0.2656 -0.0028 -0.0217 0.0023  94 GLY A O   
742 N N   . CYS A 95 ? 0.2523 0.2201 0.2281 -0.0023 -0.0106 -0.0006 95 CYS A N   
743 C CA  . CYS A 95 ? 0.2487 0.2215 0.2265 0.0008  -0.0095 -0.0028 95 CYS A CA  
744 C C   . CYS A 95 ? 0.2786 0.2508 0.2511 -0.0026 -0.0074 0.0006  95 CYS A C   
745 O O   . CYS A 95 ? 0.2808 0.2558 0.2514 -0.0058 -0.0025 0.0027  95 CYS A O   
746 C CB  . CYS A 95 ? 0.2567 0.2403 0.2406 0.0028  -0.0048 -0.0059 95 CYS A CB  
747 S SG  . CYS A 95 ? 0.2825 0.2739 0.2702 0.0053  -0.0045 -0.0081 95 CYS A SG  
748 N N   . THR A 96 ? 0.2509 0.2196 0.2210 -0.0016 -0.0113 0.0005  96 THR A N   
749 C CA  . THR A 96 ? 0.2595 0.2268 0.2230 -0.0046 -0.0101 0.0030  96 THR A CA  
750 C C   . THR A 96 ? 0.2556 0.2268 0.2214 -0.0024 -0.0112 0.0004  96 THR A C   
751 O O   . THR A 96 ? 0.2448 0.2201 0.2174 0.0015  -0.0140 -0.0023 96 THR A O   
752 C CB  . THR A 96 ? 0.2787 0.2361 0.2337 -0.0076 -0.0151 0.0072  96 THR A CB  
753 O OG1 . THR A 96 ? 0.2909 0.2425 0.2478 -0.0040 -0.0228 0.0062  96 THR A OG1 
754 C CG2 . THR A 96 ? 0.2844 0.2389 0.2367 -0.0117 -0.0141 0.0110  96 THR A CG2 
755 N N   . LEU A 97 ? 0.2396 0.2103 0.1994 -0.0048 -0.0092 0.0013  97 LEU A N   
756 C CA  . LEU A 97 ? 0.2199 0.1920 0.1797 -0.0044 -0.0121 -0.0001 97 LEU A CA  
757 C C   . LEU A 97 ? 0.2914 0.2560 0.2441 -0.0054 -0.0182 0.0024  97 LEU A C   
758 O O   . LEU A 97 ? 0.3080 0.2665 0.2513 -0.0084 -0.0176 0.0053  97 LEU A O   
759 C CB  . LEU A 97 ? 0.2290 0.2016 0.1843 -0.0065 -0.0079 -0.0010 97 LEU A CB  
760 C CG  . LEU A 97 ? 0.2382 0.2169 0.2003 -0.0058 -0.0034 -0.0028 97 LEU A CG  
761 C CD1 . LEU A 97 ? 0.2448 0.2201 0.2001 -0.0071 0.0003  -0.0036 97 LEU A CD1 
762 C CD2 . LEU A 97 ? 0.2613 0.2472 0.2319 -0.0051 -0.0061 -0.0043 97 LEU A CD2 
763 N N   . ASN A 98 ? 0.2648 0.2311 0.2218 -0.0031 -0.0240 0.0014  98 ASN A N   
764 C CA  . ASN A 98 ? 0.2786 0.2376 0.2297 -0.0035 -0.0313 0.0040  98 ASN A CA  
765 C C   . ASN A 98 ? 0.2808 0.2430 0.2330 -0.0037 -0.0358 0.0033  98 ASN A C   
766 O O   . ASN A 98 ? 0.2621 0.2342 0.2251 -0.0011 -0.0366 0.0008  98 ASN A O   
767 C CB  . ASN A 98 ? 0.2714 0.2270 0.2275 0.0006  -0.0368 0.0043  98 ASN A CB  
768 C CG  . ASN A 98 ? 0.3325 0.2822 0.2855 -0.0007 -0.0344 0.0060  98 ASN A CG  
769 O OD1 . ASN A 98 ? 0.4668 0.4069 0.4108 -0.0043 -0.0372 0.0104  98 ASN A OD1 
770 N ND2 . ASN A 98 ? 0.3243 0.2803 0.2844 0.0011  -0.0295 0.0031  98 ASN A ND2 
771 N N   . PHE A 99 ? 0.2960 0.2511 0.2369 -0.0071 -0.0390 0.0056  99 PHE A N   
772 C CA  . PHE A 99 ? 0.3036 0.2604 0.2446 -0.0077 -0.0452 0.0056  99 PHE A CA  
773 C C   . PHE A 99 ? 0.4117 0.3583 0.3389 -0.0108 -0.0507 0.0092  99 PHE A C   
774 O O   . PHE A 99 ? 0.4128 0.3516 0.3310 -0.0126 -0.0494 0.0122  99 PHE A O   
775 C CB  . PHE A 99 ? 0.3183 0.2799 0.2597 -0.0106 -0.0418 0.0030  99 PHE A CB  
776 C CG  . PHE A 99 ? 0.3462 0.3005 0.2742 -0.0140 -0.0362 0.0025  99 PHE A CG  
777 C CD1 . PHE A 99 ? 0.3888 0.3444 0.3179 -0.0132 -0.0282 0.0014  99 PHE A CD1 
778 C CD2 . PHE A 99 ? 0.4029 0.3498 0.3175 -0.0175 -0.0390 0.0029  99 PHE A CD2 
779 C CE1 . PHE A 99 ? 0.4386 0.3892 0.3568 -0.0150 -0.0229 0.0003  99 PHE A CE1 
780 C CE2 . PHE A 99 ? 0.4332 0.3744 0.3354 -0.0192 -0.0335 0.0013  99 PHE A CE2 
781 C CZ  . PHE A 99 ? 0.4786 0.4221 0.3830 -0.0175 -0.0253 0.0000  99 PHE A CZ  
782 O OXT . PHE A 99 ? 0.4083 0.3544 0.3329 -0.0122 -0.0568 0.0098  99 PHE A OXT 
# 
